data_6VD8
# 
_entry.id   6VD8 
# 
_audit_conform.dict_name       mmcif_pdbx.dic 
_audit_conform.dict_version    5.387 
_audit_conform.dict_location   http://mmcif.pdb.org/dictionaries/ascii/mmcif_pdbx.dic 
# 
loop_
_database_2.database_id 
_database_2.database_code 
_database_2.pdbx_database_accession 
_database_2.pdbx_DOI 
PDB   6VD8         pdb_00006vd8 10.2210/pdb6vd8/pdb 
WWPDB D_1000246200 ?            ?                   
# 
loop_
_pdbx_audit_revision_history.ordinal 
_pdbx_audit_revision_history.data_content_type 
_pdbx_audit_revision_history.major_revision 
_pdbx_audit_revision_history.minor_revision 
_pdbx_audit_revision_history.revision_date 
1 'Structure model' 1 0 2020-06-24 
2 'Structure model' 1 1 2024-03-06 
# 
_pdbx_audit_revision_details.ordinal             1 
_pdbx_audit_revision_details.revision_ordinal    1 
_pdbx_audit_revision_details.data_content_type   'Structure model' 
_pdbx_audit_revision_details.provider            repository 
_pdbx_audit_revision_details.type                'Initial release' 
_pdbx_audit_revision_details.description         ? 
_pdbx_audit_revision_details.details             ? 
# 
loop_
_pdbx_audit_revision_group.ordinal 
_pdbx_audit_revision_group.revision_ordinal 
_pdbx_audit_revision_group.data_content_type 
_pdbx_audit_revision_group.group 
1 2 'Structure model' 'Data collection'        
2 2 'Structure model' 'Database references'    
3 2 'Structure model' 'Derived calculations'   
4 2 'Structure model' 'Refinement description' 
# 
loop_
_pdbx_audit_revision_category.ordinal 
_pdbx_audit_revision_category.revision_ordinal 
_pdbx_audit_revision_category.data_content_type 
_pdbx_audit_revision_category.category 
1 2 'Structure model' chem_comp_atom         
2 2 'Structure model' chem_comp_bond         
3 2 'Structure model' database_2             
4 2 'Structure model' pdbx_struct_conn_angle 
5 2 'Structure model' struct_conn            
6 2 'Structure model' struct_ncs_dom_lim     
# 
loop_
_pdbx_audit_revision_item.ordinal 
_pdbx_audit_revision_item.revision_ordinal 
_pdbx_audit_revision_item.data_content_type 
_pdbx_audit_revision_item.item 
1  2 'Structure model' '_database_2.pdbx_DOI'                        
2  2 'Structure model' '_database_2.pdbx_database_accession'         
3  2 'Structure model' '_pdbx_struct_conn_angle.ptnr1_auth_comp_id'  
4  2 'Structure model' '_pdbx_struct_conn_angle.ptnr1_auth_seq_id'   
5  2 'Structure model' '_pdbx_struct_conn_angle.ptnr1_label_atom_id' 
6  2 'Structure model' '_pdbx_struct_conn_angle.ptnr1_label_comp_id' 
7  2 'Structure model' '_pdbx_struct_conn_angle.ptnr1_label_seq_id'  
8  2 'Structure model' '_pdbx_struct_conn_angle.ptnr3_auth_comp_id'  
9  2 'Structure model' '_pdbx_struct_conn_angle.ptnr3_auth_seq_id'   
10 2 'Structure model' '_pdbx_struct_conn_angle.ptnr3_label_atom_id' 
11 2 'Structure model' '_pdbx_struct_conn_angle.ptnr3_label_comp_id' 
12 2 'Structure model' '_pdbx_struct_conn_angle.ptnr3_label_seq_id'  
13 2 'Structure model' '_pdbx_struct_conn_angle.value'               
14 2 'Structure model' '_struct_conn.pdbx_dist_value'                
15 2 'Structure model' '_struct_conn.ptnr1_auth_asym_id'             
16 2 'Structure model' '_struct_conn.ptnr1_auth_comp_id'             
17 2 'Structure model' '_struct_conn.ptnr1_auth_seq_id'              
18 2 'Structure model' '_struct_conn.ptnr1_label_asym_id'            
19 2 'Structure model' '_struct_conn.ptnr1_label_atom_id'            
20 2 'Structure model' '_struct_conn.ptnr1_label_comp_id'            
21 2 'Structure model' '_struct_conn.ptnr1_label_seq_id'             
22 2 'Structure model' '_struct_conn.ptnr1_symmetry'                 
23 2 'Structure model' '_struct_conn.ptnr2_auth_asym_id'             
24 2 'Structure model' '_struct_conn.ptnr2_auth_comp_id'             
25 2 'Structure model' '_struct_conn.ptnr2_auth_seq_id'              
26 2 'Structure model' '_struct_conn.ptnr2_label_asym_id'            
27 2 'Structure model' '_struct_conn.ptnr2_label_atom_id'            
28 2 'Structure model' '_struct_conn.ptnr2_label_comp_id'            
29 2 'Structure model' '_struct_conn.ptnr2_label_seq_id'             
30 2 'Structure model' '_struct_conn.ptnr2_symmetry'                 
31 2 'Structure model' '_struct_ncs_dom_lim.beg_auth_comp_id'        
32 2 'Structure model' '_struct_ncs_dom_lim.beg_label_asym_id'       
33 2 'Structure model' '_struct_ncs_dom_lim.beg_label_comp_id'       
34 2 'Structure model' '_struct_ncs_dom_lim.beg_label_seq_id'        
35 2 'Structure model' '_struct_ncs_dom_lim.end_auth_comp_id'        
36 2 'Structure model' '_struct_ncs_dom_lim.end_label_asym_id'       
37 2 'Structure model' '_struct_ncs_dom_lim.end_label_comp_id'       
38 2 'Structure model' '_struct_ncs_dom_lim.end_label_seq_id'        
# 
_pdbx_database_status.status_code                     REL 
_pdbx_database_status.status_code_sf                  REL 
_pdbx_database_status.status_code_mr                  ? 
_pdbx_database_status.entry_id                        6VD8 
_pdbx_database_status.recvd_initial_deposition_date   2019-12-23 
_pdbx_database_status.SG_entry                        N 
_pdbx_database_status.deposit_site                    RCSB 
_pdbx_database_status.process_site                    RCSB 
_pdbx_database_status.status_code_cs                  ? 
_pdbx_database_status.status_code_nmr_data            ? 
_pdbx_database_status.methods_development_category    ? 
_pdbx_database_status.pdb_format_compatible           Y 
# 
_audit_author.name               'Maher, M.J.' 
_audit_author.pdbx_ordinal       1 
_audit_author.identifier_ORCID   ? 
# 
_citation.abstract                  ? 
_citation.abstract_id_CAS           ? 
_citation.book_id_ISBN              ? 
_citation.book_publisher            ? 
_citation.book_publisher_city       ? 
_citation.book_title                ? 
_citation.coordinate_linkage        ? 
_citation.country                   US 
_citation.database_id_Medline       ? 
_citation.details                   ? 
_citation.id                        primary 
_citation.journal_abbrev            J.Inorg.Biochem. 
_citation.journal_id_ASTM           JIBIDJ 
_citation.journal_id_CSD            0525 
_citation.journal_id_ISSN           0162-0134 
_citation.journal_full              ? 
_citation.journal_issue             ? 
_citation.journal_volume            208 
_citation.language                  ? 
_citation.page_first                111087 
_citation.page_last                 111087 
_citation.title                     'Structural and functional characterizations of the C-terminal domains of CzcD proteins.' 
_citation.year                      2020 
_citation.database_id_CSD           ? 
_citation.pdbx_database_id_DOI      10.1016/j.jinorgbio.2020.111087 
_citation.pdbx_database_id_PubMed   32505855 
_citation.unpublished_flag          ? 
# 
loop_
_citation_author.citation_id 
_citation_author.name 
_citation_author.ordinal 
_citation_author.identifier_ORCID 
primary 'Udagedara, S.R.'    1  ? 
primary 'La Porta, D.M.'     2  ? 
primary 'Spehar, C.'         3  ? 
primary 'Purohit, G.'        4  ? 
primary 'Hein, M.J.A.'       5  ? 
primary 'Fatmous, M.E.'      6  ? 
primary 'Casas Garcia, G.P.' 7  ? 
primary 'Ganio, K.'          8  ? 
primary 'McDevitt, C.A.'     9  ? 
primary 'Maher, M.J.'        10 ? 
# 
loop_
_entity.id 
_entity.type 
_entity.src_method 
_entity.pdbx_description 
_entity.formula_weight 
_entity.pdbx_number_of_molecules 
_entity.pdbx_ec 
_entity.pdbx_mutation 
_entity.pdbx_fragment 
_entity.details 
1 polymer     man 'Probable cation efflux system protein' 9190.487 2  ? ? ? ? 
2 non-polymer syn 'ZINC ION'                              65.409   5  ? ? ? ? 
3 water       nat water                                   18.015   29 ? ? ? ? 
# 
_entity_poly.entity_id                      1 
_entity_poly.type                           'polypeptide(L)' 
_entity_poly.nstd_linkage                   no 
_entity_poly.nstd_monomer                   no 
_entity_poly.pdbx_seq_one_letter_code       
;PLGSGVPKEIQLAELREALLGIPGVTGLHDLHVWSITSGKISLTSHLVYDPALVDAEALLGTVKALLHDRYEIEHSTLQL
ETSACA
;
_entity_poly.pdbx_seq_one_letter_code_can   
;PLGSGVPKEIQLAELREALLGIPGVTGLHDLHVWSITSGKISLTSHLVYDPALVDAEALLGTVKALLHDRYEIEHSTLQL
ETSACA
;
_entity_poly.pdbx_strand_id                 A,B 
_entity_poly.pdbx_target_identifier         ? 
# 
loop_
_pdbx_entity_nonpoly.entity_id 
_pdbx_entity_nonpoly.name 
_pdbx_entity_nonpoly.comp_id 
2 'ZINC ION' ZN  
3 water      HOH 
# 
loop_
_entity_poly_seq.entity_id 
_entity_poly_seq.num 
_entity_poly_seq.mon_id 
_entity_poly_seq.hetero 
1 1  PRO n 
1 2  LEU n 
1 3  GLY n 
1 4  SER n 
1 5  GLY n 
1 6  VAL n 
1 7  PRO n 
1 8  LYS n 
1 9  GLU n 
1 10 ILE n 
1 11 GLN n 
1 12 LEU n 
1 13 ALA n 
1 14 GLU n 
1 15 LEU n 
1 16 ARG n 
1 17 GLU n 
1 18 ALA n 
1 19 LEU n 
1 20 LEU n 
1 21 GLY n 
1 22 ILE n 
1 23 PRO n 
1 24 GLY n 
1 25 VAL n 
1 26 THR n 
1 27 GLY n 
1 28 LEU n 
1 29 HIS n 
1 30 ASP n 
1 31 LEU n 
1 32 HIS n 
1 33 VAL n 
1 34 TRP n 
1 35 SER n 
1 36 ILE n 
1 37 THR n 
1 38 SER n 
1 39 GLY n 
1 40 LYS n 
1 41 ILE n 
1 42 SER n 
1 43 LEU n 
1 44 THR n 
1 45 SER n 
1 46 HIS n 
1 47 LEU n 
1 48 VAL n 
1 49 TYR n 
1 50 ASP n 
1 51 PRO n 
1 52 ALA n 
1 53 LEU n 
1 54 VAL n 
1 55 ASP n 
1 56 ALA n 
1 57 GLU n 
1 58 ALA n 
1 59 LEU n 
1 60 LEU n 
1 61 GLY n 
1 62 THR n 
1 63 VAL n 
1 64 LYS n 
1 65 ALA n 
1 66 LEU n 
1 67 LEU n 
1 68 HIS n 
1 69 ASP n 
1 70 ARG n 
1 71 TYR n 
1 72 GLU n 
1 73 ILE n 
1 74 GLU n 
1 75 HIS n 
1 76 SER n 
1 77 THR n 
1 78 LEU n 
1 79 GLN n 
1 80 LEU n 
1 81 GLU n 
1 82 THR n 
1 83 SER n 
1 84 ALA n 
1 85 CYS n 
1 86 ALA n 
# 
_entity_src_gen.entity_id                          1 
_entity_src_gen.pdbx_src_id                        1 
_entity_src_gen.pdbx_alt_source_flag               sample 
_entity_src_gen.pdbx_seq_type                      'Biological sequence' 
_entity_src_gen.pdbx_beg_seq_num                   1 
_entity_src_gen.pdbx_end_seq_num                   86 
_entity_src_gen.gene_src_common_name               ? 
_entity_src_gen.gene_src_genus                     ? 
_entity_src_gen.pdbx_gene_src_gene                 PA0397 
_entity_src_gen.gene_src_species                   ? 
_entity_src_gen.gene_src_strain                    
'ATCC 15692 / DSM 22644 / CIP 104116 / JCM 14847 / LMG 12228 / 1C / PRS 101 / PAO1' 
_entity_src_gen.gene_src_tissue                    ? 
_entity_src_gen.gene_src_tissue_fraction           ? 
_entity_src_gen.gene_src_details                   ? 
_entity_src_gen.pdbx_gene_src_fragment             ? 
_entity_src_gen.pdbx_gene_src_scientific_name      
'Pseudomonas aeruginosa (strain ATCC 15692 / DSM 22644 / CIP 104116 / JCM 14847 / LMG 12228 / 1C / PRS 101 / PAO1)' 
_entity_src_gen.pdbx_gene_src_ncbi_taxonomy_id     208964 
_entity_src_gen.pdbx_gene_src_variant              ? 
_entity_src_gen.pdbx_gene_src_cell_line            ? 
_entity_src_gen.pdbx_gene_src_atcc                 ? 
_entity_src_gen.pdbx_gene_src_organ                ? 
_entity_src_gen.pdbx_gene_src_organelle            ? 
_entity_src_gen.pdbx_gene_src_cell                 ? 
_entity_src_gen.pdbx_gene_src_cellular_location    ? 
_entity_src_gen.host_org_common_name               ? 
_entity_src_gen.pdbx_host_org_scientific_name      'Escherichia coli' 
_entity_src_gen.pdbx_host_org_ncbi_taxonomy_id     562 
_entity_src_gen.host_org_genus                     ? 
_entity_src_gen.pdbx_host_org_gene                 ? 
_entity_src_gen.pdbx_host_org_organ                ? 
_entity_src_gen.host_org_species                   ? 
_entity_src_gen.pdbx_host_org_tissue               ? 
_entity_src_gen.pdbx_host_org_tissue_fraction      ? 
_entity_src_gen.pdbx_host_org_strain               ? 
_entity_src_gen.pdbx_host_org_variant              ? 
_entity_src_gen.pdbx_host_org_cell_line            ? 
_entity_src_gen.pdbx_host_org_atcc                 ? 
_entity_src_gen.pdbx_host_org_culture_collection   ? 
_entity_src_gen.pdbx_host_org_cell                 ? 
_entity_src_gen.pdbx_host_org_organelle            ? 
_entity_src_gen.pdbx_host_org_cellular_location    ? 
_entity_src_gen.pdbx_host_org_vector_type          ? 
_entity_src_gen.pdbx_host_org_vector               ? 
_entity_src_gen.host_org_details                   ? 
_entity_src_gen.expression_system_id               ? 
_entity_src_gen.plasmid_name                       ? 
_entity_src_gen.plasmid_details                    ? 
_entity_src_gen.pdbx_description                   ? 
# 
loop_
_chem_comp.id 
_chem_comp.type 
_chem_comp.mon_nstd_flag 
_chem_comp.name 
_chem_comp.pdbx_synonyms 
_chem_comp.formula 
_chem_comp.formula_weight 
ALA 'L-peptide linking' y ALANINE         ? 'C3 H7 N O2'     89.093  
ARG 'L-peptide linking' y ARGININE        ? 'C6 H15 N4 O2 1' 175.209 
ASP 'L-peptide linking' y 'ASPARTIC ACID' ? 'C4 H7 N O4'     133.103 
CYS 'L-peptide linking' y CYSTEINE        ? 'C3 H7 N O2 S'   121.158 
GLN 'L-peptide linking' y GLUTAMINE       ? 'C5 H10 N2 O3'   146.144 
GLU 'L-peptide linking' y 'GLUTAMIC ACID' ? 'C5 H9 N O4'     147.129 
GLY 'peptide linking'   y GLYCINE         ? 'C2 H5 N O2'     75.067  
HIS 'L-peptide linking' y HISTIDINE       ? 'C6 H10 N3 O2 1' 156.162 
HOH non-polymer         . WATER           ? 'H2 O'           18.015  
ILE 'L-peptide linking' y ISOLEUCINE      ? 'C6 H13 N O2'    131.173 
LEU 'L-peptide linking' y LEUCINE         ? 'C6 H13 N O2'    131.173 
LYS 'L-peptide linking' y LYSINE          ? 'C6 H15 N2 O2 1' 147.195 
PRO 'L-peptide linking' y PROLINE         ? 'C5 H9 N O2'     115.130 
SER 'L-peptide linking' y SERINE          ? 'C3 H7 N O3'     105.093 
THR 'L-peptide linking' y THREONINE       ? 'C4 H9 N O3'     119.119 
TRP 'L-peptide linking' y TRYPTOPHAN      ? 'C11 H12 N2 O2'  204.225 
TYR 'L-peptide linking' y TYROSINE        ? 'C9 H11 N O3'    181.189 
VAL 'L-peptide linking' y VALINE          ? 'C5 H11 N O2'    117.146 
ZN  non-polymer         . 'ZINC ION'      ? 'Zn 2'           65.409  
# 
loop_
_pdbx_poly_seq_scheme.asym_id 
_pdbx_poly_seq_scheme.entity_id 
_pdbx_poly_seq_scheme.seq_id 
_pdbx_poly_seq_scheme.mon_id 
_pdbx_poly_seq_scheme.ndb_seq_num 
_pdbx_poly_seq_scheme.pdb_seq_num 
_pdbx_poly_seq_scheme.auth_seq_num 
_pdbx_poly_seq_scheme.pdb_mon_id 
_pdbx_poly_seq_scheme.auth_mon_id 
_pdbx_poly_seq_scheme.pdb_strand_id 
_pdbx_poly_seq_scheme.pdb_ins_code 
_pdbx_poly_seq_scheme.hetero 
A 1 1  PRO 1  206 206 PRO PRO A . n 
A 1 2  LEU 2  207 207 LEU LEU A . n 
A 1 3  GLY 3  208 208 GLY GLY A . n 
A 1 4  SER 4  209 209 SER SER A . n 
A 1 5  GLY 5  210 210 GLY GLY A . n 
A 1 6  VAL 6  211 211 VAL VAL A . n 
A 1 7  PRO 7  212 212 PRO PRO A . n 
A 1 8  LYS 8  213 213 LYS LYS A . n 
A 1 9  GLU 9  214 214 GLU GLU A . n 
A 1 10 ILE 10 215 215 ILE ILE A . n 
A 1 11 GLN 11 216 216 GLN GLN A . n 
A 1 12 LEU 12 217 217 LEU LEU A . n 
A 1 13 ALA 13 218 218 ALA ALA A . n 
A 1 14 GLU 14 219 219 GLU GLU A . n 
A 1 15 LEU 15 220 220 LEU LEU A . n 
A 1 16 ARG 16 221 221 ARG ARG A . n 
A 1 17 GLU 17 222 222 GLU GLU A . n 
A 1 18 ALA 18 223 223 ALA ALA A . n 
A 1 19 LEU 19 224 224 LEU LEU A . n 
A 1 20 LEU 20 225 225 LEU LEU A . n 
A 1 21 GLY 21 226 226 GLY GLY A . n 
A 1 22 ILE 22 227 227 ILE ILE A . n 
A 1 23 PRO 23 228 228 PRO PRO A . n 
A 1 24 GLY 24 229 229 GLY GLY A . n 
A 1 25 VAL 25 230 230 VAL VAL A . n 
A 1 26 THR 26 231 231 THR THR A . n 
A 1 27 GLY 27 232 232 GLY GLY A . n 
A 1 28 LEU 28 233 233 LEU LEU A . n 
A 1 29 HIS 29 234 234 HIS HIS A . n 
A 1 30 ASP 30 235 235 ASP ASP A . n 
A 1 31 LEU 31 236 236 LEU LEU A . n 
A 1 32 HIS 32 237 237 HIS HIS A . n 
A 1 33 VAL 33 238 238 VAL VAL A . n 
A 1 34 TRP 34 239 239 TRP TRP A . n 
A 1 35 SER 35 240 240 SER SER A . n 
A 1 36 ILE 36 241 241 ILE ILE A . n 
A 1 37 THR 37 242 242 THR THR A . n 
A 1 38 SER 38 243 243 SER SER A . n 
A 1 39 GLY 39 244 244 GLY GLY A . n 
A 1 40 LYS 40 245 245 LYS LYS A . n 
A 1 41 ILE 41 246 246 ILE ILE A . n 
A 1 42 SER 42 247 247 SER SER A . n 
A 1 43 LEU 43 248 248 LEU LEU A . n 
A 1 44 THR 44 249 249 THR THR A . n 
A 1 45 SER 45 250 250 SER SER A . n 
A 1 46 HIS 46 251 251 HIS HIS A . n 
A 1 47 LEU 47 252 252 LEU LEU A . n 
A 1 48 VAL 48 253 253 VAL VAL A . n 
A 1 49 TYR 49 254 254 TYR TYR A . n 
A 1 50 ASP 50 255 255 ASP ASP A . n 
A 1 51 PRO 51 256 256 PRO PRO A . n 
A 1 52 ALA 52 257 257 ALA ALA A . n 
A 1 53 LEU 53 258 258 LEU LEU A . n 
A 1 54 VAL 54 259 259 VAL VAL A . n 
A 1 55 ASP 55 260 260 ASP ASP A . n 
A 1 56 ALA 56 261 261 ALA ALA A . n 
A 1 57 GLU 57 262 262 GLU GLU A . n 
A 1 58 ALA 58 263 263 ALA ALA A . n 
A 1 59 LEU 59 264 264 LEU LEU A . n 
A 1 60 LEU 60 265 265 LEU LEU A . n 
A 1 61 GLY 61 266 266 GLY GLY A . n 
A 1 62 THR 62 267 267 THR THR A . n 
A 1 63 VAL 63 268 268 VAL VAL A . n 
A 1 64 LYS 64 269 269 LYS LYS A . n 
A 1 65 ALA 65 270 270 ALA ALA A . n 
A 1 66 LEU 66 271 271 LEU LEU A . n 
A 1 67 LEU 67 272 272 LEU LEU A . n 
A 1 68 HIS 68 273 273 HIS HIS A . n 
A 1 69 ASP 69 274 274 ASP ASP A . n 
A 1 70 ARG 70 275 275 ARG ARG A . n 
A 1 71 TYR 71 276 276 TYR TYR A . n 
A 1 72 GLU 72 277 277 GLU GLU A . n 
A 1 73 ILE 73 278 278 ILE ILE A . n 
A 1 74 GLU 74 279 279 GLU GLU A . n 
A 1 75 HIS 75 280 280 HIS HIS A . n 
A 1 76 SER 76 281 281 SER SER A . n 
A 1 77 THR 77 282 282 THR THR A . n 
A 1 78 LEU 78 283 283 LEU LEU A . n 
A 1 79 GLN 79 284 284 GLN GLN A . n 
A 1 80 LEU 80 285 285 LEU LEU A . n 
A 1 81 GLU 81 286 286 GLU GLU A . n 
A 1 82 THR 82 287 287 THR THR A . n 
A 1 83 SER 83 288 288 SER SER A . n 
A 1 84 ALA 84 289 289 ALA ALA A . n 
A 1 85 CYS 85 290 290 CYS CYS A . n 
A 1 86 ALA 86 291 ?   ?   ?   A . n 
B 1 1  PRO 1  206 ?   ?   ?   B . n 
B 1 2  LEU 2  207 ?   ?   ?   B . n 
B 1 3  GLY 3  208 ?   ?   ?   B . n 
B 1 4  SER 4  209 ?   ?   ?   B . n 
B 1 5  GLY 5  210 ?   ?   ?   B . n 
B 1 6  VAL 6  211 ?   ?   ?   B . n 
B 1 7  PRO 7  212 ?   ?   ?   B . n 
B 1 8  LYS 8  213 ?   ?   ?   B . n 
B 1 9  GLU 9  214 214 GLU GLU B . n 
B 1 10 ILE 10 215 215 ILE ILE B . n 
B 1 11 GLN 11 216 216 GLN GLN B . n 
B 1 12 LEU 12 217 217 LEU LEU B . n 
B 1 13 ALA 13 218 218 ALA ALA B . n 
B 1 14 GLU 14 219 219 GLU GLU B . n 
B 1 15 LEU 15 220 220 LEU LEU B . n 
B 1 16 ARG 16 221 221 ARG ARG B . n 
B 1 17 GLU 17 222 222 GLU GLU B . n 
B 1 18 ALA 18 223 223 ALA ALA B . n 
B 1 19 LEU 19 224 224 LEU LEU B . n 
B 1 20 LEU 20 225 225 LEU LEU B . n 
B 1 21 GLY 21 226 226 GLY GLY B . n 
B 1 22 ILE 22 227 227 ILE ILE B . n 
B 1 23 PRO 23 228 228 PRO PRO B . n 
B 1 24 GLY 24 229 229 GLY GLY B . n 
B 1 25 VAL 25 230 230 VAL VAL B . n 
B 1 26 THR 26 231 231 THR THR B . n 
B 1 27 GLY 27 232 232 GLY GLY B . n 
B 1 28 LEU 28 233 233 LEU LEU B . n 
B 1 29 HIS 29 234 234 HIS HIS B . n 
B 1 30 ASP 30 235 235 ASP ASP B . n 
B 1 31 LEU 31 236 236 LEU LEU B . n 
B 1 32 HIS 32 237 237 HIS HIS B . n 
B 1 33 VAL 33 238 238 VAL VAL B . n 
B 1 34 TRP 34 239 239 TRP TRP B . n 
B 1 35 SER 35 240 240 SER SER B . n 
B 1 36 ILE 36 241 241 ILE ILE B . n 
B 1 37 THR 37 242 242 THR THR B . n 
B 1 38 SER 38 243 243 SER SER B . n 
B 1 39 GLY 39 244 244 GLY GLY B . n 
B 1 40 LYS 40 245 245 LYS LYS B . n 
B 1 41 ILE 41 246 246 ILE ILE B . n 
B 1 42 SER 42 247 247 SER SER B . n 
B 1 43 LEU 43 248 248 LEU LEU B . n 
B 1 44 THR 44 249 249 THR THR B . n 
B 1 45 SER 45 250 250 SER SER B . n 
B 1 46 HIS 46 251 251 HIS HIS B . n 
B 1 47 LEU 47 252 252 LEU LEU B . n 
B 1 48 VAL 48 253 253 VAL VAL B . n 
B 1 49 TYR 49 254 254 TYR TYR B . n 
B 1 50 ASP 50 255 255 ASP ASP B . n 
B 1 51 PRO 51 256 256 PRO PRO B . n 
B 1 52 ALA 52 257 257 ALA ALA B . n 
B 1 53 LEU 53 258 258 LEU LEU B . n 
B 1 54 VAL 54 259 259 VAL VAL B . n 
B 1 55 ASP 55 260 260 ASP ASP B . n 
B 1 56 ALA 56 261 261 ALA ALA B . n 
B 1 57 GLU 57 262 262 GLU GLU B . n 
B 1 58 ALA 58 263 263 ALA ALA B . n 
B 1 59 LEU 59 264 264 LEU LEU B . n 
B 1 60 LEU 60 265 265 LEU LEU B . n 
B 1 61 GLY 61 266 266 GLY GLY B . n 
B 1 62 THR 62 267 267 THR THR B . n 
B 1 63 VAL 63 268 268 VAL VAL B . n 
B 1 64 LYS 64 269 269 LYS LYS B . n 
B 1 65 ALA 65 270 270 ALA ALA B . n 
B 1 66 LEU 66 271 271 LEU LEU B . n 
B 1 67 LEU 67 272 272 LEU LEU B . n 
B 1 68 HIS 68 273 273 HIS HIS B . n 
B 1 69 ASP 69 274 274 ASP ASP B . n 
B 1 70 ARG 70 275 275 ARG ARG B . n 
B 1 71 TYR 71 276 276 TYR TYR B . n 
B 1 72 GLU 72 277 277 GLU GLU B . n 
B 1 73 ILE 73 278 278 ILE ILE B . n 
B 1 74 GLU 74 279 279 GLU GLU B . n 
B 1 75 HIS 75 280 280 HIS HIS B . n 
B 1 76 SER 76 281 281 SER SER B . n 
B 1 77 THR 77 282 282 THR THR B . n 
B 1 78 LEU 78 283 283 LEU LEU B . n 
B 1 79 GLN 79 284 284 GLN GLN B . n 
B 1 80 LEU 80 285 285 LEU LEU B . n 
B 1 81 GLU 81 286 286 GLU GLU B . n 
B 1 82 THR 82 287 287 THR THR B . n 
B 1 83 SER 83 288 288 SER SER B . n 
B 1 84 ALA 84 289 289 ALA ALA B . n 
B 1 85 CYS 85 290 290 CYS CYS B . n 
B 1 86 ALA 86 291 291 ALA ALA B . n 
# 
loop_
_pdbx_nonpoly_scheme.asym_id 
_pdbx_nonpoly_scheme.entity_id 
_pdbx_nonpoly_scheme.mon_id 
_pdbx_nonpoly_scheme.ndb_seq_num 
_pdbx_nonpoly_scheme.pdb_seq_num 
_pdbx_nonpoly_scheme.auth_seq_num 
_pdbx_nonpoly_scheme.pdb_mon_id 
_pdbx_nonpoly_scheme.auth_mon_id 
_pdbx_nonpoly_scheme.pdb_strand_id 
_pdbx_nonpoly_scheme.pdb_ins_code 
C 2 ZN  1  301 6  ZN  ZN  A . 
D 2 ZN  1  302 8  ZN  ZN  A . 
E 2 ZN  1  303 10 ZN  ZN  A . 
F 2 ZN  1  301 4  ZN  ZN  B . 
G 2 ZN  1  302 9  ZN  ZN  B . 
H 3 HOH 1  401 31 HOH HOH A . 
H 3 HOH 2  402 29 HOH HOH A . 
H 3 HOH 3  403 36 HOH HOH A . 
H 3 HOH 4  404 30 HOH HOH A . 
H 3 HOH 5  405 32 HOH HOH A . 
H 3 HOH 6  406 33 HOH HOH A . 
H 3 HOH 7  407 42 HOH HOH A . 
H 3 HOH 8  408 37 HOH HOH A . 
H 3 HOH 9  409 38 HOH HOH A . 
H 3 HOH 10 410 40 HOH HOH A . 
I 3 HOH 1  401 3  HOH HOH B . 
I 3 HOH 2  402 17 HOH HOH B . 
I 3 HOH 3  403 4  HOH HOH B . 
I 3 HOH 4  404 26 HOH HOH B . 
I 3 HOH 5  405 8  HOH HOH B . 
I 3 HOH 6  406 27 HOH HOH B . 
I 3 HOH 7  407 43 HOH HOH B . 
I 3 HOH 8  408 16 HOH HOH B . 
I 3 HOH 9  409 9  HOH HOH B . 
I 3 HOH 10 410 7  HOH HOH B . 
I 3 HOH 11 411 39 HOH HOH B . 
I 3 HOH 12 412 22 HOH HOH B . 
I 3 HOH 13 413 21 HOH HOH B . 
I 3 HOH 14 414 41 HOH HOH B . 
I 3 HOH 15 415 14 HOH HOH B . 
I 3 HOH 16 416 6  HOH HOH B . 
I 3 HOH 17 417 28 HOH HOH B . 
I 3 HOH 18 418 13 HOH HOH B . 
I 3 HOH 19 419 34 HOH HOH B . 
# 
loop_
_pdbx_unobs_or_zero_occ_atoms.id 
_pdbx_unobs_or_zero_occ_atoms.PDB_model_num 
_pdbx_unobs_or_zero_occ_atoms.polymer_flag 
_pdbx_unobs_or_zero_occ_atoms.occupancy_flag 
_pdbx_unobs_or_zero_occ_atoms.auth_asym_id 
_pdbx_unobs_or_zero_occ_atoms.auth_comp_id 
_pdbx_unobs_or_zero_occ_atoms.auth_seq_id 
_pdbx_unobs_or_zero_occ_atoms.PDB_ins_code 
_pdbx_unobs_or_zero_occ_atoms.auth_atom_id 
_pdbx_unobs_or_zero_occ_atoms.label_alt_id 
_pdbx_unobs_or_zero_occ_atoms.label_asym_id 
_pdbx_unobs_or_zero_occ_atoms.label_comp_id 
_pdbx_unobs_or_zero_occ_atoms.label_seq_id 
_pdbx_unobs_or_zero_occ_atoms.label_atom_id 
1  1 Y 1 A LYS 245 ? CG  ? A LYS 40 CG  
2  1 Y 1 A LYS 245 ? CD  ? A LYS 40 CD  
3  1 Y 1 A LYS 245 ? CE  ? A LYS 40 CE  
4  1 Y 1 A LYS 245 ? NZ  ? A LYS 40 NZ  
5  1 Y 1 B LYS 245 ? CE  ? B LYS 40 CE  
6  1 Y 1 B LYS 245 ? NZ  ? B LYS 40 NZ  
7  1 Y 1 B GLU 262 ? CG  ? B GLU 57 CG  
8  1 Y 1 B GLU 262 ? CD  ? B GLU 57 CD  
9  1 Y 1 B GLU 262 ? OE1 ? B GLU 57 OE1 
10 1 Y 1 B GLU 262 ? OE2 ? B GLU 57 OE2 
# 
loop_
_software.citation_id 
_software.classification 
_software.compiler_name 
_software.compiler_version 
_software.contact_author 
_software.contact_author_email 
_software.date 
_software.description 
_software.dependencies 
_software.hardware 
_software.language 
_software.location 
_software.mods 
_software.name 
_software.os 
_software.os_version 
_software.type 
_software.version 
_software.pdbx_ordinal 
? 'data reduction' ? ? ? ? ? ? ? ? ? ? ? XDS     ? ? ? 5.8.0238 1 
? 'data scaling'   ? ? ? ? ? ? ? ? ? ? ? Aimless ? ? ? .        2 
? phasing          ? ? ? ? ? ? ? ? ? ? ? PHASER  ? ? ? .        3 
? refinement       ? ? ? ? ? ? ? ? ? ? ? REFMAC  ? ? ? 7.0.073  4 
# 
_cell.angle_alpha                  90.00 
_cell.angle_alpha_esd              ? 
_cell.angle_beta                   90.00 
_cell.angle_beta_esd               ? 
_cell.angle_gamma                  90.00 
_cell.angle_gamma_esd              ? 
_cell.entry_id                     6VD8 
_cell.details                      ? 
_cell.formula_units_Z              ? 
_cell.length_a                     36.916 
_cell.length_a_esd                 ? 
_cell.length_b                     58.247 
_cell.length_b_esd                 ? 
_cell.length_c                     72.014 
_cell.length_c_esd                 ? 
_cell.volume                       ? 
_cell.volume_esd                   ? 
_cell.Z_PDB                        8 
_cell.reciprocal_angle_alpha       ? 
_cell.reciprocal_angle_beta        ? 
_cell.reciprocal_angle_gamma       ? 
_cell.reciprocal_angle_alpha_esd   ? 
_cell.reciprocal_angle_beta_esd    ? 
_cell.reciprocal_angle_gamma_esd   ? 
_cell.reciprocal_length_a          ? 
_cell.reciprocal_length_b          ? 
_cell.reciprocal_length_c          ? 
_cell.reciprocal_length_a_esd      ? 
_cell.reciprocal_length_b_esd      ? 
_cell.reciprocal_length_c_esd      ? 
_cell.pdbx_unique_axis             ? 
# 
_symmetry.entry_id                         6VD8 
_symmetry.cell_setting                     ? 
_symmetry.Int_Tables_number                19 
_symmetry.space_group_name_Hall            ? 
_symmetry.space_group_name_H-M             'P 21 21 21' 
_symmetry.pdbx_full_space_group_name_H-M   ? 
# 
_exptl.absorpt_coefficient_mu     ? 
_exptl.absorpt_correction_T_max   ? 
_exptl.absorpt_correction_T_min   ? 
_exptl.absorpt_correction_type    ? 
_exptl.absorpt_process_details    ? 
_exptl.entry_id                   6VD8 
_exptl.crystals_number            1 
_exptl.details                    ? 
_exptl.method                     'X-RAY DIFFRACTION' 
_exptl.method_details             ? 
# 
_exptl_crystal.colour                      ? 
_exptl_crystal.density_diffrn              ? 
_exptl_crystal.density_Matthews            2.11 
_exptl_crystal.density_method              ? 
_exptl_crystal.density_percent_sol         41.60 
_exptl_crystal.description                 ? 
_exptl_crystal.F_000                       ? 
_exptl_crystal.id                          1 
_exptl_crystal.preparation                 ? 
_exptl_crystal.size_max                    ? 
_exptl_crystal.size_mid                    ? 
_exptl_crystal.size_min                    ? 
_exptl_crystal.size_rad                    ? 
_exptl_crystal.colour_lustre               ? 
_exptl_crystal.colour_modifier             ? 
_exptl_crystal.colour_primary              ? 
_exptl_crystal.density_meas                ? 
_exptl_crystal.density_meas_esd            ? 
_exptl_crystal.density_meas_gt             ? 
_exptl_crystal.density_meas_lt             ? 
_exptl_crystal.density_meas_temp           ? 
_exptl_crystal.density_meas_temp_esd       ? 
_exptl_crystal.density_meas_temp_gt        ? 
_exptl_crystal.density_meas_temp_lt        ? 
_exptl_crystal.pdbx_crystal_image_url      ? 
_exptl_crystal.pdbx_crystal_image_format   ? 
_exptl_crystal.pdbx_mosaicity              ? 
_exptl_crystal.pdbx_mosaicity_esd          ? 
# 
_exptl_crystal_grow.apparatus       ? 
_exptl_crystal_grow.atmosphere      ? 
_exptl_crystal_grow.crystal_id      1 
_exptl_crystal_grow.details         ? 
_exptl_crystal_grow.method          'VAPOR DIFFUSION, HANGING DROP' 
_exptl_crystal_grow.method_ref      ? 
_exptl_crystal_grow.pH              ? 
_exptl_crystal_grow.pressure        ? 
_exptl_crystal_grow.pressure_esd    ? 
_exptl_crystal_grow.seeding         ? 
_exptl_crystal_grow.seeding_ref     ? 
_exptl_crystal_grow.temp            293 
_exptl_crystal_grow.temp_details    ? 
_exptl_crystal_grow.temp_esd        ? 
_exptl_crystal_grow.time            ? 
_exptl_crystal_grow.pdbx_details    '0.2 M ammonium acetate, 0.1 M Bis-Tris pH 7.2, 30% (w/v) PEG 3350, 1.0 mM ZnCl2' 
_exptl_crystal_grow.pdbx_pH_range   ? 
# 
_diffrn.ambient_environment              ? 
_diffrn.ambient_temp                     100 
_diffrn.ambient_temp_details             ? 
_diffrn.ambient_temp_esd                 ? 
_diffrn.crystal_id                       1 
_diffrn.crystal_support                  ? 
_diffrn.crystal_treatment                ? 
_diffrn.details                          ? 
_diffrn.id                               1 
_diffrn.ambient_pressure                 ? 
_diffrn.ambient_pressure_esd             ? 
_diffrn.ambient_pressure_gt              ? 
_diffrn.ambient_pressure_lt              ? 
_diffrn.ambient_temp_gt                  ? 
_diffrn.ambient_temp_lt                  ? 
_diffrn.pdbx_serial_crystal_experiment   N 
# 
_diffrn_detector.details                      ? 
_diffrn_detector.detector                     PIXEL 
_diffrn_detector.diffrn_id                    1 
_diffrn_detector.type                         'DECTRIS EIGER X 16M' 
_diffrn_detector.area_resol_mean              ? 
_diffrn_detector.dtime                        ? 
_diffrn_detector.pdbx_frames_total            ? 
_diffrn_detector.pdbx_collection_time_total   ? 
_diffrn_detector.pdbx_collection_date         2018-06-01 
_diffrn_detector.pdbx_frequency               ? 
# 
_diffrn_radiation.collimation                      ? 
_diffrn_radiation.diffrn_id                        1 
_diffrn_radiation.filter_edge                      ? 
_diffrn_radiation.inhomogeneity                    ? 
_diffrn_radiation.monochromator                    ? 
_diffrn_radiation.polarisn_norm                    ? 
_diffrn_radiation.polarisn_ratio                   ? 
_diffrn_radiation.probe                            ? 
_diffrn_radiation.type                             ? 
_diffrn_radiation.xray_symbol                      ? 
_diffrn_radiation.wavelength_id                    1 
_diffrn_radiation.pdbx_monochromatic_or_laue_m_l   M 
_diffrn_radiation.pdbx_wavelength_list             ? 
_diffrn_radiation.pdbx_wavelength                  ? 
_diffrn_radiation.pdbx_diffrn_protocol             'SINGLE WAVELENGTH' 
_diffrn_radiation.pdbx_analyzer                    ? 
_diffrn_radiation.pdbx_scattering_type             x-ray 
# 
_diffrn_radiation_wavelength.id           1 
_diffrn_radiation_wavelength.wavelength   1.2652 
_diffrn_radiation_wavelength.wt           1.0 
# 
_diffrn_source.current                     ? 
_diffrn_source.details                     ? 
_diffrn_source.diffrn_id                   1 
_diffrn_source.power                       ? 
_diffrn_source.size                        ? 
_diffrn_source.source                      SYNCHROTRON 
_diffrn_source.target                      ? 
_diffrn_source.type                        'AUSTRALIAN SYNCHROTRON BEAMLINE MX2' 
_diffrn_source.voltage                     ? 
_diffrn_source.take-off_angle              ? 
_diffrn_source.pdbx_wavelength_list        1.2652 
_diffrn_source.pdbx_wavelength             ? 
_diffrn_source.pdbx_synchrotron_beamline   MX2 
_diffrn_source.pdbx_synchrotron_site       'Australian Synchrotron' 
# 
_reflns.B_iso_Wilson_estimate            ? 
_reflns.entry_id                         6VD8 
_reflns.data_reduction_details           ? 
_reflns.data_reduction_method            ? 
_reflns.d_resolution_high                2.29 
_reflns.d_resolution_low                 45.29 
_reflns.details                          ? 
_reflns.limit_h_max                      ? 
_reflns.limit_h_min                      ? 
_reflns.limit_k_max                      ? 
_reflns.limit_k_min                      ? 
_reflns.limit_l_max                      ? 
_reflns.limit_l_min                      ? 
_reflns.number_all                       ? 
_reflns.number_obs                       7349 
_reflns.observed_criterion               ? 
_reflns.observed_criterion_F_max         ? 
_reflns.observed_criterion_F_min         ? 
_reflns.observed_criterion_I_max         ? 
_reflns.observed_criterion_I_min         ? 
_reflns.observed_criterion_sigma_F       ? 
_reflns.observed_criterion_sigma_I       ? 
_reflns.percent_possible_obs             99.3 
_reflns.R_free_details                   ? 
_reflns.Rmerge_F_all                     ? 
_reflns.Rmerge_F_obs                     ? 
_reflns.Friedel_coverage                 ? 
_reflns.number_gt                        ? 
_reflns.threshold_expression             ? 
_reflns.pdbx_redundancy                  25.6 
_reflns.pdbx_Rmerge_I_obs                ? 
_reflns.pdbx_Rmerge_I_all                ? 
_reflns.pdbx_Rsym_value                  ? 
_reflns.pdbx_netI_over_av_sigmaI         ? 
_reflns.pdbx_netI_over_sigmaI            10.2 
_reflns.pdbx_res_netI_over_av_sigmaI_2   ? 
_reflns.pdbx_res_netI_over_sigmaI_2      ? 
_reflns.pdbx_chi_squared                 ? 
_reflns.pdbx_scaling_rejects             ? 
_reflns.pdbx_d_res_high_opt              ? 
_reflns.pdbx_d_res_low_opt               ? 
_reflns.pdbx_d_res_opt_method            ? 
_reflns.phase_calculation_details        ? 
_reflns.pdbx_Rrim_I_all                  ? 
_reflns.pdbx_Rpim_I_all                  ? 
_reflns.pdbx_d_opt                       ? 
_reflns.pdbx_number_measured_all         ? 
_reflns.pdbx_diffrn_id                   1 
_reflns.pdbx_ordinal                     1 
_reflns.pdbx_CC_half                     0.998 
_reflns.pdbx_CC_star                     ? 
_reflns.pdbx_R_split                     ? 
# 
_reflns_shell.d_res_high                  2.29 
_reflns_shell.d_res_low                   2.37 
_reflns_shell.meanI_over_sigI_all         ? 
_reflns_shell.meanI_over_sigI_obs         ? 
_reflns_shell.number_measured_all         ? 
_reflns_shell.number_measured_obs         ? 
_reflns_shell.number_possible             ? 
_reflns_shell.number_unique_all           ? 
_reflns_shell.number_unique_obs           653 
_reflns_shell.percent_possible_all        ? 
_reflns_shell.percent_possible_obs        ? 
_reflns_shell.Rmerge_F_all                ? 
_reflns_shell.Rmerge_F_obs                ? 
_reflns_shell.Rmerge_I_all                ? 
_reflns_shell.Rmerge_I_obs                ? 
_reflns_shell.meanI_over_sigI_gt          ? 
_reflns_shell.meanI_over_uI_all           ? 
_reflns_shell.meanI_over_uI_gt            ? 
_reflns_shell.number_measured_gt          ? 
_reflns_shell.number_unique_gt            ? 
_reflns_shell.percent_possible_gt         ? 
_reflns_shell.Rmerge_F_gt                 ? 
_reflns_shell.Rmerge_I_gt                 ? 
_reflns_shell.pdbx_redundancy             ? 
_reflns_shell.pdbx_Rsym_value             ? 
_reflns_shell.pdbx_chi_squared            ? 
_reflns_shell.pdbx_netI_over_sigmaI_all   ? 
_reflns_shell.pdbx_netI_over_sigmaI_obs   ? 
_reflns_shell.pdbx_Rrim_I_all             ? 
_reflns_shell.pdbx_Rpim_I_all             ? 
_reflns_shell.pdbx_rejects                ? 
_reflns_shell.pdbx_ordinal                1 
_reflns_shell.pdbx_diffrn_id              1 
_reflns_shell.pdbx_CC_half                0.881 
_reflns_shell.pdbx_CC_star                ? 
_reflns_shell.pdbx_R_split                ? 
# 
_refine.aniso_B[1][1]                            -18.43 
_refine.aniso_B[1][2]                            0.00 
_refine.aniso_B[1][3]                            0.00 
_refine.aniso_B[2][2]                            -10.58 
_refine.aniso_B[2][3]                            0.00 
_refine.aniso_B[3][3]                            29.00 
_refine.B_iso_max                                ? 
_refine.B_iso_mean                               34.155 
_refine.B_iso_min                                ? 
_refine.correlation_coeff_Fo_to_Fc               0.929 
_refine.correlation_coeff_Fo_to_Fc_free          0.909 
_refine.details                                  'HYDROGENS HAVE BEEN ADDED IN THE RIDING POSITIONS' 
_refine.diff_density_max                         ? 
_refine.diff_density_max_esd                     ? 
_refine.diff_density_min                         ? 
_refine.diff_density_min_esd                     ? 
_refine.diff_density_rms                         ? 
_refine.diff_density_rms_esd                     ? 
_refine.entry_id                                 6VD8 
_refine.pdbx_refine_id                           'X-RAY DIFFRACTION' 
_refine.ls_abs_structure_details                 ? 
_refine.ls_abs_structure_Flack                   ? 
_refine.ls_abs_structure_Flack_esd               ? 
_refine.ls_abs_structure_Rogers                  ? 
_refine.ls_abs_structure_Rogers_esd              ? 
_refine.ls_d_res_high                            2.30 
_refine.ls_d_res_low                             45.29 
_refine.ls_extinction_coef                       ? 
_refine.ls_extinction_coef_esd                   ? 
_refine.ls_extinction_expression                 ? 
_refine.ls_extinction_method                     ? 
_refine.ls_goodness_of_fit_all                   ? 
_refine.ls_goodness_of_fit_all_esd               ? 
_refine.ls_goodness_of_fit_obs                   ? 
_refine.ls_goodness_of_fit_obs_esd               ? 
_refine.ls_hydrogen_treatment                    ? 
_refine.ls_matrix_type                           ? 
_refine.ls_number_constraints                    ? 
_refine.ls_number_parameters                     ? 
_refine.ls_number_reflns_all                     ? 
_refine.ls_number_reflns_obs                     6639 
_refine.ls_number_reflns_R_free                  661 
_refine.ls_number_reflns_R_work                  ? 
_refine.ls_number_restraints                     ? 
_refine.ls_percent_reflns_obs                    99.16 
_refine.ls_percent_reflns_R_free                 9.1 
_refine.ls_R_factor_all                          ? 
_refine.ls_R_factor_obs                          0.24102 
_refine.ls_R_factor_R_free                       0.27137 
_refine.ls_R_factor_R_free_error                 ? 
_refine.ls_R_factor_R_free_error_details         ? 
_refine.ls_R_factor_R_work                       0.23821 
_refine.ls_R_Fsqd_factor_obs                     ? 
_refine.ls_R_I_factor_obs                        ? 
_refine.ls_redundancy_reflns_all                 ? 
_refine.ls_redundancy_reflns_obs                 ? 
_refine.ls_restrained_S_all                      ? 
_refine.ls_restrained_S_obs                      ? 
_refine.ls_shift_over_esd_max                    ? 
_refine.ls_shift_over_esd_mean                   ? 
_refine.ls_structure_factor_coef                 ? 
_refine.ls_weighting_details                     ? 
_refine.ls_weighting_scheme                      ? 
_refine.ls_wR_factor_all                         ? 
_refine.ls_wR_factor_obs                         ? 
_refine.ls_wR_factor_R_free                      ? 
_refine.ls_wR_factor_R_work                      ? 
_refine.occupancy_max                            ? 
_refine.occupancy_min                            ? 
_refine.solvent_model_details                    ? 
_refine.solvent_model_param_bsol                 ? 
_refine.solvent_model_param_ksol                 ? 
_refine.pdbx_R_complete                          ? 
_refine.ls_R_factor_gt                           ? 
_refine.ls_goodness_of_fit_gt                    ? 
_refine.ls_goodness_of_fit_ref                   ? 
_refine.ls_shift_over_su_max                     ? 
_refine.ls_shift_over_su_max_lt                  ? 
_refine.ls_shift_over_su_mean                    ? 
_refine.ls_shift_over_su_mean_lt                 ? 
_refine.pdbx_ls_sigma_I                          ? 
_refine.pdbx_ls_sigma_F                          ? 
_refine.pdbx_ls_sigma_Fsqd                       ? 
_refine.pdbx_data_cutoff_high_absF               ? 
_refine.pdbx_data_cutoff_high_rms_absF           ? 
_refine.pdbx_data_cutoff_low_absF                ? 
_refine.pdbx_isotropic_thermal_model             ? 
_refine.pdbx_ls_cross_valid_method               THROUGHOUT 
_refine.pdbx_method_to_determine_struct          SAD 
_refine.pdbx_starting_model                      ? 
_refine.pdbx_stereochemistry_target_values       ? 
_refine.pdbx_R_Free_selection_details            RANDOM 
_refine.pdbx_stereochem_target_val_spec_case     ? 
_refine.pdbx_overall_ESU_R                       0.105 
_refine.pdbx_overall_ESU_R_Free                  0.059 
_refine.pdbx_solvent_vdw_probe_radii             1.20 
_refine.pdbx_solvent_ion_probe_radii             0.80 
_refine.pdbx_solvent_shrinkage_radii             0.80 
_refine.pdbx_real_space_R                        ? 
_refine.pdbx_density_correlation                 ? 
_refine.pdbx_pd_number_of_powder_patterns        ? 
_refine.pdbx_pd_number_of_points                 ? 
_refine.pdbx_pd_meas_number_of_points            ? 
_refine.pdbx_pd_proc_ls_prof_R_factor            ? 
_refine.pdbx_pd_proc_ls_prof_wR_factor           ? 
_refine.pdbx_pd_Marquardt_correlation_coeff      ? 
_refine.pdbx_pd_Fsqrd_R_factor                   ? 
_refine.pdbx_pd_ls_matrix_band_width             ? 
_refine.pdbx_overall_phase_error                 ? 
_refine.pdbx_overall_SU_R_free_Cruickshank_DPI   ? 
_refine.pdbx_overall_SU_R_free_Blow_DPI          ? 
_refine.pdbx_overall_SU_R_Blow_DPI               ? 
_refine.pdbx_TLS_residual_ADP_flag               ? 
_refine.pdbx_diffrn_id                           1 
_refine.overall_SU_B                             6.390 
_refine.overall_SU_ML                            0.156 
_refine.overall_SU_R_Cruickshank_DPI             ? 
_refine.overall_SU_R_free                        ? 
_refine.overall_FOM_free_R_set                   ? 
_refine.overall_FOM_work_R_set                   ? 
_refine.pdbx_average_fsc_overall                 ? 
_refine.pdbx_average_fsc_work                    ? 
_refine.pdbx_average_fsc_free                    ? 
# 
_refine_hist.pdbx_refine_id                   'X-RAY DIFFRACTION' 
_refine_hist.cycle_id                         1 
_refine_hist.details                          ? 
_refine_hist.d_res_high                       2.30 
_refine_hist.d_res_low                        45.29 
_refine_hist.number_atoms_solvent             29 
_refine_hist.number_atoms_total               1259 
_refine_hist.number_reflns_all                ? 
_refine_hist.number_reflns_obs                ? 
_refine_hist.number_reflns_R_free             ? 
_refine_hist.number_reflns_R_work             ? 
_refine_hist.R_factor_all                     ? 
_refine_hist.R_factor_obs                     ? 
_refine_hist.R_factor_R_free                  ? 
_refine_hist.R_factor_R_work                  ? 
_refine_hist.pdbx_number_residues_total       ? 
_refine_hist.pdbx_B_iso_mean_ligand           ? 
_refine_hist.pdbx_B_iso_mean_solvent          ? 
_refine_hist.pdbx_number_atoms_protein        1225 
_refine_hist.pdbx_number_atoms_nucleic_acid   0 
_refine_hist.pdbx_number_atoms_ligand         5 
_refine_hist.pdbx_number_atoms_lipid          ? 
_refine_hist.pdbx_number_atoms_carb           ? 
_refine_hist.pdbx_pseudo_atom_details         ? 
# 
loop_
_refine_ls_restr.pdbx_refine_id 
_refine_ls_restr.criterion 
_refine_ls_restr.dev_ideal 
_refine_ls_restr.dev_ideal_target 
_refine_ls_restr.number 
_refine_ls_restr.rejects 
_refine_ls_restr.type 
_refine_ls_restr.weight 
_refine_ls_restr.pdbx_restraint_function 
'X-RAY DIFFRACTION' ? 0.002  0.013  1247 ? r_bond_refined_d             ? ? 
'X-RAY DIFFRACTION' ? 0.001  0.017  1190 ? r_bond_other_d               ? ? 
'X-RAY DIFFRACTION' ? 1.154  1.619  1703 ? r_angle_refined_deg          ? ? 
'X-RAY DIFFRACTION' ? 1.071  1.563  2753 ? r_angle_other_deg            ? ? 
'X-RAY DIFFRACTION' ? 5.385  5.000  161  ? r_dihedral_angle_1_deg       ? ? 
'X-RAY DIFFRACTION' ? 28.587 23.469 49   ? r_dihedral_angle_2_deg       ? ? 
'X-RAY DIFFRACTION' ? 11.126 15.000 204  ? r_dihedral_angle_3_deg       ? ? 
'X-RAY DIFFRACTION' ? 8.587  15.000 4    ? r_dihedral_angle_4_deg       ? ? 
'X-RAY DIFFRACTION' ? 0.033  0.200  173  ? r_chiral_restr               ? ? 
'X-RAY DIFFRACTION' ? 0.002  0.020  1368 ? r_gen_planes_refined         ? ? 
'X-RAY DIFFRACTION' ? 0.001  0.020  224  ? r_gen_planes_other           ? ? 
'X-RAY DIFFRACTION' ? ?      ?      ?    ? r_nbd_refined                ? ? 
'X-RAY DIFFRACTION' ? ?      ?      ?    ? r_nbd_other                  ? ? 
'X-RAY DIFFRACTION' ? ?      ?      ?    ? r_nbtor_refined              ? ? 
'X-RAY DIFFRACTION' ? ?      ?      ?    ? r_nbtor_other                ? ? 
'X-RAY DIFFRACTION' ? ?      ?      ?    ? r_xyhbond_nbd_refined        ? ? 
'X-RAY DIFFRACTION' ? ?      ?      ?    ? r_xyhbond_nbd_other          ? ? 
'X-RAY DIFFRACTION' ? ?      ?      ?    ? r_metal_ion_refined          ? ? 
'X-RAY DIFFRACTION' ? ?      ?      ?    ? r_metal_ion_other            ? ? 
'X-RAY DIFFRACTION' ? ?      ?      ?    ? r_symmetry_vdw_refined       ? ? 
'X-RAY DIFFRACTION' ? ?      ?      ?    ? r_symmetry_vdw_other         ? ? 
'X-RAY DIFFRACTION' ? ?      ?      ?    ? r_symmetry_hbond_refined     ? ? 
'X-RAY DIFFRACTION' ? ?      ?      ?    ? r_symmetry_hbond_other       ? ? 
'X-RAY DIFFRACTION' ? ?      ?      ?    ? r_symmetry_metal_ion_refined ? ? 
'X-RAY DIFFRACTION' ? ?      ?      ?    ? r_symmetry_metal_ion_other   ? ? 
'X-RAY DIFFRACTION' ? 0.875  3.726  650  ? r_mcbond_it                  ? ? 
'X-RAY DIFFRACTION' ? 0.875  3.725  649  ? r_mcbond_other               ? ? 
'X-RAY DIFFRACTION' ? 1.612  5.581  809  ? r_mcangle_it                 ? ? 
'X-RAY DIFFRACTION' ? 1.612  5.582  810  ? r_mcangle_other              ? ? 
'X-RAY DIFFRACTION' ? 0.555  3.710  597  ? r_scbond_it                  ? ? 
'X-RAY DIFFRACTION' ? 0.555  3.712  598  ? r_scbond_other               ? ? 
'X-RAY DIFFRACTION' ? ?      ?      ?    ? r_scangle_it                 ? ? 
'X-RAY DIFFRACTION' ? 1.049  5.547  895  ? r_scangle_other              ? ? 
'X-RAY DIFFRACTION' ? 3.038  43.374 1282 ? r_long_range_B_refined       ? ? 
'X-RAY DIFFRACTION' ? 3.025  43.352 1281 ? r_long_range_B_other         ? ? 
'X-RAY DIFFRACTION' ? ?      ?      ?    ? r_rigid_bond_restr           ? ? 
'X-RAY DIFFRACTION' ? ?      ?      ?    ? r_sphericity_free            ? ? 
'X-RAY DIFFRACTION' ? ?      ?      ?    ? r_sphericity_bonded          ? ? 
# 
loop_
_refine_ls_restr_ncs.pdbx_refine_id 
_refine_ls_restr_ncs.dom_id 
_refine_ls_restr_ncs.ncs_model_details 
_refine_ls_restr_ncs.rms_dev_B_iso 
_refine_ls_restr_ncs.rms_dev_position 
_refine_ls_restr_ncs.weight_B_iso 
_refine_ls_restr_ncs.weight_position 
_refine_ls_restr_ncs.pdbx_ordinal 
_refine_ls_restr_ncs.pdbx_type 
_refine_ls_restr_ncs.pdbx_asym_id 
_refine_ls_restr_ncs.pdbx_auth_asym_id 
_refine_ls_restr_ncs.pdbx_number 
_refine_ls_restr_ncs.pdbx_rms 
_refine_ls_restr_ncs.pdbx_weight 
_refine_ls_restr_ncs.pdbx_ens_id 
'X-RAY DIFFRACTION' 1 ? ? 0.11 ? 0.05 1 'interatomic distance' ? A 2102 ? ? 1 
'X-RAY DIFFRACTION' 2 ? ? 0.11 ? 0.05 2 'interatomic distance' ? B 2102 ? ? 1 
# 
_refine_ls_shell.pdbx_refine_id                   'X-RAY DIFFRACTION' 
_refine_ls_shell.d_res_high                       2.3 
_refine_ls_shell.d_res_low                        2.355 
_refine_ls_shell.number_reflns_all                ? 
_refine_ls_shell.number_reflns_obs                ? 
_refine_ls_shell.number_reflns_R_free             52 
_refine_ls_shell.number_reflns_R_work             418 
_refine_ls_shell.percent_reflns_obs               88.85 
_refine_ls_shell.percent_reflns_R_free            ? 
_refine_ls_shell.R_factor_all                     ? 
_refine_ls_shell.R_factor_obs                     ? 
_refine_ls_shell.R_factor_R_free                  0.340 
_refine_ls_shell.R_factor_R_free_error            ? 
_refine_ls_shell.R_factor_R_work                  0.318 
_refine_ls_shell.redundancy_reflns_all            ? 
_refine_ls_shell.redundancy_reflns_obs            ? 
_refine_ls_shell.wR_factor_all                    ? 
_refine_ls_shell.wR_factor_obs                    ? 
_refine_ls_shell.wR_factor_R_free                 ? 
_refine_ls_shell.wR_factor_R_work                 ? 
_refine_ls_shell.pdbx_R_complete                  ? 
_refine_ls_shell.pdbx_total_number_of_bins_used   ? 
_refine_ls_shell.pdbx_phase_error                 ? 
_refine_ls_shell.pdbx_fsc_work                    ? 
_refine_ls_shell.pdbx_fsc_free                    ? 
# 
loop_
_struct_ncs_dom.id 
_struct_ncs_dom.details 
_struct_ncs_dom.pdbx_ens_id 
1 A 1 
2 B 1 
# 
loop_
_struct_ncs_dom_lim.pdbx_ens_id 
_struct_ncs_dom_lim.dom_id 
_struct_ncs_dom_lim.pdbx_component_id 
_struct_ncs_dom_lim.beg_label_asym_id 
_struct_ncs_dom_lim.beg_label_comp_id 
_struct_ncs_dom_lim.beg_label_seq_id 
_struct_ncs_dom_lim.beg_label_alt_id 
_struct_ncs_dom_lim.end_label_asym_id 
_struct_ncs_dom_lim.end_label_comp_id 
_struct_ncs_dom_lim.end_label_seq_id 
_struct_ncs_dom_lim.end_label_alt_id 
_struct_ncs_dom_lim.beg_auth_asym_id 
_struct_ncs_dom_lim.beg_auth_comp_id 
_struct_ncs_dom_lim.beg_auth_seq_id 
_struct_ncs_dom_lim.end_auth_asym_id 
_struct_ncs_dom_lim.end_auth_comp_id 
_struct_ncs_dom_lim.end_auth_seq_id 
_struct_ncs_dom_lim.pdbx_refine_code 
_struct_ncs_dom_lim.selection_details 
1 1 0 A GLU 9 . A ALA 84 . A GLU 214 A ALA 289 0 ? 
1 2 0 B GLU 9 . B ALA 84 . B GLU 214 B ALA 289 0 ? 
# 
_struct_ncs_ens.id        1 
_struct_ncs_ens.details   ? 
# 
_struct.entry_id                     6VD8 
_struct.title                        'Metal-bound C-terminal domain of CzcD transporter from Pseudomonas aeruginosa' 
_struct.pdbx_model_details           ? 
_struct.pdbx_formula_weight          ? 
_struct.pdbx_formula_weight_method   ? 
_struct.pdbx_model_type_details      ? 
_struct.pdbx_CASP_flag               N 
# 
_struct_keywords.entry_id        6VD8 
_struct_keywords.text            'cation diffusion facilitator protein (CDF), CzcD, TRANSPORT PROTEIN' 
_struct_keywords.pdbx_keywords   'TRANSPORT PROTEIN' 
# 
loop_
_struct_asym.id 
_struct_asym.pdbx_blank_PDB_chainid_flag 
_struct_asym.pdbx_modified 
_struct_asym.entity_id 
_struct_asym.details 
A N N 1 ? 
B N N 1 ? 
C N N 2 ? 
D N N 2 ? 
E N N 2 ? 
F N N 2 ? 
G N N 2 ? 
H N N 3 ? 
I N N 3 ? 
# 
_struct_ref.id                         1 
_struct_ref.db_name                    UNP 
_struct_ref.db_code                    Q9I6A3_PSEAE 
_struct_ref.pdbx_db_accession          Q9I6A3 
_struct_ref.pdbx_db_isoform            ? 
_struct_ref.entity_id                  1 
_struct_ref.pdbx_seq_one_letter_code   
;GVPKEIQLAELREALLGIPGVTGLHDLHVWSITSGKISLTSHLVYDPALVDAEALLGTVKALLHDRYEIEHSTLQLETSA
CA
;
_struct_ref.pdbx_align_begin           210 
# 
loop_
_struct_ref_seq.align_id 
_struct_ref_seq.ref_id 
_struct_ref_seq.pdbx_PDB_id_code 
_struct_ref_seq.pdbx_strand_id 
_struct_ref_seq.seq_align_beg 
_struct_ref_seq.pdbx_seq_align_beg_ins_code 
_struct_ref_seq.seq_align_end 
_struct_ref_seq.pdbx_seq_align_end_ins_code 
_struct_ref_seq.pdbx_db_accession 
_struct_ref_seq.db_align_beg 
_struct_ref_seq.pdbx_db_align_beg_ins_code 
_struct_ref_seq.db_align_end 
_struct_ref_seq.pdbx_db_align_end_ins_code 
_struct_ref_seq.pdbx_auth_seq_align_beg 
_struct_ref_seq.pdbx_auth_seq_align_end 
1 1 6VD8 A 5 ? 86 ? Q9I6A3 210 ? 291 ? 210 291 
2 1 6VD8 B 5 ? 86 ? Q9I6A3 210 ? 291 ? 210 291 
# 
loop_
_struct_ref_seq_dif.align_id 
_struct_ref_seq_dif.pdbx_pdb_id_code 
_struct_ref_seq_dif.mon_id 
_struct_ref_seq_dif.pdbx_pdb_strand_id 
_struct_ref_seq_dif.seq_num 
_struct_ref_seq_dif.pdbx_pdb_ins_code 
_struct_ref_seq_dif.pdbx_seq_db_name 
_struct_ref_seq_dif.pdbx_seq_db_accession_code 
_struct_ref_seq_dif.db_mon_id 
_struct_ref_seq_dif.pdbx_seq_db_seq_num 
_struct_ref_seq_dif.details 
_struct_ref_seq_dif.pdbx_auth_seq_num 
_struct_ref_seq_dif.pdbx_ordinal 
1 6VD8 PRO A 1 ? UNP Q9I6A3 ? ? 'expression tag' 206 1 
1 6VD8 LEU A 2 ? UNP Q9I6A3 ? ? 'expression tag' 207 2 
1 6VD8 GLY A 3 ? UNP Q9I6A3 ? ? 'expression tag' 208 3 
1 6VD8 SER A 4 ? UNP Q9I6A3 ? ? 'expression tag' 209 4 
2 6VD8 PRO B 1 ? UNP Q9I6A3 ? ? 'expression tag' 206 5 
2 6VD8 LEU B 2 ? UNP Q9I6A3 ? ? 'expression tag' 207 6 
2 6VD8 GLY B 3 ? UNP Q9I6A3 ? ? 'expression tag' 208 7 
2 6VD8 SER B 4 ? UNP Q9I6A3 ? ? 'expression tag' 209 8 
# 
_pdbx_struct_assembly.id                   1 
_pdbx_struct_assembly.details              author_and_software_defined_assembly 
_pdbx_struct_assembly.method_details       PISA 
_pdbx_struct_assembly.oligomeric_details   dimeric 
_pdbx_struct_assembly.oligomeric_count     2 
# 
loop_
_pdbx_struct_assembly_prop.biol_id 
_pdbx_struct_assembly_prop.type 
_pdbx_struct_assembly_prop.value 
_pdbx_struct_assembly_prop.details 
1 'ABSA (A^2)' 420  ? 
1 MORE         -78  ? 
1 'SSA (A^2)'  9870 ? 
# 
loop_
_pdbx_struct_assembly_gen.assembly_id 
_pdbx_struct_assembly_gen.oper_expression 
_pdbx_struct_assembly_gen.asym_id_list 
1 1 A,C,D,E,H 
1 2 B,F,G,I   
# 
_pdbx_struct_assembly_auth_evidence.id                     1 
_pdbx_struct_assembly_auth_evidence.assembly_id            1 
_pdbx_struct_assembly_auth_evidence.experimental_support   'equilibrium centrifugation' 
_pdbx_struct_assembly_auth_evidence.details                ? 
# 
loop_
_pdbx_struct_oper_list.id 
_pdbx_struct_oper_list.type 
_pdbx_struct_oper_list.name 
_pdbx_struct_oper_list.symmetry_operation 
_pdbx_struct_oper_list.matrix[1][1] 
_pdbx_struct_oper_list.matrix[1][2] 
_pdbx_struct_oper_list.matrix[1][3] 
_pdbx_struct_oper_list.vector[1] 
_pdbx_struct_oper_list.matrix[2][1] 
_pdbx_struct_oper_list.matrix[2][2] 
_pdbx_struct_oper_list.matrix[2][3] 
_pdbx_struct_oper_list.vector[2] 
_pdbx_struct_oper_list.matrix[3][1] 
_pdbx_struct_oper_list.matrix[3][2] 
_pdbx_struct_oper_list.matrix[3][3] 
_pdbx_struct_oper_list.vector[3] 
1 'identity operation'         1_555 x,y,z   1.0000000000 0.0000000000 0.0000000000 0.0000000000  0.0000000000 1.0000000000 0.0000000000 0.0000000000   0.0000000000 0.0000000000 1.0000000000 0.0000000000  
2 'crystal symmetry operation' 1_455 x-1,y,z 1.0000000000 0.0000000000 0.0000000000 10.8518387272 0.0000000000 1.0000000000 0.0000000000 -15.9671396154 0.0000000000 0.0000000000 1.0000000000 31.4655224769 
# 
loop_
_struct_conf.conf_type_id 
_struct_conf.id 
_struct_conf.pdbx_PDB_helix_id 
_struct_conf.beg_label_comp_id 
_struct_conf.beg_label_asym_id 
_struct_conf.beg_label_seq_id 
_struct_conf.pdbx_beg_PDB_ins_code 
_struct_conf.end_label_comp_id 
_struct_conf.end_label_asym_id 
_struct_conf.end_label_seq_id 
_struct_conf.pdbx_end_PDB_ins_code 
_struct_conf.beg_auth_comp_id 
_struct_conf.beg_auth_asym_id 
_struct_conf.beg_auth_seq_id 
_struct_conf.end_auth_comp_id 
_struct_conf.end_auth_asym_id 
_struct_conf.end_auth_seq_id 
_struct_conf.pdbx_PDB_helix_class 
_struct_conf.details 
_struct_conf.pdbx_PDB_helix_length 
HELX_P HELX_P1 AA1 LYS A 8  ? GLY A 21 ? LYS A 213 GLY A 226 1 ? 14 
HELX_P HELX_P2 AA2 ASP A 55 ? GLU A 72 ? ASP A 260 GLU A 277 1 ? 18 
HELX_P HELX_P3 AA3 GLN B 11 ? GLY B 21 ? GLN B 216 GLY B 226 1 ? 11 
HELX_P HELX_P4 AA4 ASP B 55 ? GLU B 72 ? ASP B 260 GLU B 277 1 ? 18 
# 
_struct_conf_type.id          HELX_P 
_struct_conf_type.criteria    ? 
_struct_conf_type.reference   ? 
# 
loop_
_struct_conn.id 
_struct_conn.conn_type_id 
_struct_conn.pdbx_leaving_atom_flag 
_struct_conn.pdbx_PDB_id 
_struct_conn.ptnr1_label_asym_id 
_struct_conn.ptnr1_label_comp_id 
_struct_conn.ptnr1_label_seq_id 
_struct_conn.ptnr1_label_atom_id 
_struct_conn.pdbx_ptnr1_label_alt_id 
_struct_conn.pdbx_ptnr1_PDB_ins_code 
_struct_conn.pdbx_ptnr1_standard_comp_id 
_struct_conn.ptnr1_symmetry 
_struct_conn.ptnr2_label_asym_id 
_struct_conn.ptnr2_label_comp_id 
_struct_conn.ptnr2_label_seq_id 
_struct_conn.ptnr2_label_atom_id 
_struct_conn.pdbx_ptnr2_label_alt_id 
_struct_conn.pdbx_ptnr2_PDB_ins_code 
_struct_conn.ptnr1_auth_asym_id 
_struct_conn.ptnr1_auth_comp_id 
_struct_conn.ptnr1_auth_seq_id 
_struct_conn.ptnr2_auth_asym_id 
_struct_conn.ptnr2_auth_comp_id 
_struct_conn.ptnr2_auth_seq_id 
_struct_conn.ptnr2_symmetry 
_struct_conn.pdbx_ptnr3_label_atom_id 
_struct_conn.pdbx_ptnr3_label_seq_id 
_struct_conn.pdbx_ptnr3_label_comp_id 
_struct_conn.pdbx_ptnr3_label_asym_id 
_struct_conn.pdbx_ptnr3_label_alt_id 
_struct_conn.pdbx_ptnr3_PDB_ins_code 
_struct_conn.details 
_struct_conn.pdbx_dist_value 
_struct_conn.pdbx_value_order 
_struct_conn.pdbx_role 
metalc1  metalc ? ? A HIS 29 NE2 ? ? ? 1_555 D ZN  .  ZN  ? ? A HIS 234 A ZN  302 1_555 ? ? ? ? ? ? ? 2.157 ? ? 
metalc2  metalc ? ? A ASP 30 OD1 ? ? ? 1_555 C ZN  .  ZN  ? ? A ASP 235 A ZN  301 1_555 ? ? ? ? ? ? ? 2.000 ? ? 
metalc3  metalc ? ? A HIS 32 NE2 ? ? ? 1_555 C ZN  .  ZN  ? ? A HIS 237 A ZN  301 1_555 ? ? ? ? ? ? ? 1.930 ? ? 
metalc4  metalc ? ? A HIS 46 ND1 ? ? ? 1_555 D ZN  .  ZN  ? ? A HIS 251 A ZN  302 1_555 ? ? ? ? ? ? ? 2.056 ? ? 
metalc5  metalc ? ? A HIS 68 NE2 ? ? ? 1_555 E ZN  .  ZN  ? ? A HIS 273 A ZN  303 1_555 ? ? ? ? ? ? ? 2.174 ? ? 
metalc6  metalc ? ? A GLU 74 OE1 ? ? ? 1_555 E ZN  .  ZN  ? ? A GLU 279 A ZN  303 1_555 ? ? ? ? ? ? ? 2.541 ? ? 
metalc7  metalc ? ? A GLU 74 OE2 ? ? ? 1_555 E ZN  .  ZN  ? ? A GLU 279 A ZN  303 1_555 ? ? ? ? ? ? ? 1.842 ? ? 
metalc8  metalc ? ? A HIS 75 NE2 ? ? ? 1_555 G ZN  .  ZN  ? ? A HIS 280 B ZN  302 1_555 ? ? ? ? ? ? ? 1.963 ? ? 
metalc9  metalc ? ? A GLU 81 OE1 ? ? ? 1_555 D ZN  .  ZN  ? ? A GLU 286 A ZN  302 1_555 ? ? ? ? ? ? ? 2.176 ? ? 
metalc10 metalc ? ? A CYS 85 SG  ? ? ? 1_555 D ZN  .  ZN  ? ? A CYS 290 A ZN  302 1_555 ? ? ? ? ? ? ? 2.282 ? ? 
metalc11 metalc ? ? C ZN  .  ZN  ? ? ? 3_656 B GLU 17 OE2 ? ? A ZN  301 B GLU 222 1_555 ? ? ? ? ? ? ? 2.229 ? ? 
metalc12 metalc ? ? C ZN  .  ZN  ? ? ? 1_555 B HIS 75 NE2 ? ? A ZN  301 B HIS 280 1_555 ? ? ? ? ? ? ? 1.927 ? ? 
metalc13 metalc ? ? E ZN  .  ZN  ? ? ? 1_655 B HIS 68 NE2 ? ? A ZN  303 B HIS 273 1_555 ? ? ? ? ? ? ? 1.985 ? ? 
metalc14 metalc ? ? E ZN  .  ZN  ? ? ? 1_655 B GLU 74 OE2 ? ? A ZN  303 B GLU 279 1_555 ? ? ? ? ? ? ? 1.953 ? ? 
metalc15 metalc ? ? B HIS 29 NE2 ? ? ? 1_555 F ZN  .  ZN  ? ? B HIS 234 B ZN  301 1_555 ? ? ? ? ? ? ? 2.178 ? ? 
metalc16 metalc ? ? B ASP 30 OD1 ? ? ? 1_555 G ZN  .  ZN  ? ? B ASP 235 B ZN  302 1_555 ? ? ? ? ? ? ? 1.991 ? ? 
metalc17 metalc ? ? B HIS 32 NE2 ? ? ? 1_555 G ZN  .  ZN  ? ? B HIS 237 B ZN  302 1_555 ? ? ? ? ? ? ? 2.032 ? ? 
metalc18 metalc ? ? B HIS 46 ND1 ? ? ? 1_555 F ZN  .  ZN  ? ? B HIS 251 B ZN  301 1_555 ? ? ? ? ? ? ? 2.163 ? ? 
metalc19 metalc ? ? B GLU 81 OE1 ? ? ? 1_555 F ZN  .  ZN  ? ? B GLU 286 B ZN  301 1_555 ? ? ? ? ? ? ? 2.060 ? ? 
metalc20 metalc ? ? B CYS 85 SG  ? ? ? 1_555 F ZN  .  ZN  ? ? B CYS 290 B ZN  301 1_555 ? ? ? ? ? ? ? 2.330 ? ? 
metalc21 metalc ? ? G ZN  .  ZN  ? ? ? 1_555 I HOH .  O   ? ? B ZN  302 B HOH 417 1_555 ? ? ? ? ? ? ? 2.175 ? ? 
# 
_struct_conn_type.id          metalc 
_struct_conn_type.criteria    ? 
_struct_conn_type.reference   ? 
# 
loop_
_pdbx_struct_conn_angle.id 
_pdbx_struct_conn_angle.ptnr1_label_atom_id 
_pdbx_struct_conn_angle.ptnr1_label_alt_id 
_pdbx_struct_conn_angle.ptnr1_label_asym_id 
_pdbx_struct_conn_angle.ptnr1_label_comp_id 
_pdbx_struct_conn_angle.ptnr1_label_seq_id 
_pdbx_struct_conn_angle.ptnr1_auth_atom_id 
_pdbx_struct_conn_angle.ptnr1_auth_asym_id 
_pdbx_struct_conn_angle.ptnr1_auth_comp_id 
_pdbx_struct_conn_angle.ptnr1_auth_seq_id 
_pdbx_struct_conn_angle.ptnr1_PDB_ins_code 
_pdbx_struct_conn_angle.ptnr1_symmetry 
_pdbx_struct_conn_angle.ptnr2_label_atom_id 
_pdbx_struct_conn_angle.ptnr2_label_alt_id 
_pdbx_struct_conn_angle.ptnr2_label_asym_id 
_pdbx_struct_conn_angle.ptnr2_label_comp_id 
_pdbx_struct_conn_angle.ptnr2_label_seq_id 
_pdbx_struct_conn_angle.ptnr2_auth_atom_id 
_pdbx_struct_conn_angle.ptnr2_auth_asym_id 
_pdbx_struct_conn_angle.ptnr2_auth_comp_id 
_pdbx_struct_conn_angle.ptnr2_auth_seq_id 
_pdbx_struct_conn_angle.ptnr2_PDB_ins_code 
_pdbx_struct_conn_angle.ptnr2_symmetry 
_pdbx_struct_conn_angle.ptnr3_label_atom_id 
_pdbx_struct_conn_angle.ptnr3_label_alt_id 
_pdbx_struct_conn_angle.ptnr3_label_asym_id 
_pdbx_struct_conn_angle.ptnr3_label_comp_id 
_pdbx_struct_conn_angle.ptnr3_label_seq_id 
_pdbx_struct_conn_angle.ptnr3_auth_atom_id 
_pdbx_struct_conn_angle.ptnr3_auth_asym_id 
_pdbx_struct_conn_angle.ptnr3_auth_comp_id 
_pdbx_struct_conn_angle.ptnr3_auth_seq_id 
_pdbx_struct_conn_angle.ptnr3_PDB_ins_code 
_pdbx_struct_conn_angle.ptnr3_symmetry 
_pdbx_struct_conn_angle.value 
_pdbx_struct_conn_angle.value_esd 
1  NE2 ? A HIS 29 ? A HIS 234 ? 1_555 ZN ? D ZN . ? A ZN 302 ? 1_555 ND1 ? A HIS 46 ? A HIS 251 ? 1_555 113.2 ? 
2  NE2 ? A HIS 29 ? A HIS 234 ? 1_555 ZN ? D ZN . ? A ZN 302 ? 1_555 OE1 ? A GLU 81 ? A GLU 286 ? 1_555 92.3  ? 
3  ND1 ? A HIS 46 ? A HIS 251 ? 1_555 ZN ? D ZN . ? A ZN 302 ? 1_555 OE1 ? A GLU 81 ? A GLU 286 ? 1_555 121.9 ? 
4  NE2 ? A HIS 29 ? A HIS 234 ? 1_555 ZN ? D ZN . ? A ZN 302 ? 1_555 SG  ? A CYS 85 ? A CYS 290 ? 1_555 113.4 ? 
5  ND1 ? A HIS 46 ? A HIS 251 ? 1_555 ZN ? D ZN . ? A ZN 302 ? 1_555 SG  ? A CYS 85 ? A CYS 290 ? 1_555 112.9 ? 
6  OE1 ? A GLU 81 ? A GLU 286 ? 1_555 ZN ? D ZN . ? A ZN 302 ? 1_555 SG  ? A CYS 85 ? A CYS 290 ? 1_555 101.3 ? 
7  OD1 ? A ASP 30 ? A ASP 235 ? 1_555 ZN ? C ZN . ? A ZN 301 ? 1_555 NE2 ? A HIS 32 ? A HIS 237 ? 1_555 121.6 ? 
8  OD1 ? A ASP 30 ? A ASP 235 ? 1_555 ZN ? C ZN . ? A ZN 301 ? 1_555 OE2 ? B GLU 17 ? B GLU 222 ? 1_555 103.0 ? 
9  NE2 ? A HIS 32 ? A HIS 237 ? 1_555 ZN ? C ZN . ? A ZN 301 ? 1_555 OE2 ? B GLU 17 ? B GLU 222 ? 1_555 92.4  ? 
10 OD1 ? A ASP 30 ? A ASP 235 ? 1_555 ZN ? C ZN . ? A ZN 301 ? 1_555 NE2 ? B HIS 75 ? B HIS 280 ? 1_555 100.7 ? 
11 NE2 ? A HIS 32 ? A HIS 237 ? 1_555 ZN ? C ZN . ? A ZN 301 ? 1_555 NE2 ? B HIS 75 ? B HIS 280 ? 1_555 116.5 ? 
12 OE2 ? B GLU 17 ? B GLU 222 ? 1_555 ZN ? C ZN . ? A ZN 301 ? 1_555 NE2 ? B HIS 75 ? B HIS 280 ? 1_555 28.9  ? 
13 NE2 ? A HIS 68 ? A HIS 273 ? 1_555 ZN ? E ZN . ? A ZN 303 ? 1_555 OE1 ? A GLU 74 ? A GLU 279 ? 1_555 105.2 ? 
14 NE2 ? A HIS 68 ? A HIS 273 ? 1_555 ZN ? E ZN . ? A ZN 303 ? 1_555 OE2 ? A GLU 74 ? A GLU 279 ? 1_555 96.8  ? 
15 OE1 ? A GLU 74 ? A GLU 279 ? 1_555 ZN ? E ZN . ? A ZN 303 ? 1_555 OE2 ? A GLU 74 ? A GLU 279 ? 1_555 57.7  ? 
16 NE2 ? A HIS 68 ? A HIS 273 ? 1_555 ZN ? E ZN . ? A ZN 303 ? 1_555 NE2 ? B HIS 68 ? B HIS 273 ? 1_555 83.2  ? 
17 OE1 ? A GLU 74 ? A GLU 279 ? 1_555 ZN ? E ZN . ? A ZN 303 ? 1_555 NE2 ? B HIS 68 ? B HIS 273 ? 1_555 22.3  ? 
18 OE2 ? A GLU 74 ? A GLU 279 ? 1_555 ZN ? E ZN . ? A ZN 303 ? 1_555 NE2 ? B HIS 68 ? B HIS 273 ? 1_555 56.8  ? 
19 NE2 ? A HIS 68 ? A HIS 273 ? 1_555 ZN ? E ZN . ? A ZN 303 ? 1_555 OE2 ? B GLU 74 ? B GLU 279 ? 1_555 84.0  ? 
20 OE1 ? A GLU 74 ? A GLU 279 ? 1_555 ZN ? E ZN . ? A ZN 303 ? 1_555 OE2 ? B GLU 74 ? B GLU 279 ? 1_555 22.5  ? 
21 OE2 ? A GLU 74 ? A GLU 279 ? 1_555 ZN ? E ZN . ? A ZN 303 ? 1_555 OE2 ? B GLU 74 ? B GLU 279 ? 1_555 52.2  ? 
22 NE2 ? B HIS 68 ? B HIS 273 ? 1_555 ZN ? E ZN . ? A ZN 303 ? 1_555 OE2 ? B GLU 74 ? B GLU 279 ? 1_555 4.6   ? 
23 NE2 ? A HIS 75 ? A HIS 280 ? 1_555 ZN ? G ZN . ? B ZN 302 ? 1_555 OD1 ? B ASP 30 ? B ASP 235 ? 1_555 93.8  ? 
24 NE2 ? A HIS 75 ? A HIS 280 ? 1_555 ZN ? G ZN . ? B ZN 302 ? 1_555 NE2 ? B HIS 32 ? B HIS 237 ? 1_555 112.0 ? 
25 OD1 ? B ASP 30 ? B ASP 235 ? 1_555 ZN ? G ZN . ? B ZN 302 ? 1_555 NE2 ? B HIS 32 ? B HIS 237 ? 1_555 116.5 ? 
26 NE2 ? A HIS 75 ? A HIS 280 ? 1_555 ZN ? G ZN . ? B ZN 302 ? 1_555 O   ? I HOH .  ? B HOH 417 ? 1_555 110.5 ? 
27 OD1 ? B ASP 30 ? B ASP 235 ? 1_555 ZN ? G ZN . ? B ZN 302 ? 1_555 O   ? I HOH .  ? B HOH 417 ? 1_555 101.1 ? 
28 NE2 ? B HIS 32 ? B HIS 237 ? 1_555 ZN ? G ZN . ? B ZN 302 ? 1_555 O   ? I HOH .  ? B HOH 417 ? 1_555 119.5 ? 
29 NE2 ? B HIS 29 ? B HIS 234 ? 1_555 ZN ? F ZN . ? B ZN 301 ? 1_555 ND1 ? B HIS 46 ? B HIS 251 ? 1_555 108.1 ? 
30 NE2 ? B HIS 29 ? B HIS 234 ? 1_555 ZN ? F ZN . ? B ZN 301 ? 1_555 OE1 ? B GLU 81 ? B GLU 286 ? 1_555 95.3  ? 
31 ND1 ? B HIS 46 ? B HIS 251 ? 1_555 ZN ? F ZN . ? B ZN 301 ? 1_555 OE1 ? B GLU 81 ? B GLU 286 ? 1_555 122.0 ? 
32 NE2 ? B HIS 29 ? B HIS 234 ? 1_555 ZN ? F ZN . ? B ZN 301 ? 1_555 SG  ? B CYS 85 ? B CYS 290 ? 1_555 118.3 ? 
33 ND1 ? B HIS 46 ? B HIS 251 ? 1_555 ZN ? F ZN . ? B ZN 301 ? 1_555 SG  ? B CYS 85 ? B CYS 290 ? 1_555 107.8 ? 
34 OE1 ? B GLU 81 ? B GLU 286 ? 1_555 ZN ? F ZN . ? B ZN 301 ? 1_555 SG  ? B CYS 85 ? B CYS 290 ? 1_555 105.7 ? 
# 
loop_
_struct_sheet.id 
_struct_sheet.type 
_struct_sheet.number_strands 
_struct_sheet.details 
AA1 ? 3 ? 
AA2 ? 3 ? 
# 
loop_
_struct_sheet_order.sheet_id 
_struct_sheet_order.range_id_1 
_struct_sheet_order.range_id_2 
_struct_sheet_order.offset 
_struct_sheet_order.sense 
AA1 1 2 ? anti-parallel 
AA1 2 3 ? parallel      
AA2 1 2 ? anti-parallel 
AA2 2 3 ? parallel      
# 
loop_
_struct_sheet_range.sheet_id 
_struct_sheet_range.id 
_struct_sheet_range.beg_label_comp_id 
_struct_sheet_range.beg_label_asym_id 
_struct_sheet_range.beg_label_seq_id 
_struct_sheet_range.pdbx_beg_PDB_ins_code 
_struct_sheet_range.end_label_comp_id 
_struct_sheet_range.end_label_asym_id 
_struct_sheet_range.end_label_seq_id 
_struct_sheet_range.pdbx_end_PDB_ins_code 
_struct_sheet_range.beg_auth_comp_id 
_struct_sheet_range.beg_auth_asym_id 
_struct_sheet_range.beg_auth_seq_id 
_struct_sheet_range.end_auth_comp_id 
_struct_sheet_range.end_auth_asym_id 
_struct_sheet_range.end_auth_seq_id 
AA1 1 VAL A 25 ? TRP A 34 ? VAL A 230 TRP A 239 
AA1 2 SER A 42 ? TYR A 49 ? SER A 247 TYR A 254 
AA1 3 HIS A 75 ? GLU A 81 ? HIS A 280 GLU A 286 
AA2 1 VAL B 25 ? SER B 35 ? VAL B 230 SER B 240 
AA2 2 ILE B 41 ? TYR B 49 ? ILE B 246 TYR B 254 
AA2 3 HIS B 75 ? GLU B 81 ? HIS B 280 GLU B 286 
# 
loop_
_pdbx_struct_sheet_hbond.sheet_id 
_pdbx_struct_sheet_hbond.range_id_1 
_pdbx_struct_sheet_hbond.range_id_2 
_pdbx_struct_sheet_hbond.range_1_label_atom_id 
_pdbx_struct_sheet_hbond.range_1_label_comp_id 
_pdbx_struct_sheet_hbond.range_1_label_asym_id 
_pdbx_struct_sheet_hbond.range_1_label_seq_id 
_pdbx_struct_sheet_hbond.range_1_PDB_ins_code 
_pdbx_struct_sheet_hbond.range_1_auth_atom_id 
_pdbx_struct_sheet_hbond.range_1_auth_comp_id 
_pdbx_struct_sheet_hbond.range_1_auth_asym_id 
_pdbx_struct_sheet_hbond.range_1_auth_seq_id 
_pdbx_struct_sheet_hbond.range_2_label_atom_id 
_pdbx_struct_sheet_hbond.range_2_label_comp_id 
_pdbx_struct_sheet_hbond.range_2_label_asym_id 
_pdbx_struct_sheet_hbond.range_2_label_seq_id 
_pdbx_struct_sheet_hbond.range_2_PDB_ins_code 
_pdbx_struct_sheet_hbond.range_2_auth_atom_id 
_pdbx_struct_sheet_hbond.range_2_auth_comp_id 
_pdbx_struct_sheet_hbond.range_2_auth_asym_id 
_pdbx_struct_sheet_hbond.range_2_auth_seq_id 
AA1 1 2 N HIS A 32 ? N HIS A 237 O THR A 44 ? O THR A 249 
AA1 2 3 N LEU A 47 ? N LEU A 252 O GLN A 79 ? O GLN A 284 
AA2 1 2 N HIS B 32 ? N HIS B 237 O THR B 44 ? O THR B 249 
AA2 2 3 N LEU B 47 ? N LEU B 252 O GLN B 79 ? O GLN B 284 
# 
loop_
_struct_site.id 
_struct_site.pdbx_evidence_code 
_struct_site.pdbx_auth_asym_id 
_struct_site.pdbx_auth_comp_id 
_struct_site.pdbx_auth_seq_id 
_struct_site.pdbx_auth_ins_code 
_struct_site.pdbx_num_residues 
_struct_site.details 
AC1 Software A ZN 301 ? 4 'binding site for residue ZN A 301' 
AC2 Software A ZN 302 ? 4 'binding site for residue ZN A 302' 
AC3 Software A ZN 303 ? 4 'binding site for residue ZN A 303' 
AC4 Software B ZN 301 ? 4 'binding site for residue ZN B 301' 
AC5 Software B ZN 302 ? 4 'binding site for residue ZN B 302' 
# 
loop_
_struct_site_gen.id 
_struct_site_gen.site_id 
_struct_site_gen.pdbx_num_res 
_struct_site_gen.label_comp_id 
_struct_site_gen.label_asym_id 
_struct_site_gen.label_seq_id 
_struct_site_gen.pdbx_auth_ins_code 
_struct_site_gen.auth_comp_id 
_struct_site_gen.auth_asym_id 
_struct_site_gen.auth_seq_id 
_struct_site_gen.label_atom_id 
_struct_site_gen.label_alt_id 
_struct_site_gen.symmetry 
_struct_site_gen.details 
1  AC1 4 ASP A 30 ? ASP A 235 . ? 1_555 ? 
2  AC1 4 HIS A 32 ? HIS A 237 . ? 1_555 ? 
3  AC1 4 GLU B 17 ? GLU B 222 . ? 3_646 ? 
4  AC1 4 HIS B 75 ? HIS B 280 . ? 1_555 ? 
5  AC2 4 HIS A 29 ? HIS A 234 . ? 1_555 ? 
6  AC2 4 HIS A 46 ? HIS A 251 . ? 1_555 ? 
7  AC2 4 GLU A 81 ? GLU A 286 . ? 1_555 ? 
8  AC2 4 CYS A 85 ? CYS A 290 . ? 1_555 ? 
9  AC3 4 HIS A 68 ? HIS A 273 . ? 1_555 ? 
10 AC3 4 GLU A 74 ? GLU A 279 . ? 1_555 ? 
11 AC3 4 HIS B 68 ? HIS B 273 . ? 1_455 ? 
12 AC3 4 GLU B 74 ? GLU B 279 . ? 1_455 ? 
13 AC4 4 HIS B 29 ? HIS B 234 . ? 1_555 ? 
14 AC4 4 HIS B 46 ? HIS B 251 . ? 1_555 ? 
15 AC4 4 GLU B 81 ? GLU B 286 . ? 1_555 ? 
16 AC4 4 CYS B 85 ? CYS B 290 . ? 1_555 ? 
17 AC5 4 HIS A 75 ? HIS A 280 . ? 1_555 ? 
18 AC5 4 ASP B 30 ? ASP B 235 . ? 1_555 ? 
19 AC5 4 HIS B 32 ? HIS B 237 . ? 1_555 ? 
20 AC5 4 HOH I .  ? HOH B 417 . ? 1_555 ? 
# 
_pdbx_entry_details.entry_id                 6VD8 
_pdbx_entry_details.has_ligand_of_interest   Y 
_pdbx_entry_details.compound_details         ? 
_pdbx_entry_details.source_details           ? 
_pdbx_entry_details.nonpolymer_details       ? 
_pdbx_entry_details.sequence_details         ? 
# 
loop_
_pdbx_unobs_or_zero_occ_residues.id 
_pdbx_unobs_or_zero_occ_residues.PDB_model_num 
_pdbx_unobs_or_zero_occ_residues.polymer_flag 
_pdbx_unobs_or_zero_occ_residues.occupancy_flag 
_pdbx_unobs_or_zero_occ_residues.auth_asym_id 
_pdbx_unobs_or_zero_occ_residues.auth_comp_id 
_pdbx_unobs_or_zero_occ_residues.auth_seq_id 
_pdbx_unobs_or_zero_occ_residues.PDB_ins_code 
_pdbx_unobs_or_zero_occ_residues.label_asym_id 
_pdbx_unobs_or_zero_occ_residues.label_comp_id 
_pdbx_unobs_or_zero_occ_residues.label_seq_id 
1 1 Y 1 A ALA 291 ? A ALA 86 
2 1 Y 1 B PRO 206 ? B PRO 1  
3 1 Y 1 B LEU 207 ? B LEU 2  
4 1 Y 1 B GLY 208 ? B GLY 3  
5 1 Y 1 B SER 209 ? B SER 4  
6 1 Y 1 B GLY 210 ? B GLY 5  
7 1 Y 1 B VAL 211 ? B VAL 6  
8 1 Y 1 B PRO 212 ? B PRO 7  
9 1 Y 1 B LYS 213 ? B LYS 8  
# 
loop_
_chem_comp_atom.comp_id 
_chem_comp_atom.atom_id 
_chem_comp_atom.type_symbol 
_chem_comp_atom.pdbx_aromatic_flag 
_chem_comp_atom.pdbx_stereo_config 
_chem_comp_atom.pdbx_ordinal 
ALA N    N  N N 1   
ALA CA   C  N S 2   
ALA C    C  N N 3   
ALA O    O  N N 4   
ALA CB   C  N N 5   
ALA OXT  O  N N 6   
ALA H    H  N N 7   
ALA H2   H  N N 8   
ALA HA   H  N N 9   
ALA HB1  H  N N 10  
ALA HB2  H  N N 11  
ALA HB3  H  N N 12  
ALA HXT  H  N N 13  
ARG N    N  N N 14  
ARG CA   C  N S 15  
ARG C    C  N N 16  
ARG O    O  N N 17  
ARG CB   C  N N 18  
ARG CG   C  N N 19  
ARG CD   C  N N 20  
ARG NE   N  N N 21  
ARG CZ   C  N N 22  
ARG NH1  N  N N 23  
ARG NH2  N  N N 24  
ARG OXT  O  N N 25  
ARG H    H  N N 26  
ARG H2   H  N N 27  
ARG HA   H  N N 28  
ARG HB2  H  N N 29  
ARG HB3  H  N N 30  
ARG HG2  H  N N 31  
ARG HG3  H  N N 32  
ARG HD2  H  N N 33  
ARG HD3  H  N N 34  
ARG HE   H  N N 35  
ARG HH11 H  N N 36  
ARG HH12 H  N N 37  
ARG HH21 H  N N 38  
ARG HH22 H  N N 39  
ARG HXT  H  N N 40  
ASP N    N  N N 41  
ASP CA   C  N S 42  
ASP C    C  N N 43  
ASP O    O  N N 44  
ASP CB   C  N N 45  
ASP CG   C  N N 46  
ASP OD1  O  N N 47  
ASP OD2  O  N N 48  
ASP OXT  O  N N 49  
ASP H    H  N N 50  
ASP H2   H  N N 51  
ASP HA   H  N N 52  
ASP HB2  H  N N 53  
ASP HB3  H  N N 54  
ASP HD2  H  N N 55  
ASP HXT  H  N N 56  
CYS N    N  N N 57  
CYS CA   C  N R 58  
CYS C    C  N N 59  
CYS O    O  N N 60  
CYS CB   C  N N 61  
CYS SG   S  N N 62  
CYS OXT  O  N N 63  
CYS H    H  N N 64  
CYS H2   H  N N 65  
CYS HA   H  N N 66  
CYS HB2  H  N N 67  
CYS HB3  H  N N 68  
CYS HG   H  N N 69  
CYS HXT  H  N N 70  
GLN N    N  N N 71  
GLN CA   C  N S 72  
GLN C    C  N N 73  
GLN O    O  N N 74  
GLN CB   C  N N 75  
GLN CG   C  N N 76  
GLN CD   C  N N 77  
GLN OE1  O  N N 78  
GLN NE2  N  N N 79  
GLN OXT  O  N N 80  
GLN H    H  N N 81  
GLN H2   H  N N 82  
GLN HA   H  N N 83  
GLN HB2  H  N N 84  
GLN HB3  H  N N 85  
GLN HG2  H  N N 86  
GLN HG3  H  N N 87  
GLN HE21 H  N N 88  
GLN HE22 H  N N 89  
GLN HXT  H  N N 90  
GLU N    N  N N 91  
GLU CA   C  N S 92  
GLU C    C  N N 93  
GLU O    O  N N 94  
GLU CB   C  N N 95  
GLU CG   C  N N 96  
GLU CD   C  N N 97  
GLU OE1  O  N N 98  
GLU OE2  O  N N 99  
GLU OXT  O  N N 100 
GLU H    H  N N 101 
GLU H2   H  N N 102 
GLU HA   H  N N 103 
GLU HB2  H  N N 104 
GLU HB3  H  N N 105 
GLU HG2  H  N N 106 
GLU HG3  H  N N 107 
GLU HE2  H  N N 108 
GLU HXT  H  N N 109 
GLY N    N  N N 110 
GLY CA   C  N N 111 
GLY C    C  N N 112 
GLY O    O  N N 113 
GLY OXT  O  N N 114 
GLY H    H  N N 115 
GLY H2   H  N N 116 
GLY HA2  H  N N 117 
GLY HA3  H  N N 118 
GLY HXT  H  N N 119 
HIS N    N  N N 120 
HIS CA   C  N S 121 
HIS C    C  N N 122 
HIS O    O  N N 123 
HIS CB   C  N N 124 
HIS CG   C  Y N 125 
HIS ND1  N  Y N 126 
HIS CD2  C  Y N 127 
HIS CE1  C  Y N 128 
HIS NE2  N  Y N 129 
HIS OXT  O  N N 130 
HIS H    H  N N 131 
HIS H2   H  N N 132 
HIS HA   H  N N 133 
HIS HB2  H  N N 134 
HIS HB3  H  N N 135 
HIS HD1  H  N N 136 
HIS HD2  H  N N 137 
HIS HE1  H  N N 138 
HIS HE2  H  N N 139 
HIS HXT  H  N N 140 
HOH O    O  N N 141 
HOH H1   H  N N 142 
HOH H2   H  N N 143 
ILE N    N  N N 144 
ILE CA   C  N S 145 
ILE C    C  N N 146 
ILE O    O  N N 147 
ILE CB   C  N S 148 
ILE CG1  C  N N 149 
ILE CG2  C  N N 150 
ILE CD1  C  N N 151 
ILE OXT  O  N N 152 
ILE H    H  N N 153 
ILE H2   H  N N 154 
ILE HA   H  N N 155 
ILE HB   H  N N 156 
ILE HG12 H  N N 157 
ILE HG13 H  N N 158 
ILE HG21 H  N N 159 
ILE HG22 H  N N 160 
ILE HG23 H  N N 161 
ILE HD11 H  N N 162 
ILE HD12 H  N N 163 
ILE HD13 H  N N 164 
ILE HXT  H  N N 165 
LEU N    N  N N 166 
LEU CA   C  N S 167 
LEU C    C  N N 168 
LEU O    O  N N 169 
LEU CB   C  N N 170 
LEU CG   C  N N 171 
LEU CD1  C  N N 172 
LEU CD2  C  N N 173 
LEU OXT  O  N N 174 
LEU H    H  N N 175 
LEU H2   H  N N 176 
LEU HA   H  N N 177 
LEU HB2  H  N N 178 
LEU HB3  H  N N 179 
LEU HG   H  N N 180 
LEU HD11 H  N N 181 
LEU HD12 H  N N 182 
LEU HD13 H  N N 183 
LEU HD21 H  N N 184 
LEU HD22 H  N N 185 
LEU HD23 H  N N 186 
LEU HXT  H  N N 187 
LYS N    N  N N 188 
LYS CA   C  N S 189 
LYS C    C  N N 190 
LYS O    O  N N 191 
LYS CB   C  N N 192 
LYS CG   C  N N 193 
LYS CD   C  N N 194 
LYS CE   C  N N 195 
LYS NZ   N  N N 196 
LYS OXT  O  N N 197 
LYS H    H  N N 198 
LYS H2   H  N N 199 
LYS HA   H  N N 200 
LYS HB2  H  N N 201 
LYS HB3  H  N N 202 
LYS HG2  H  N N 203 
LYS HG3  H  N N 204 
LYS HD2  H  N N 205 
LYS HD3  H  N N 206 
LYS HE2  H  N N 207 
LYS HE3  H  N N 208 
LYS HZ1  H  N N 209 
LYS HZ2  H  N N 210 
LYS HZ3  H  N N 211 
LYS HXT  H  N N 212 
PRO N    N  N N 213 
PRO CA   C  N S 214 
PRO C    C  N N 215 
PRO O    O  N N 216 
PRO CB   C  N N 217 
PRO CG   C  N N 218 
PRO CD   C  N N 219 
PRO OXT  O  N N 220 
PRO H    H  N N 221 
PRO HA   H  N N 222 
PRO HB2  H  N N 223 
PRO HB3  H  N N 224 
PRO HG2  H  N N 225 
PRO HG3  H  N N 226 
PRO HD2  H  N N 227 
PRO HD3  H  N N 228 
PRO HXT  H  N N 229 
SER N    N  N N 230 
SER CA   C  N S 231 
SER C    C  N N 232 
SER O    O  N N 233 
SER CB   C  N N 234 
SER OG   O  N N 235 
SER OXT  O  N N 236 
SER H    H  N N 237 
SER H2   H  N N 238 
SER HA   H  N N 239 
SER HB2  H  N N 240 
SER HB3  H  N N 241 
SER HG   H  N N 242 
SER HXT  H  N N 243 
THR N    N  N N 244 
THR CA   C  N S 245 
THR C    C  N N 246 
THR O    O  N N 247 
THR CB   C  N R 248 
THR OG1  O  N N 249 
THR CG2  C  N N 250 
THR OXT  O  N N 251 
THR H    H  N N 252 
THR H2   H  N N 253 
THR HA   H  N N 254 
THR HB   H  N N 255 
THR HG1  H  N N 256 
THR HG21 H  N N 257 
THR HG22 H  N N 258 
THR HG23 H  N N 259 
THR HXT  H  N N 260 
TRP N    N  N N 261 
TRP CA   C  N S 262 
TRP C    C  N N 263 
TRP O    O  N N 264 
TRP CB   C  N N 265 
TRP CG   C  Y N 266 
TRP CD1  C  Y N 267 
TRP CD2  C  Y N 268 
TRP NE1  N  Y N 269 
TRP CE2  C  Y N 270 
TRP CE3  C  Y N 271 
TRP CZ2  C  Y N 272 
TRP CZ3  C  Y N 273 
TRP CH2  C  Y N 274 
TRP OXT  O  N N 275 
TRP H    H  N N 276 
TRP H2   H  N N 277 
TRP HA   H  N N 278 
TRP HB2  H  N N 279 
TRP HB3  H  N N 280 
TRP HD1  H  N N 281 
TRP HE1  H  N N 282 
TRP HE3  H  N N 283 
TRP HZ2  H  N N 284 
TRP HZ3  H  N N 285 
TRP HH2  H  N N 286 
TRP HXT  H  N N 287 
TYR N    N  N N 288 
TYR CA   C  N S 289 
TYR C    C  N N 290 
TYR O    O  N N 291 
TYR CB   C  N N 292 
TYR CG   C  Y N 293 
TYR CD1  C  Y N 294 
TYR CD2  C  Y N 295 
TYR CE1  C  Y N 296 
TYR CE2  C  Y N 297 
TYR CZ   C  Y N 298 
TYR OH   O  N N 299 
TYR OXT  O  N N 300 
TYR H    H  N N 301 
TYR H2   H  N N 302 
TYR HA   H  N N 303 
TYR HB2  H  N N 304 
TYR HB3  H  N N 305 
TYR HD1  H  N N 306 
TYR HD2  H  N N 307 
TYR HE1  H  N N 308 
TYR HE2  H  N N 309 
TYR HH   H  N N 310 
TYR HXT  H  N N 311 
VAL N    N  N N 312 
VAL CA   C  N S 313 
VAL C    C  N N 314 
VAL O    O  N N 315 
VAL CB   C  N N 316 
VAL CG1  C  N N 317 
VAL CG2  C  N N 318 
VAL OXT  O  N N 319 
VAL H    H  N N 320 
VAL H2   H  N N 321 
VAL HA   H  N N 322 
VAL HB   H  N N 323 
VAL HG11 H  N N 324 
VAL HG12 H  N N 325 
VAL HG13 H  N N 326 
VAL HG21 H  N N 327 
VAL HG22 H  N N 328 
VAL HG23 H  N N 329 
VAL HXT  H  N N 330 
ZN  ZN   ZN N N 331 
# 
loop_
_chem_comp_bond.comp_id 
_chem_comp_bond.atom_id_1 
_chem_comp_bond.atom_id_2 
_chem_comp_bond.value_order 
_chem_comp_bond.pdbx_aromatic_flag 
_chem_comp_bond.pdbx_stereo_config 
_chem_comp_bond.pdbx_ordinal 
ALA N   CA   sing N N 1   
ALA N   H    sing N N 2   
ALA N   H2   sing N N 3   
ALA CA  C    sing N N 4   
ALA CA  CB   sing N N 5   
ALA CA  HA   sing N N 6   
ALA C   O    doub N N 7   
ALA C   OXT  sing N N 8   
ALA CB  HB1  sing N N 9   
ALA CB  HB2  sing N N 10  
ALA CB  HB3  sing N N 11  
ALA OXT HXT  sing N N 12  
ARG N   CA   sing N N 13  
ARG N   H    sing N N 14  
ARG N   H2   sing N N 15  
ARG CA  C    sing N N 16  
ARG CA  CB   sing N N 17  
ARG CA  HA   sing N N 18  
ARG C   O    doub N N 19  
ARG C   OXT  sing N N 20  
ARG CB  CG   sing N N 21  
ARG CB  HB2  sing N N 22  
ARG CB  HB3  sing N N 23  
ARG CG  CD   sing N N 24  
ARG CG  HG2  sing N N 25  
ARG CG  HG3  sing N N 26  
ARG CD  NE   sing N N 27  
ARG CD  HD2  sing N N 28  
ARG CD  HD3  sing N N 29  
ARG NE  CZ   sing N N 30  
ARG NE  HE   sing N N 31  
ARG CZ  NH1  sing N N 32  
ARG CZ  NH2  doub N N 33  
ARG NH1 HH11 sing N N 34  
ARG NH1 HH12 sing N N 35  
ARG NH2 HH21 sing N N 36  
ARG NH2 HH22 sing N N 37  
ARG OXT HXT  sing N N 38  
ASP N   CA   sing N N 39  
ASP N   H    sing N N 40  
ASP N   H2   sing N N 41  
ASP CA  C    sing N N 42  
ASP CA  CB   sing N N 43  
ASP CA  HA   sing N N 44  
ASP C   O    doub N N 45  
ASP C   OXT  sing N N 46  
ASP CB  CG   sing N N 47  
ASP CB  HB2  sing N N 48  
ASP CB  HB3  sing N N 49  
ASP CG  OD1  doub N N 50  
ASP CG  OD2  sing N N 51  
ASP OD2 HD2  sing N N 52  
ASP OXT HXT  sing N N 53  
CYS N   CA   sing N N 54  
CYS N   H    sing N N 55  
CYS N   H2   sing N N 56  
CYS CA  C    sing N N 57  
CYS CA  CB   sing N N 58  
CYS CA  HA   sing N N 59  
CYS C   O    doub N N 60  
CYS C   OXT  sing N N 61  
CYS CB  SG   sing N N 62  
CYS CB  HB2  sing N N 63  
CYS CB  HB3  sing N N 64  
CYS SG  HG   sing N N 65  
CYS OXT HXT  sing N N 66  
GLN N   CA   sing N N 67  
GLN N   H    sing N N 68  
GLN N   H2   sing N N 69  
GLN CA  C    sing N N 70  
GLN CA  CB   sing N N 71  
GLN CA  HA   sing N N 72  
GLN C   O    doub N N 73  
GLN C   OXT  sing N N 74  
GLN CB  CG   sing N N 75  
GLN CB  HB2  sing N N 76  
GLN CB  HB3  sing N N 77  
GLN CG  CD   sing N N 78  
GLN CG  HG2  sing N N 79  
GLN CG  HG3  sing N N 80  
GLN CD  OE1  doub N N 81  
GLN CD  NE2  sing N N 82  
GLN NE2 HE21 sing N N 83  
GLN NE2 HE22 sing N N 84  
GLN OXT HXT  sing N N 85  
GLU N   CA   sing N N 86  
GLU N   H    sing N N 87  
GLU N   H2   sing N N 88  
GLU CA  C    sing N N 89  
GLU CA  CB   sing N N 90  
GLU CA  HA   sing N N 91  
GLU C   O    doub N N 92  
GLU C   OXT  sing N N 93  
GLU CB  CG   sing N N 94  
GLU CB  HB2  sing N N 95  
GLU CB  HB3  sing N N 96  
GLU CG  CD   sing N N 97  
GLU CG  HG2  sing N N 98  
GLU CG  HG3  sing N N 99  
GLU CD  OE1  doub N N 100 
GLU CD  OE2  sing N N 101 
GLU OE2 HE2  sing N N 102 
GLU OXT HXT  sing N N 103 
GLY N   CA   sing N N 104 
GLY N   H    sing N N 105 
GLY N   H2   sing N N 106 
GLY CA  C    sing N N 107 
GLY CA  HA2  sing N N 108 
GLY CA  HA3  sing N N 109 
GLY C   O    doub N N 110 
GLY C   OXT  sing N N 111 
GLY OXT HXT  sing N N 112 
HIS N   CA   sing N N 113 
HIS N   H    sing N N 114 
HIS N   H2   sing N N 115 
HIS CA  C    sing N N 116 
HIS CA  CB   sing N N 117 
HIS CA  HA   sing N N 118 
HIS C   O    doub N N 119 
HIS C   OXT  sing N N 120 
HIS CB  CG   sing N N 121 
HIS CB  HB2  sing N N 122 
HIS CB  HB3  sing N N 123 
HIS CG  ND1  sing Y N 124 
HIS CG  CD2  doub Y N 125 
HIS ND1 CE1  doub Y N 126 
HIS ND1 HD1  sing N N 127 
HIS CD2 NE2  sing Y N 128 
HIS CD2 HD2  sing N N 129 
HIS CE1 NE2  sing Y N 130 
HIS CE1 HE1  sing N N 131 
HIS NE2 HE2  sing N N 132 
HIS OXT HXT  sing N N 133 
HOH O   H1   sing N N 134 
HOH O   H2   sing N N 135 
ILE N   CA   sing N N 136 
ILE N   H    sing N N 137 
ILE N   H2   sing N N 138 
ILE CA  C    sing N N 139 
ILE CA  CB   sing N N 140 
ILE CA  HA   sing N N 141 
ILE C   O    doub N N 142 
ILE C   OXT  sing N N 143 
ILE CB  CG1  sing N N 144 
ILE CB  CG2  sing N N 145 
ILE CB  HB   sing N N 146 
ILE CG1 CD1  sing N N 147 
ILE CG1 HG12 sing N N 148 
ILE CG1 HG13 sing N N 149 
ILE CG2 HG21 sing N N 150 
ILE CG2 HG22 sing N N 151 
ILE CG2 HG23 sing N N 152 
ILE CD1 HD11 sing N N 153 
ILE CD1 HD12 sing N N 154 
ILE CD1 HD13 sing N N 155 
ILE OXT HXT  sing N N 156 
LEU N   CA   sing N N 157 
LEU N   H    sing N N 158 
LEU N   H2   sing N N 159 
LEU CA  C    sing N N 160 
LEU CA  CB   sing N N 161 
LEU CA  HA   sing N N 162 
LEU C   O    doub N N 163 
LEU C   OXT  sing N N 164 
LEU CB  CG   sing N N 165 
LEU CB  HB2  sing N N 166 
LEU CB  HB3  sing N N 167 
LEU CG  CD1  sing N N 168 
LEU CG  CD2  sing N N 169 
LEU CG  HG   sing N N 170 
LEU CD1 HD11 sing N N 171 
LEU CD1 HD12 sing N N 172 
LEU CD1 HD13 sing N N 173 
LEU CD2 HD21 sing N N 174 
LEU CD2 HD22 sing N N 175 
LEU CD2 HD23 sing N N 176 
LEU OXT HXT  sing N N 177 
LYS N   CA   sing N N 178 
LYS N   H    sing N N 179 
LYS N   H2   sing N N 180 
LYS CA  C    sing N N 181 
LYS CA  CB   sing N N 182 
LYS CA  HA   sing N N 183 
LYS C   O    doub N N 184 
LYS C   OXT  sing N N 185 
LYS CB  CG   sing N N 186 
LYS CB  HB2  sing N N 187 
LYS CB  HB3  sing N N 188 
LYS CG  CD   sing N N 189 
LYS CG  HG2  sing N N 190 
LYS CG  HG3  sing N N 191 
LYS CD  CE   sing N N 192 
LYS CD  HD2  sing N N 193 
LYS CD  HD3  sing N N 194 
LYS CE  NZ   sing N N 195 
LYS CE  HE2  sing N N 196 
LYS CE  HE3  sing N N 197 
LYS NZ  HZ1  sing N N 198 
LYS NZ  HZ2  sing N N 199 
LYS NZ  HZ3  sing N N 200 
LYS OXT HXT  sing N N 201 
PRO N   CA   sing N N 202 
PRO N   CD   sing N N 203 
PRO N   H    sing N N 204 
PRO CA  C    sing N N 205 
PRO CA  CB   sing N N 206 
PRO CA  HA   sing N N 207 
PRO C   O    doub N N 208 
PRO C   OXT  sing N N 209 
PRO CB  CG   sing N N 210 
PRO CB  HB2  sing N N 211 
PRO CB  HB3  sing N N 212 
PRO CG  CD   sing N N 213 
PRO CG  HG2  sing N N 214 
PRO CG  HG3  sing N N 215 
PRO CD  HD2  sing N N 216 
PRO CD  HD3  sing N N 217 
PRO OXT HXT  sing N N 218 
SER N   CA   sing N N 219 
SER N   H    sing N N 220 
SER N   H2   sing N N 221 
SER CA  C    sing N N 222 
SER CA  CB   sing N N 223 
SER CA  HA   sing N N 224 
SER C   O    doub N N 225 
SER C   OXT  sing N N 226 
SER CB  OG   sing N N 227 
SER CB  HB2  sing N N 228 
SER CB  HB3  sing N N 229 
SER OG  HG   sing N N 230 
SER OXT HXT  sing N N 231 
THR N   CA   sing N N 232 
THR N   H    sing N N 233 
THR N   H2   sing N N 234 
THR CA  C    sing N N 235 
THR CA  CB   sing N N 236 
THR CA  HA   sing N N 237 
THR C   O    doub N N 238 
THR C   OXT  sing N N 239 
THR CB  OG1  sing N N 240 
THR CB  CG2  sing N N 241 
THR CB  HB   sing N N 242 
THR OG1 HG1  sing N N 243 
THR CG2 HG21 sing N N 244 
THR CG2 HG22 sing N N 245 
THR CG2 HG23 sing N N 246 
THR OXT HXT  sing N N 247 
TRP N   CA   sing N N 248 
TRP N   H    sing N N 249 
TRP N   H2   sing N N 250 
TRP CA  C    sing N N 251 
TRP CA  CB   sing N N 252 
TRP CA  HA   sing N N 253 
TRP C   O    doub N N 254 
TRP C   OXT  sing N N 255 
TRP CB  CG   sing N N 256 
TRP CB  HB2  sing N N 257 
TRP CB  HB3  sing N N 258 
TRP CG  CD1  doub Y N 259 
TRP CG  CD2  sing Y N 260 
TRP CD1 NE1  sing Y N 261 
TRP CD1 HD1  sing N N 262 
TRP CD2 CE2  doub Y N 263 
TRP CD2 CE3  sing Y N 264 
TRP NE1 CE2  sing Y N 265 
TRP NE1 HE1  sing N N 266 
TRP CE2 CZ2  sing Y N 267 
TRP CE3 CZ3  doub Y N 268 
TRP CE3 HE3  sing N N 269 
TRP CZ2 CH2  doub Y N 270 
TRP CZ2 HZ2  sing N N 271 
TRP CZ3 CH2  sing Y N 272 
TRP CZ3 HZ3  sing N N 273 
TRP CH2 HH2  sing N N 274 
TRP OXT HXT  sing N N 275 
TYR N   CA   sing N N 276 
TYR N   H    sing N N 277 
TYR N   H2   sing N N 278 
TYR CA  C    sing N N 279 
TYR CA  CB   sing N N 280 
TYR CA  HA   sing N N 281 
TYR C   O    doub N N 282 
TYR C   OXT  sing N N 283 
TYR CB  CG   sing N N 284 
TYR CB  HB2  sing N N 285 
TYR CB  HB3  sing N N 286 
TYR CG  CD1  doub Y N 287 
TYR CG  CD2  sing Y N 288 
TYR CD1 CE1  sing Y N 289 
TYR CD1 HD1  sing N N 290 
TYR CD2 CE2  doub Y N 291 
TYR CD2 HD2  sing N N 292 
TYR CE1 CZ   doub Y N 293 
TYR CE1 HE1  sing N N 294 
TYR CE2 CZ   sing Y N 295 
TYR CE2 HE2  sing N N 296 
TYR CZ  OH   sing N N 297 
TYR OH  HH   sing N N 298 
TYR OXT HXT  sing N N 299 
VAL N   CA   sing N N 300 
VAL N   H    sing N N 301 
VAL N   H2   sing N N 302 
VAL CA  C    sing N N 303 
VAL CA  CB   sing N N 304 
VAL CA  HA   sing N N 305 
VAL C   O    doub N N 306 
VAL C   OXT  sing N N 307 
VAL CB  CG1  sing N N 308 
VAL CB  CG2  sing N N 309 
VAL CB  HB   sing N N 310 
VAL CG1 HG11 sing N N 311 
VAL CG1 HG12 sing N N 312 
VAL CG1 HG13 sing N N 313 
VAL CG2 HG21 sing N N 314 
VAL CG2 HG22 sing N N 315 
VAL CG2 HG23 sing N N 316 
VAL OXT HXT  sing N N 317 
# 
_pdbx_audit_support.funding_organization   'Australian Research Council (ARC)' 
_pdbx_audit_support.country                Australia 
_pdbx_audit_support.grant_number           FT180100397 
_pdbx_audit_support.ordinal                1 
# 
_pdbx_entity_instance_feature.ordinal        1 
_pdbx_entity_instance_feature.comp_id        ZN 
_pdbx_entity_instance_feature.asym_id        ? 
_pdbx_entity_instance_feature.seq_num        ? 
_pdbx_entity_instance_feature.auth_comp_id   ZN 
_pdbx_entity_instance_feature.auth_asym_id   ? 
_pdbx_entity_instance_feature.auth_seq_num   ? 
_pdbx_entity_instance_feature.feature_type   'SUBJECT OF INVESTIGATION' 
_pdbx_entity_instance_feature.details        ? 
# 
_atom_sites.entry_id                    6VD8 
_atom_sites.Cartn_transf_matrix[1][1]   ? 
_atom_sites.Cartn_transf_matrix[1][2]   ? 
_atom_sites.Cartn_transf_matrix[1][3]   ? 
_atom_sites.Cartn_transf_matrix[2][1]   ? 
_atom_sites.Cartn_transf_matrix[2][2]   ? 
_atom_sites.Cartn_transf_matrix[2][3]   ? 
_atom_sites.Cartn_transf_matrix[3][1]   ? 
_atom_sites.Cartn_transf_matrix[3][2]   ? 
_atom_sites.Cartn_transf_matrix[3][3]   ? 
_atom_sites.Cartn_transf_vector[1]      ? 
_atom_sites.Cartn_transf_vector[2]      ? 
_atom_sites.Cartn_transf_vector[3]      ? 
_atom_sites.fract_transf_matrix[1][1]   -0.00796309 
_atom_sites.fract_transf_matrix[1][2]   0.01171670 
_atom_sites.fract_transf_matrix[1][3]   -0.02308943 
_atom_sites.fract_transf_matrix[2][1]   0.01633610 
_atom_sites.fract_transf_matrix[2][2]   0.00082736 
_atom_sites.fract_transf_matrix[2][3]   -0.00521416 
_atom_sites.fract_transf_matrix[3][1]   -0.00125373 
_atom_sites.fract_transf_matrix[3][2]   -0.01250202 
_atom_sites.fract_transf_matrix[3][3]   -0.00591175 
_atom_sites.fract_transf_vector[1]      0.310297 
_atom_sites.fract_transf_vector[2]      0.002849 
_atom_sites.fract_transf_vector[3]      0.634873 
_atom_sites.solution_primary            ? 
_atom_sites.solution_secondary          ? 
_atom_sites.solution_hydrogens          ? 
_atom_sites.special_details             ? 
# 
loop_
_atom_type.symbol 
C  
N  
O  
S  
ZN 
# 
loop_
_atom_site.group_PDB 
_atom_site.id 
_atom_site.type_symbol 
_atom_site.label_atom_id 
_atom_site.label_alt_id 
_atom_site.label_comp_id 
_atom_site.label_asym_id 
_atom_site.label_entity_id 
_atom_site.label_seq_id 
_atom_site.pdbx_PDB_ins_code 
_atom_site.Cartn_x 
_atom_site.Cartn_y 
_atom_site.Cartn_z 
_atom_site.occupancy 
_atom_site.B_iso_or_equiv 
_atom_site.pdbx_formal_charge 
_atom_site.auth_seq_id 
_atom_site.auth_comp_id 
_atom_site.auth_asym_id 
_atom_site.auth_atom_id 
_atom_site.pdbx_PDB_model_num 
ATOM   1    N  N   . PRO A 1 1  ? -9.814  -8.274  16.478  1.00 59.04 ? 206 PRO A N   1 
ATOM   2    C  CA  . PRO A 1 1  ? -11.260 -7.977  16.469  1.00 59.42 ? 206 PRO A CA  1 
ATOM   3    C  C   . PRO A 1 1  ? -11.996 -8.311  15.158  1.00 60.00 ? 206 PRO A C   1 
ATOM   4    O  O   . PRO A 1 1  ? -13.189 -8.067  15.094  1.00 59.49 ? 206 PRO A O   1 
ATOM   5    C  CB  . PRO A 1 1  ? -11.283 -6.460  16.721  1.00 59.26 ? 206 PRO A CB  1 
ATOM   6    C  CG  . PRO A 1 1  ? -10.136 -6.238  17.684  1.00 59.07 ? 206 PRO A CG  1 
ATOM   7    C  CD  . PRO A 1 1  ? -9.260  -7.473  17.577  1.00 59.10 ? 206 PRO A CD  1 
ATOM   8    N  N   . LEU A 1 2  ? -11.284 -8.851  14.159  1.00 60.69 ? 207 LEU A N   1 
ATOM   9    C  CA  . LEU A 1 2  ? -11.857 -9.314  12.865  1.00 60.83 ? 207 LEU A CA  1 
ATOM   10   C  C   . LEU A 1 2  ? -12.322 -10.770 13.003  1.00 61.68 ? 207 LEU A C   1 
ATOM   11   O  O   . LEU A 1 2  ? -13.165 -11.196 12.190  1.00 61.63 ? 207 LEU A O   1 
ATOM   12   C  CB  . LEU A 1 2  ? -10.805 -9.172  11.761  1.00 60.12 ? 207 LEU A CB  1 
ATOM   13   C  CG  . LEU A 1 2  ? -10.349 -7.743  11.466  1.00 60.05 ? 207 LEU A CG  1 
ATOM   14   C  CD1 . LEU A 1 2  ? -9.214  -7.734  10.454  1.00 60.12 ? 207 LEU A CD1 1 
ATOM   15   C  CD2 . LEU A 1 2  ? -11.508 -6.888  10.975  1.00 59.70 ? 207 LEU A CD2 1 
ATOM   16   N  N   . GLY A 1 3  ? -11.778 -11.500 13.985  1.00 62.65 ? 208 GLY A N   1 
ATOM   17   C  CA  . GLY A 1 3  ? -12.168 -12.883 14.321  1.00 63.25 ? 208 GLY A CA  1 
ATOM   18   C  C   . GLY A 1 3  ? -11.722 -13.878 13.262  1.00 64.14 ? 208 GLY A C   1 
ATOM   19   O  O   . GLY A 1 3  ? -11.128 -13.448 12.253  1.00 63.74 ? 208 GLY A O   1 
ATOM   20   N  N   . SER A 1 4  ? -11.993 -15.166 13.493  1.00 66.21 ? 209 SER A N   1 
ATOM   21   C  CA  . SER A 1 4  ? -11.736 -16.282 12.546  1.00 66.84 ? 209 SER A CA  1 
ATOM   22   C  C   . SER A 1 4  ? -12.872 -16.344 11.519  1.00 66.95 ? 209 SER A C   1 
ATOM   23   O  O   . SER A 1 4  ? -14.030 -16.086 11.906  1.00 68.05 ? 209 SER A O   1 
ATOM   24   C  CB  . SER A 1 4  ? -11.578 -17.593 13.272  1.00 67.19 ? 209 SER A CB  1 
ATOM   25   O  OG  . SER A 1 4  ? -10.436 -17.572 14.115  1.00 67.04 ? 209 SER A OG  1 
ATOM   26   N  N   . GLY A 1 5  ? -12.545 -16.672 10.265  1.00 66.28 ? 210 GLY A N   1 
ATOM   27   C  CA  . GLY A 1 5  ? -13.494 -16.695 9.135   1.00 65.47 ? 210 GLY A CA  1 
ATOM   28   C  C   . GLY A 1 5  ? -13.558 -15.351 8.430   1.00 64.37 ? 210 GLY A C   1 
ATOM   29   O  O   . GLY A 1 5  ? -12.860 -14.415 8.876   1.00 64.34 ? 210 GLY A O   1 
ATOM   30   N  N   . VAL A 1 6  ? -14.364 -15.264 7.366   1.00 61.99 ? 211 VAL A N   1 
ATOM   31   C  CA  . VAL A 1 6  ? -14.530 -14.053 6.504   1.00 60.40 ? 211 VAL A CA  1 
ATOM   32   C  C   . VAL A 1 6  ? -14.881 -12.854 7.384   1.00 57.97 ? 211 VAL A C   1 
ATOM   33   O  O   . VAL A 1 6  ? -15.921 -12.847 8.041   1.00 56.94 ? 211 VAL A O   1 
ATOM   34   C  CB  . VAL A 1 6  ? -15.585 -14.278 5.401   1.00 60.38 ? 211 VAL A CB  1 
ATOM   35   C  CG1 . VAL A 1 6  ? -16.936 -14.687 5.967   1.00 60.31 ? 211 VAL A CG1 1 
ATOM   36   C  CG2 . VAL A 1 6  ? -15.726 -13.064 4.491   1.00 60.53 ? 211 VAL A CG2 1 
ATOM   37   N  N   . PRO A 1 7  ? -14.015 -11.814 7.444   1.00 55.34 ? 212 PRO A N   1 
ATOM   38   C  CA  . PRO A 1 7  ? -14.336 -10.584 8.169   1.00 54.25 ? 212 PRO A CA  1 
ATOM   39   C  C   . PRO A 1 7  ? -15.645 -9.940  7.686   1.00 52.27 ? 212 PRO A C   1 
ATOM   40   O  O   . PRO A 1 7  ? -15.824 -9.814  6.489   1.00 50.89 ? 212 PRO A O   1 
ATOM   41   C  CB  . PRO A 1 7  ? -13.145 -9.659  7.872   1.00 54.44 ? 212 PRO A CB  1 
ATOM   42   C  CG  . PRO A 1 7  ? -12.008 -10.603 7.536   1.00 54.67 ? 212 PRO A CG  1 
ATOM   43   C  CD  . PRO A 1 7  ? -12.667 -11.780 6.851   1.00 54.75 ? 212 PRO A CD  1 
ATOM   44   N  N   . LYS A 1 8  ? -16.518 -9.560  8.626   1.00 51.24 ? 213 LYS A N   1 
ATOM   45   C  CA  . LYS A 1 8  ? -17.815 -8.886  8.346   1.00 50.63 ? 213 LYS A CA  1 
ATOM   46   C  C   . LYS A 1 8  ? -17.561 -7.401  8.062   1.00 49.09 ? 213 LYS A C   1 
ATOM   47   O  O   . LYS A 1 8  ? -16.493 -6.898  8.460   1.00 49.66 ? 213 LYS A O   1 
ATOM   48   C  CB  . LYS A 1 8  ? -18.783 -9.066  9.521   1.00 51.08 ? 213 LYS A CB  1 
ATOM   49   C  CG  . LYS A 1 8  ? -19.262 -10.492 9.755   1.00 51.35 ? 213 LYS A CG  1 
ATOM   50   C  CD  . LYS A 1 8  ? -20.518 -10.572 10.599  1.00 52.12 ? 213 LYS A CD  1 
ATOM   51   C  CE  . LYS A 1 8  ? -21.074 -11.976 10.714  1.00 52.54 ? 213 LYS A CE  1 
ATOM   52   N  NZ  . LYS A 1 8  ? -20.233 -12.833 11.582  1.00 52.66 ? 213 LYS A NZ  1 
ATOM   53   N  N   . GLU A 1 9  ? -18.516 -6.730  7.411   1.00 47.68 ? 214 GLU A N   1 
ATOM   54   C  CA  . GLU A 1 9  ? -18.411 -5.306  6.984   1.00 46.87 ? 214 GLU A CA  1 
ATOM   55   C  C   . GLU A 1 9  ? -18.496 -4.383  8.206   1.00 46.54 ? 214 GLU A C   1 
ATOM   56   O  O   . GLU A 1 9  ? -18.025 -3.231  8.099   1.00 46.35 ? 214 GLU A O   1 
ATOM   57   C  CB  . GLU A 1 9  ? -19.503 -4.983  5.960   1.00 46.28 ? 214 GLU A CB  1 
ATOM   58   C  CG  . GLU A 1 9  ? -19.388 -3.602  5.331   1.00 45.95 ? 214 GLU A CG  1 
ATOM   59   C  CD  . GLU A 1 9  ? -18.137 -3.354  4.504   1.00 45.80 ? 214 GLU A CD  1 
ATOM   60   O  OE1 . GLU A 1 9  ? -17.470 -4.336  4.120   1.00 44.57 ? 214 GLU A OE1 1 
ATOM   61   O  OE2 . GLU A 1 9  ? -17.839 -2.173  4.233   1.00 45.67 ? 214 GLU A OE2 1 
ATOM   62   N  N   . ILE A 1 10 ? -19.078 -4.861  9.313   1.00 46.56 ? 215 ILE A N   1 
ATOM   63   C  CA  . ILE A 1 10 ? -19.231 -4.092  10.586  1.00 46.45 ? 215 ILE A CA  1 
ATOM   64   C  C   . ILE A 1 10 ? -17.915 -4.143  11.375  1.00 45.51 ? 215 ILE A C   1 
ATOM   65   O  O   . ILE A 1 10 ? -17.651 -3.176  12.109  1.00 45.73 ? 215 ILE A O   1 
ATOM   66   C  CB  . ILE A 1 10 ? -20.437 -4.598  11.411  1.00 47.16 ? 215 ILE A CB  1 
ATOM   67   C  CG1 . ILE A 1 10 ? -20.929 -3.546  12.411  1.00 47.45 ? 215 ILE A CG1 1 
ATOM   68   C  CG2 . ILE A 1 10 ? -20.137 -5.923  12.097  1.00 46.90 ? 215 ILE A CG2 1 
ATOM   69   C  CD1 . ILE A 1 10 ? -21.611 -2.355  11.774  1.00 47.75 ? 215 ILE A CD1 1 
ATOM   70   N  N   . GLN A 1 11 ? -17.116 -5.204  11.207  1.00 44.33 ? 216 GLN A N   1 
ATOM   71   C  CA  . GLN A 1 11 ? -15.753 -5.337  11.792  1.00 43.40 ? 216 GLN A CA  1 
ATOM   72   C  C   . GLN A 1 11 ? -14.792 -4.444  10.995  1.00 42.45 ? 216 GLN A C   1 
ATOM   73   O  O   . GLN A 1 11 ? -13.975 -3.731  11.621  1.00 41.88 ? 216 GLN A O   1 
ATOM   74   C  CB  . GLN A 1 11 ? -15.328 -6.804  11.800  1.00 43.78 ? 216 GLN A CB  1 
ATOM   75   C  CG  . GLN A 1 11 ? -16.162 -7.660  12.745  1.00 44.03 ? 216 GLN A CG  1 
ATOM   76   C  CD  . GLN A 1 11 ? -15.974 -9.141  12.521  1.00 43.96 ? 216 GLN A CD  1 
ATOM   77   O  OE1 . GLN A 1 11 ? -15.533 -9.581  11.462  1.00 43.81 ? 216 GLN A OE1 1 
ATOM   78   N  NE2 . GLN A 1 11 ? -16.325 -9.930  13.524  1.00 44.21 ? 216 GLN A NE2 1 
ATOM   79   N  N   . LEU A 1 12 ? -14.957 -4.410  9.670   1.00 41.69 ? 217 LEU A N   1 
ATOM   80   C  CA  . LEU A 1 12 ? -14.222 -3.494  8.753   1.00 41.16 ? 217 LEU A CA  1 
ATOM   81   C  C   . LEU A 1 12 ? -14.576 -2.041  9.092   1.00 40.48 ? 217 LEU A C   1 
ATOM   82   O  O   . LEU A 1 12 ? -13.673 -1.193  9.027   1.00 39.95 ? 217 LEU A O   1 
ATOM   83   C  CB  . LEU A 1 12 ? -14.573 -3.822  7.297   1.00 40.93 ? 217 LEU A CB  1 
ATOM   84   C  CG  . LEU A 1 12 ? -14.077 -5.172  6.778   1.00 41.08 ? 217 LEU A CG  1 
ATOM   85   C  CD1 . LEU A 1 12 ? -14.390 -5.329  5.297   1.00 41.15 ? 217 LEU A CD1 1 
ATOM   86   C  CD2 . LEU A 1 12 ? -12.588 -5.344  7.029   1.00 41.26 ? 217 LEU A CD2 1 
ATOM   87   N  N   . ALA A 1 13 ? -15.839 -1.772  9.439   1.00 40.88 ? 218 ALA A N   1 
ATOM   88   C  CA  . ALA A 1 13 ? -16.341 -0.438  9.852   1.00 41.50 ? 218 ALA A CA  1 
ATOM   89   C  C   . ALA A 1 13 ? -15.538 0.059   11.059  1.00 41.81 ? 218 ALA A C   1 
ATOM   90   O  O   . ALA A 1 13 ? -15.153 1.237   11.063  1.00 42.12 ? 218 ALA A O   1 
ATOM   91   C  CB  . ALA A 1 13 ? -17.818 -0.501  10.160  1.00 41.30 ? 218 ALA A CB  1 
ATOM   92   N  N   . GLU A 1 14 ? -15.293 -0.818  12.037  1.00 43.24 ? 219 GLU A N   1 
ATOM   93   C  CA  . GLU A 1 14 ? -14.525 -0.514  13.275  1.00 44.11 ? 219 GLU A CA  1 
ATOM   94   C  C   . GLU A 1 14 ? -13.037 -0.349  12.928  1.00 43.40 ? 219 GLU A C   1 
ATOM   95   O  O   . GLU A 1 14 ? -12.382 0.523   13.540  1.00 43.06 ? 219 GLU A O   1 
ATOM   96   C  CB  . GLU A 1 14 ? -14.768 -1.607  14.319  1.00 45.74 ? 219 GLU A CB  1 
ATOM   97   C  CG  . GLU A 1 14 ? -13.955 -1.438  15.592  1.00 47.58 ? 219 GLU A CG  1 
ATOM   98   C  CD  . GLU A 1 14 ? -12.565 -2.054  15.559  1.00 49.25 ? 219 GLU A CD  1 
ATOM   99   O  OE1 . GLU A 1 14 ? -12.372 -3.041  14.817  1.00 50.36 ? 219 GLU A OE1 1 
ATOM   100  O  OE2 . GLU A 1 14 ? -11.674 -1.543  16.275  1.00 50.95 ? 219 GLU A OE2 1 
ATOM   101  N  N   . LEU A 1 15 ? -12.523 -1.154  11.990  1.00 42.57 ? 220 LEU A N   1 
ATOM   102  C  CA  . LEU A 1 15 ? -11.122 -1.069  11.489  1.00 41.82 ? 220 LEU A CA  1 
ATOM   103  C  C   . LEU A 1 15 ? -10.905 0.283   10.792  1.00 41.21 ? 220 LEU A C   1 
ATOM   104  O  O   . LEU A 1 15 ? -9.837  0.884   11.002  1.00 39.55 ? 220 LEU A O   1 
ATOM   105  C  CB  . LEU A 1 15 ? -10.849 -2.243  10.541  1.00 42.24 ? 220 LEU A CB  1 
ATOM   106  C  CG  . LEU A 1 15 ? -9.528  -2.197  9.771   1.00 42.46 ? 220 LEU A CG  1 
ATOM   107  C  CD1 . LEU A 1 15 ? -8.343  -2.164  10.723  1.00 42.58 ? 220 LEU A CD1 1 
ATOM   108  C  CD2 . LEU A 1 15 ? -9.415  -3.384  8.822   1.00 43.37 ? 220 LEU A CD2 1 
ATOM   109  N  N   . ARG A 1 16 ? -11.880 0.732   9.994   1.00 41.34 ? 221 ARG A N   1 
ATOM   110  C  CA  . ARG A 1 16 ? -11.861 2.050   9.297   1.00 42.28 ? 221 ARG A CA  1 
ATOM   111  C  C   . ARG A 1 16 ? -11.746 3.172   10.335  1.00 41.42 ? 221 ARG A C   1 
ATOM   112  O  O   . ARG A 1 16 ? -10.863 4.030   10.173  1.00 39.88 ? 221 ARG A O   1 
ATOM   113  C  CB  . ARG A 1 16 ? -13.106 2.233   8.419   1.00 43.30 ? 221 ARG A CB  1 
ATOM   114  C  CG  . ARG A 1 16 ? -13.015 1.536   7.070   1.00 44.62 ? 221 ARG A CG  1 
ATOM   115  C  CD  . ARG A 1 16 ? -14.206 1.787   6.165   1.00 45.50 ? 221 ARG A CD  1 
ATOM   116  N  NE  . ARG A 1 16 ? -14.341 0.712   5.185   1.00 46.21 ? 221 ARG A NE  1 
ATOM   117  C  CZ  . ARG A 1 16 ? -15.177 -0.325  5.277   1.00 46.72 ? 221 ARG A CZ  1 
ATOM   118  N  NH1 . ARG A 1 16 ? -15.997 -0.448  6.309   1.00 46.99 ? 221 ARG A NH1 1 
ATOM   119  N  NH2 . ARG A 1 16 ? -15.194 -1.239  4.321   1.00 46.71 ? 221 ARG A NH2 1 
ATOM   120  N  N   . GLU A 1 17 ? -12.609 3.161   11.354  1.00 41.56 ? 222 GLU A N   1 
ATOM   121  C  CA  . GLU A 1 17 ? -12.634 4.160   12.459  1.00 42.05 ? 222 GLU A CA  1 
ATOM   122  C  C   . GLU A 1 17 ? -11.270 4.197   13.159  1.00 40.37 ? 222 GLU A C   1 
ATOM   123  O  O   . GLU A 1 17 ? -10.788 5.312   13.441  1.00 40.64 ? 222 GLU A O   1 
ATOM   124  C  CB  . GLU A 1 17 ? -13.743 3.835   13.463  1.00 44.15 ? 222 GLU A CB  1 
ATOM   125  C  CG  . GLU A 1 17 ? -15.140 4.156   12.957  1.00 46.03 ? 222 GLU A CG  1 
ATOM   126  C  CD  . GLU A 1 17 ? -15.335 5.588   12.485  1.00 47.75 ? 222 GLU A CD  1 
ATOM   127  O  OE1 . GLU A 1 17 ? -14.988 6.517   13.243  1.00 49.47 ? 222 GLU A OE1 1 
ATOM   128  O  OE2 . GLU A 1 17 ? -15.818 5.769   11.351  1.00 48.61 ? 222 GLU A OE2 1 
ATOM   129  N  N   . ALA A 1 18 ? -10.678 3.028   13.425  1.00 38.79 ? 223 ALA A N   1 
ATOM   130  C  CA  . ALA A 1 18 ? -9.365  2.873   14.101  1.00 38.27 ? 223 ALA A CA  1 
ATOM   131  C  C   . ALA A 1 18 ? -8.270  3.582   13.290  1.00 37.35 ? 223 ALA A C   1 
ATOM   132  O  O   . ALA A 1 18 ? -7.464  4.314   13.898  1.00 37.30 ? 223 ALA A O   1 
ATOM   133  C  CB  . ALA A 1 18 ? -9.044  1.412   14.299  1.00 38.21 ? 223 ALA A CB  1 
ATOM   134  N  N   . LEU A 1 19 ? -8.253  3.379   11.970  1.00 36.38 ? 224 LEU A N   1 
ATOM   135  C  CA  . LEU A 1 19 ? -7.261  3.984   11.038  1.00 36.06 ? 224 LEU A CA  1 
ATOM   136  C  C   . LEU A 1 19 ? -7.519  5.491   10.907  1.00 36.46 ? 224 LEU A C   1 
ATOM   137  O  O   . LEU A 1 19 ? -6.538  6.258   10.926  1.00 36.65 ? 224 LEU A O   1 
ATOM   138  C  CB  . LEU A 1 19 ? -7.346  3.279   9.680   1.00 35.36 ? 224 LEU A CB  1 
ATOM   139  C  CG  . LEU A 1 19 ? -6.854  1.833   9.659   1.00 35.32 ? 224 LEU A CG  1 
ATOM   140  C  CD1 . LEU A 1 19 ? -7.248  1.142   8.363   1.00 35.26 ? 224 LEU A CD1 1 
ATOM   141  C  CD2 . LEU A 1 19 ? -5.348  1.763   9.866   1.00 35.16 ? 224 LEU A CD2 1 
ATOM   142  N  N   . LEU A 1 20 ? -8.787  5.899   10.783  1.00 36.89 ? 225 LEU A N   1 
ATOM   143  C  CA  . LEU A 1 20 ? -9.211  7.325   10.679  1.00 37.85 ? 225 LEU A CA  1 
ATOM   144  C  C   . LEU A 1 20 ? -8.995  8.040   12.020  1.00 38.47 ? 225 LEU A C   1 
ATOM   145  O  O   . LEU A 1 20 ? -8.919  9.284   12.010  1.00 39.27 ? 225 LEU A O   1 
ATOM   146  C  CB  . LEU A 1 20 ? -10.681 7.393   10.249  1.00 38.23 ? 225 LEU A CB  1 
ATOM   147  C  CG  . LEU A 1 20 ? -10.970 6.994   8.802   1.00 38.41 ? 225 LEU A CG  1 
ATOM   148  C  CD1 . LEU A 1 20 ? -12.464 6.817   8.575   1.00 38.63 ? 225 LEU A CD1 1 
ATOM   149  C  CD2 . LEU A 1 20 ? -10.406 8.019   7.835   1.00 38.29 ? 225 LEU A CD2 1 
ATOM   150  N  N   . GLY A 1 21 ? -8.902  7.288   13.124  1.00 38.87 ? 226 GLY A N   1 
ATOM   151  C  CA  . GLY A 1 21 ? -8.683  7.815   14.486  1.00 39.01 ? 226 GLY A CA  1 
ATOM   152  C  C   . GLY A 1 21 ? -7.226  8.164   14.766  1.00 39.35 ? 226 GLY A C   1 
ATOM   153  O  O   . GLY A 1 21 ? -6.976  8.850   15.776  1.00 39.49 ? 226 GLY A O   1 
ATOM   154  N  N   . ILE A 1 22 ? -6.289  7.704   13.929  1.00 39.41 ? 227 ILE A N   1 
ATOM   155  C  CA  . ILE A 1 22 ? -4.825  7.977   14.075  1.00 39.09 ? 227 ILE A CA  1 
ATOM   156  C  C   . ILE A 1 22 ? -4.576  9.457   13.790  1.00 38.34 ? 227 ILE A C   1 
ATOM   157  O  O   . ILE A 1 22 ? -5.004  9.962   12.755  1.00 38.50 ? 227 ILE A O   1 
ATOM   158  C  CB  . ILE A 1 22 ? -3.988  7.061   13.156  1.00 39.22 ? 227 ILE A CB  1 
ATOM   159  C  CG1 . ILE A 1 22 ? -4.118  5.591   13.564  1.00 39.09 ? 227 ILE A CG1 1 
ATOM   160  C  CG2 . ILE A 1 22 ? -2.530  7.510   13.115  1.00 39.26 ? 227 ILE A CG2 1 
ATOM   161  C  CD1 . ILE A 1 22 ? -3.507  4.621   12.577  1.00 39.31 ? 227 ILE A CD1 1 
ATOM   162  N  N   . PRO A 1 23 ? -3.899  10.201  14.698  1.00 37.42 ? 228 PRO A N   1 
ATOM   163  C  CA  . PRO A 1 23 ? -3.543  11.598  14.446  1.00 37.22 ? 228 PRO A CA  1 
ATOM   164  C  C   . PRO A 1 23 ? -2.747  11.786  13.146  1.00 36.53 ? 228 PRO A C   1 
ATOM   165  O  O   . PRO A 1 23 ? -1.737  11.121  12.979  1.00 37.23 ? 228 PRO A O   1 
ATOM   166  C  CB  . PRO A 1 23 ? -2.675  11.983  15.654  1.00 37.08 ? 228 PRO A CB  1 
ATOM   167  C  CG  . PRO A 1 23 ? -3.118  11.038  16.748  1.00 37.44 ? 228 PRO A CG  1 
ATOM   168  C  CD  . PRO A 1 23 ? -3.469  9.751   16.032  1.00 37.43 ? 228 PRO A CD  1 
ATOM   169  N  N   . GLY A 1 24 ? -3.225  12.669  12.263  1.00 35.68 ? 229 GLY A N   1 
ATOM   170  C  CA  . GLY A 1 24 ? -2.592  12.986  10.968  1.00 35.30 ? 229 GLY A CA  1 
ATOM   171  C  C   . GLY A 1 24 ? -3.378  12.434  9.790   1.00 34.69 ? 229 GLY A C   1 
ATOM   172  O  O   . GLY A 1 24 ? -3.290  13.029  8.703   1.00 34.44 ? 229 GLY A O   1 
ATOM   173  N  N   . VAL A 1 25 ? -4.118  11.336  9.992   1.00 34.55 ? 230 VAL A N   1 
ATOM   174  C  CA  . VAL A 1 25 ? -4.948  10.668  8.944   1.00 34.49 ? 230 VAL A CA  1 
ATOM   175  C  C   . VAL A 1 25 ? -6.212  11.504  8.710   1.00 34.46 ? 230 VAL A C   1 
ATOM   176  O  O   . VAL A 1 25 ? -6.947  11.745  9.686   1.00 34.38 ? 230 VAL A O   1 
ATOM   177  C  CB  . VAL A 1 25 ? -5.294  9.217   9.332   1.00 34.26 ? 230 VAL A CB  1 
ATOM   178  C  CG1 . VAL A 1 25 ? -6.230  8.572   8.319   1.00 34.21 ? 230 VAL A CG1 1 
ATOM   179  C  CG2 . VAL A 1 25 ? -4.043  8.370   9.524   1.00 34.03 ? 230 VAL A CG2 1 
ATOM   180  N  N   . THR A 1 26 ? -6.442  11.929  7.463   1.00 34.34 ? 231 THR A N   1 
ATOM   181  C  CA  . THR A 1 26 ? -7.606  12.752  7.035   1.00 34.50 ? 231 THR A CA  1 
ATOM   182  C  C   . THR A 1 26 ? -8.601  11.909  6.227   1.00 34.46 ? 231 THR A C   1 
ATOM   183  O  O   . THR A 1 26 ? -9.793  12.275  6.217   1.00 34.70 ? 231 THR A O   1 
ATOM   184  C  CB  . THR A 1 26 ? -7.150  13.963  6.212   1.00 35.12 ? 231 THR A CB  1 
ATOM   185  O  OG1 . THR A 1 26 ? -6.430  13.479  5.077   1.00 35.65 ? 231 THR A OG1 1 
ATOM   186  C  CG2 . THR A 1 26 ? -6.287  14.921  7.006   1.00 35.23 ? 231 THR A CG2 1 
ATOM   187  N  N   . GLY A 1 27 ? -8.139  10.837  5.573   1.00 33.74 ? 232 GLY A N   1 
ATOM   188  C  CA  . GLY A 1 27 ? -8.950  10.051  4.623   1.00 33.72 ? 232 GLY A CA  1 
ATOM   189  C  C   . GLY A 1 27 ? -8.519  8.596   4.537   1.00 33.33 ? 232 GLY A C   1 
ATOM   190  O  O   . GLY A 1 27 ? -7.407  8.264   5.002   1.00 32.72 ? 232 GLY A O   1 
ATOM   191  N  N   . LEU A 1 28 ? -9.372  7.768   3.930   1.00 33.03 ? 233 LEU A N   1 
ATOM   192  C  CA  . LEU A 1 28 ? -9.202  6.297   3.807   1.00 32.94 ? 233 LEU A CA  1 
ATOM   193  C  C   . LEU A 1 28 ? -10.086 5.797   2.657   1.00 31.87 ? 233 LEU A C   1 
ATOM   194  O  O   . LEU A 1 28 ? -11.293 6.101   2.675   1.00 31.66 ? 233 LEU A O   1 
ATOM   195  C  CB  . LEU A 1 28 ? -9.595  5.669   5.148   1.00 34.02 ? 233 LEU A CB  1 
ATOM   196  C  CG  . LEU A 1 28 ? -9.715  4.147   5.186   1.00 34.77 ? 233 LEU A CG  1 
ATOM   197  C  CD1 . LEU A 1 28 ? -8.502  3.478   4.574   1.00 34.93 ? 233 LEU A CD1 1 
ATOM   198  C  CD2 . LEU A 1 28 ? -9.893  3.669   6.611   1.00 35.50 ? 233 LEU A CD2 1 
ATOM   199  N  N   . HIS A 1 29 ? -9.505  5.086   1.683   1.00 30.63 ? 234 HIS A N   1 
ATOM   200  C  CA  . HIS A 1 29 ? -10.236 4.478   0.537   1.00 30.05 ? 234 HIS A CA  1 
ATOM   201  C  C   . HIS A 1 29 ? -9.455  3.286   -0.029  1.00 29.56 ? 234 HIS A C   1 
ATOM   202  O  O   . HIS A 1 29 ? -8.256  3.151   0.284   1.00 29.37 ? 234 HIS A O   1 
ATOM   203  C  CB  . HIS A 1 29 ? -10.540 5.538   -0.534  1.00 29.67 ? 234 HIS A CB  1 
ATOM   204  C  CG  . HIS A 1 29 ? -9.333  6.221   -1.085  1.00 29.47 ? 234 HIS A CG  1 
ATOM   205  N  ND1 . HIS A 1 29 ? -8.794  7.350   -0.499  1.00 29.14 ? 234 HIS A ND1 1 
ATOM   206  C  CD2 . HIS A 1 29 ? -8.569  5.955   -2.168  1.00 29.62 ? 234 HIS A CD2 1 
ATOM   207  C  CE1 . HIS A 1 29 ? -7.741  7.741   -1.188  1.00 29.22 ? 234 HIS A CE1 1 
ATOM   208  N  NE2 . HIS A 1 29 ? -7.583  6.904   -2.221  1.00 29.24 ? 234 HIS A NE2 1 
ATOM   209  N  N   . ASP A 1 30 ? -10.133 2.459   -0.832  1.00 29.06 ? 235 ASP A N   1 
ATOM   210  C  CA  . ASP A 1 30 ? -9.578  1.251   -1.499  1.00 28.85 ? 235 ASP A CA  1 
ATOM   211  C  C   . ASP A 1 30 ? -9.044  0.286   -0.433  1.00 28.86 ? 235 ASP A C   1 
ATOM   212  O  O   . ASP A 1 30 ? -7.933  -0.253  -0.618  1.00 29.55 ? 235 ASP A O   1 
ATOM   213  C  CB  . ASP A 1 30 ? -8.509  1.630   -2.528  1.00 28.64 ? 235 ASP A CB  1 
ATOM   214  C  CG  . ASP A 1 30 ? -8.235  0.537   -3.547  1.00 28.47 ? 235 ASP A CG  1 
ATOM   215  O  OD1 . ASP A 1 30 ? -9.216  -0.027  -4.074  1.00 28.14 ? 235 ASP A OD1 1 
ATOM   216  O  OD2 . ASP A 1 30 ? -7.046  0.247   -3.797  1.00 28.36 ? 235 ASP A OD2 1 
ATOM   217  N  N   . LEU A 1 31 ? -9.817  0.073   0.636   1.00 28.63 ? 236 LEU A N   1 
ATOM   218  C  CA  . LEU A 1 31 ? -9.500  -0.889  1.726   1.00 28.40 ? 236 LEU A CA  1 
ATOM   219  C  C   . LEU A 1 31 ? -9.767  -2.312  1.226   1.00 28.36 ? 236 LEU A C   1 
ATOM   220  O  O   . LEU A 1 31 ? -10.900 -2.578  0.790   1.00 28.06 ? 236 LEU A O   1 
ATOM   221  C  CB  . LEU A 1 31 ? -10.361 -0.575  2.953   1.00 28.47 ? 236 LEU A CB  1 
ATOM   222  C  CG  . LEU A 1 31 ? -10.124 -1.465  4.173   1.00 28.30 ? 236 LEU A CG  1 
ATOM   223  C  CD1 . LEU A 1 31 ? -8.691  -1.343  4.664   1.00 28.37 ? 236 LEU A CD1 1 
ATOM   224  C  CD2 . LEU A 1 31 ? -11.097 -1.126  5.291   1.00 28.29 ? 236 LEU A CD2 1 
ATOM   225  N  N   . HIS A 1 32 ? -8.751  -3.178  1.278   1.00 28.48 ? 237 HIS A N   1 
ATOM   226  C  CA  . HIS A 1 32 ? -8.850  -4.635  1.007   1.00 29.01 ? 237 HIS A CA  1 
ATOM   227  C  C   . HIS A 1 32 ? -8.373  -5.407  2.238   1.00 29.65 ? 237 HIS A C   1 
ATOM   228  O  O   . HIS A 1 32 ? -7.226  -5.180  2.662   1.00 29.01 ? 237 HIS A O   1 
ATOM   229  C  CB  . HIS A 1 32 ? -8.030  -5.019  -0.228  1.00 28.99 ? 237 HIS A CB  1 
ATOM   230  C  CG  . HIS A 1 32 ? -8.576  -4.488  -1.508  1.00 28.98 ? 237 HIS A CG  1 
ATOM   231  N  ND1 . HIS A 1 32 ? -9.533  -5.167  -2.230  1.00 29.01 ? 237 HIS A ND1 1 
ATOM   232  C  CD2 . HIS A 1 32 ? -8.299  -3.363  -2.202  1.00 28.99 ? 237 HIS A CD2 1 
ATOM   233  C  CE1 . HIS A 1 32 ? -9.825  -4.484  -3.318  1.00 29.13 ? 237 HIS A CE1 1 
ATOM   234  N  NE2 . HIS A 1 32 ? -9.081  -3.370  -3.322  1.00 29.07 ? 237 HIS A NE2 1 
ATOM   235  N  N   . VAL A 1 33 ? -9.235  -6.264  2.789   1.00 30.93 ? 238 VAL A N   1 
ATOM   236  C  CA  . VAL A 1 33 ? -8.901  -7.229  3.876   1.00 32.47 ? 238 VAL A CA  1 
ATOM   237  C  C   . VAL A 1 33 ? -9.371  -8.614  3.425   1.00 33.80 ? 238 VAL A C   1 
ATOM   238  O  O   . VAL A 1 33 ? -10.564 -8.752  3.102   1.00 33.76 ? 238 VAL A O   1 
ATOM   239  C  CB  . VAL A 1 33 ? -9.533  -6.815  5.220   1.00 32.38 ? 238 VAL A CB  1 
ATOM   240  C  CG1 . VAL A 1 33 ? -9.044  -7.690  6.365   1.00 32.39 ? 238 VAL A CG1 1 
ATOM   241  C  CG2 . VAL A 1 33 ? -9.286  -5.343  5.536   1.00 32.48 ? 238 VAL A CG2 1 
ATOM   242  N  N   . TRP A 1 34 ? -8.461  -9.592  3.385   1.00 35.79 ? 239 TRP A N   1 
ATOM   243  C  CA  . TRP A 1 34 ? -8.743  -10.988 2.951   1.00 37.97 ? 239 TRP A CA  1 
ATOM   244  C  C   . TRP A 1 34 ? -7.850  -11.969 3.719   1.00 40.53 ? 239 TRP A C   1 
ATOM   245  O  O   . TRP A 1 34 ? -6.818  -11.524 4.261   1.00 40.43 ? 239 TRP A O   1 
ATOM   246  C  CB  . TRP A 1 34 ? -8.564  -11.120 1.432   1.00 37.71 ? 239 TRP A CB  1 
ATOM   247  C  CG  . TRP A 1 34 ? -7.137  -11.122 0.973   1.00 37.42 ? 239 TRP A CG  1 
ATOM   248  C  CD1 . TRP A 1 34 ? -6.375  -12.213 0.671   1.00 37.86 ? 239 TRP A CD1 1 
ATOM   249  C  CD2 . TRP A 1 34 ? -6.293  -9.977  0.761   1.00 37.12 ? 239 TRP A CD2 1 
ATOM   250  N  NE1 . TRP A 1 34 ? -5.119  -11.829 0.291   1.00 38.20 ? 239 TRP A NE1 1 
ATOM   251  C  CE2 . TRP A 1 34 ? -5.039  -10.463 0.333   1.00 37.82 ? 239 TRP A CE2 1 
ATOM   252  C  CE3 . TRP A 1 34 ? -6.470  -8.594  0.889   1.00 36.93 ? 239 TRP A CE3 1 
ATOM   253  C  CZ2 . TRP A 1 34 ? -3.972  -9.617  0.036   1.00 37.74 ? 239 TRP A CZ2 1 
ATOM   254  C  CZ3 . TRP A 1 34 ? -5.418  -7.758  0.589   1.00 37.22 ? 239 TRP A CZ3 1 
ATOM   255  C  CH2 . TRP A 1 34 ? -4.186  -8.265  0.170   1.00 37.46 ? 239 TRP A CH2 1 
ATOM   256  N  N   . SER A 1 35 ? -8.236  -13.251 3.749   1.00 44.34 ? 240 SER A N   1 
ATOM   257  C  CA  . SER A 1 35 ? -7.459  -14.371 4.343   1.00 47.90 ? 240 SER A CA  1 
ATOM   258  C  C   . SER A 1 35 ? -6.968  -15.315 3.238   1.00 51.48 ? 240 SER A C   1 
ATOM   259  O  O   . SER A 1 35 ? -7.804  -15.778 2.441   1.00 53.41 ? 240 SER A O   1 
ATOM   260  C  CB  . SER A 1 35 ? -8.279  -15.103 5.362   1.00 48.10 ? 240 SER A CB  1 
ATOM   261  O  OG  . SER A 1 35 ? -8.732  -14.219 6.374   1.00 49.05 ? 240 SER A OG  1 
ATOM   262  N  N   . ILE A 1 36 ? -5.653  -15.545 3.184   1.00 55.13 ? 241 ILE A N   1 
ATOM   263  C  CA  . ILE A 1 36 ? -4.981  -16.432 2.189   1.00 57.60 ? 241 ILE A CA  1 
ATOM   264  C  C   . ILE A 1 36 ? -5.021  -17.862 2.733   1.00 60.24 ? 241 ILE A C   1 
ATOM   265  O  O   . ILE A 1 36 ? -5.509  -18.751 2.015   1.00 61.38 ? 241 ILE A O   1 
ATOM   266  C  CB  . ILE A 1 36 ? -3.540  -15.950 1.910   1.00 57.56 ? 241 ILE A CB  1 
ATOM   267  C  CG1 . ILE A 1 36 ? -3.513  -14.534 1.329   1.00 57.76 ? 241 ILE A CG1 1 
ATOM   268  C  CG2 . ILE A 1 36 ? -2.795  -16.928 1.016   1.00 57.58 ? 241 ILE A CG2 1 
ATOM   269  C  CD1 . ILE A 1 36 ? -2.167  -13.859 1.427   1.00 58.20 ? 241 ILE A CD1 1 
ATOM   270  N  N   . THR A 1 37 ? -4.517  -18.061 3.957   1.00 62.31 ? 242 THR A N   1 
ATOM   271  C  CA  . THR A 1 37 ? -4.546  -19.341 4.717   1.00 64.17 ? 242 THR A CA  1 
ATOM   272  C  C   . THR A 1 37 ? -5.391  -19.147 5.980   1.00 65.18 ? 242 THR A C   1 
ATOM   273  O  O   . THR A 1 37 ? -5.862  -18.017 6.203   1.00 65.59 ? 242 THR A O   1 
ATOM   274  C  CB  . THR A 1 37 ? -3.134  -19.836 5.069   1.00 64.93 ? 242 THR A CB  1 
ATOM   275  O  OG1 . THR A 1 37 ? -3.280  -21.155 5.593   1.00 65.94 ? 242 THR A OG1 1 
ATOM   276  C  CG2 . THR A 1 37 ? -2.405  -18.970 6.076   1.00 64.89 ? 242 THR A CG2 1 
ATOM   277  N  N   . SER A 1 38 ? -5.562  -20.206 6.779   1.00 64.80 ? 243 SER A N   1 
ATOM   278  C  CA  . SER A 1 38 ? -6.335  -20.186 8.048   1.00 64.18 ? 243 SER A CA  1 
ATOM   279  C  C   . SER A 1 38 ? -5.529  -19.465 9.138   1.00 63.89 ? 243 SER A C   1 
ATOM   280  O  O   . SER A 1 38 ? -4.462  -19.983 9.547   1.00 63.87 ? 243 SER A O   1 
ATOM   281  C  CB  . SER A 1 38 ? -6.733  -21.569 8.485   1.00 64.48 ? 243 SER A CB  1 
ATOM   282  O  OG  . SER A 1 38 ? -7.558  -21.504 9.639   1.00 64.63 ? 243 SER A OG  1 
ATOM   283  N  N   . GLY A 1 39 ? -6.042  -18.321 9.597   1.00 62.67 ? 244 GLY A N   1 
ATOM   284  C  CA  . GLY A 1 39 ? -5.431  -17.483 10.650  1.00 61.54 ? 244 GLY A CA  1 
ATOM   285  C  C   . GLY A 1 39 ? -4.813  -16.220 10.073  1.00 60.46 ? 244 GLY A C   1 
ATOM   286  O  O   . GLY A 1 39 ? -5.186  -15.116 10.529  1.00 61.28 ? 244 GLY A O   1 
ATOM   287  N  N   . LYS A 1 40 ? -3.906  -16.369 9.102   1.00 58.35 ? 245 LYS A N   1 
ATOM   288  C  CA  . LYS A 1 40 ? -3.174  -15.244 8.453   1.00 56.33 ? 245 LYS A CA  1 
ATOM   289  C  C   . LYS A 1 40 ? -4.180  -14.335 7.737   1.00 54.62 ? 245 LYS A C   1 
ATOM   290  O  O   . LYS A 1 40 ? -5.006  -14.862 6.964   1.00 55.21 ? 245 LYS A O   1 
ATOM   291  C  CB  . LYS A 1 40 ? -2.116  -15.773 7.479   1.00 56.55 ? 245 LYS A CB  1 
ATOM   292  N  N   . ILE A 1 41 ? -4.119  -13.029 8.005   1.00 51.72 ? 246 ILE A N   1 
ATOM   293  C  CA  . ILE A 1 41 ? -4.997  -11.984 7.394   1.00 49.70 ? 246 ILE A CA  1 
ATOM   294  C  C   . ILE A 1 41 ? -4.094  -10.918 6.769   1.00 46.09 ? 246 ILE A C   1 
ATOM   295  O  O   . ILE A 1 41 ? -3.135  -10.493 7.436   1.00 45.75 ? 246 ILE A O   1 
ATOM   296  C  CB  . ILE A 1 41 ? -5.987  -11.376 8.416   1.00 51.49 ? 246 ILE A CB  1 
ATOM   297  C  CG1 . ILE A 1 41 ? -5.387  -11.271 9.821   1.00 52.91 ? 246 ILE A CG1 1 
ATOM   298  C  CG2 . ILE A 1 41 ? -7.291  -12.161 8.422   1.00 52.31 ? 246 ILE A CG2 1 
ATOM   299  C  CD1 . ILE A 1 41 ? -6.218  -10.458 10.787  1.00 53.99 ? 246 ILE A CD1 1 
ATOM   300  N  N   . SER A 1 42 ? -4.410  -10.504 5.539   1.00 42.38 ? 247 SER A N   1 
ATOM   301  C  CA  . SER A 1 42 ? -3.679  -9.477  4.753   1.00 39.58 ? 247 SER A CA  1 
ATOM   302  C  C   . SER A 1 42 ? -4.541  -8.216  4.627   1.00 36.68 ? 247 SER A C   1 
ATOM   303  O  O   . SER A 1 42 ? -5.772  -8.336  4.715   1.00 35.40 ? 247 SER A O   1 
ATOM   304  C  CB  . SER A 1 42 ? -3.296  -10.015 3.402   1.00 39.92 ? 247 SER A CB  1 
ATOM   305  O  OG  . SER A 1 42 ? -2.508  -11.187 3.532   1.00 40.72 ? 247 SER A OG  1 
ATOM   306  N  N   . LEU A 1 43 ? -3.902  -7.059  4.438   1.00 34.13 ? 248 LEU A N   1 
ATOM   307  C  CA  . LEU A 1 43 ? -4.579  -5.744  4.293   1.00 33.02 ? 248 LEU A CA  1 
ATOM   308  C  C   . LEU A 1 43 ? -3.809  -4.870  3.296   1.00 32.50 ? 248 LEU A C   1 
ATOM   309  O  O   . LEU A 1 43 ? -2.575  -4.795  3.400   1.00 32.35 ? 248 LEU A O   1 
ATOM   310  C  CB  . LEU A 1 43 ? -4.673  -5.077  5.669   1.00 32.51 ? 248 LEU A CB  1 
ATOM   311  C  CG  . LEU A 1 43 ? -5.419  -3.741  5.711   1.00 32.44 ? 248 LEU A CG  1 
ATOM   312  C  CD1 . LEU A 1 43 ? -6.104  -3.542  7.052   1.00 32.76 ? 248 LEU A CD1 1 
ATOM   313  C  CD2 . LEU A 1 43 ? -4.489  -2.569  5.417   1.00 32.43 ? 248 LEU A CD2 1 
ATOM   314  N  N   . THR A 1 44 ? -4.524  -4.239  2.363   1.00 31.36 ? 249 THR A N   1 
ATOM   315  C  CA  . THR A 1 44 ? -4.029  -3.103  1.543   1.00 30.77 ? 249 THR A CA  1 
ATOM   316  C  C   . THR A 1 44 ? -5.035  -1.957  1.668   1.00 30.18 ? 249 THR A C   1 
ATOM   317  O  O   . THR A 1 44 ? -6.237  -2.241  1.840   1.00 30.96 ? 249 THR A O   1 
ATOM   318  C  CB  . THR A 1 44 ? -3.783  -3.502  0.081   1.00 30.70 ? 249 THR A CB  1 
ATOM   319  O  OG1 . THR A 1 44 ? -5.038  -3.593  -0.589  1.00 30.74 ? 249 THR A OG1 1 
ATOM   320  C  CG2 . THR A 1 44 ? -3.029  -4.806  -0.055  1.00 30.76 ? 249 THR A CG2 1 
ATOM   321  N  N   . SER A 1 45 ? -4.553  -0.715  1.600   1.00 29.28 ? 250 SER A N   1 
ATOM   322  C  CA  . SER A 1 45 ? -5.383  0.509   1.725   1.00 28.83 ? 250 SER A CA  1 
ATOM   323  C  C   . SER A 1 45 ? -4.604  1.737   1.249   1.00 28.70 ? 250 SER A C   1 
ATOM   324  O  O   . SER A 1 45 ? -3.363  1.740   1.366   1.00 28.88 ? 250 SER A O   1 
ATOM   325  C  CB  . SER A 1 45 ? -5.859  0.682   3.141   1.00 28.63 ? 250 SER A CB  1 
ATOM   326  O  OG  . SER A 1 45 ? -6.707  1.812   3.245   1.00 28.13 ? 250 SER A OG  1 
ATOM   327  N  N   . HIS A 1 46 ? -5.322  2.731   0.719   1.00 28.22 ? 251 HIS A N   1 
ATOM   328  C  CA  . HIS A 1 46 ? -4.837  4.120   0.514   1.00 28.38 ? 251 HIS A CA  1 
ATOM   329  C  C   . HIS A 1 46 ? -5.157  4.919   1.780   1.00 28.59 ? 251 HIS A C   1 
ATOM   330  O  O   . HIS A 1 46 ? -6.300  4.815   2.261   1.00 28.55 ? 251 HIS A O   1 
ATOM   331  C  CB  . HIS A 1 46 ? -5.463  4.749   -0.740  1.00 28.26 ? 251 HIS A CB  1 
ATOM   332  C  CG  . HIS A 1 46 ? -5.047  4.113   -2.025  1.00 28.14 ? 251 HIS A CG  1 
ATOM   333  N  ND1 . HIS A 1 46 ? -4.904  4.842   -3.193  1.00 27.89 ? 251 HIS A ND1 1 
ATOM   334  C  CD2 . HIS A 1 46 ? -4.747  2.833   -2.338  1.00 27.96 ? 251 HIS A CD2 1 
ATOM   335  C  CE1 . HIS A 1 46 ? -4.536  4.038   -4.169  1.00 27.86 ? 251 HIS A CE1 1 
ATOM   336  N  NE2 . HIS A 1 46 ? -4.429  2.799   -3.669  1.00 28.03 ? 251 HIS A NE2 1 
ATOM   337  N  N   . LEU A 1 47 ? -4.178  5.660   2.306   1.00 28.87 ? 252 LEU A N   1 
ATOM   338  C  CA  . LEU A 1 47 ? -4.335  6.538   3.496   1.00 29.40 ? 252 LEU A CA  1 
ATOM   339  C  C   . LEU A 1 47 ? -3.991  7.975   3.101   1.00 29.37 ? 252 LEU A C   1 
ATOM   340  O  O   . LEU A 1 47 ? -2.846  8.211   2.676   1.00 29.15 ? 252 LEU A O   1 
ATOM   341  C  CB  . LEU A 1 47 ? -3.420  6.045   4.622   1.00 29.83 ? 252 LEU A CB  1 
ATOM   342  C  CG  . LEU A 1 47 ? -3.984  4.927   5.497   1.00 30.34 ? 252 LEU A CG  1 
ATOM   343  C  CD1 . LEU A 1 47 ? -2.933  4.430   6.482   1.00 30.39 ? 252 LEU A CD1 1 
ATOM   344  C  CD2 . LEU A 1 47 ? -5.231  5.387   6.238   1.00 30.35 ? 252 LEU A CD2 1 
ATOM   345  N  N   . VAL A 1 48 ? -4.956  8.889   3.229   1.00 29.47 ? 253 VAL A N   1 
ATOM   346  C  CA  . VAL A 1 48 ? -4.750  10.353  3.034   1.00 30.12 ? 253 VAL A CA  1 
ATOM   347  C  C   . VAL A 1 48 ? -4.363  10.939  4.397   1.00 30.81 ? 253 VAL A C   1 
ATOM   348  O  O   . VAL A 1 48 ? -5.083  10.669  5.379   1.00 30.75 ? 253 VAL A O   1 
ATOM   349  C  CB  . VAL A 1 48 ? -5.992  11.042  2.435   1.00 30.01 ? 253 VAL A CB  1 
ATOM   350  C  CG1 . VAL A 1 48 ? -5.677  12.452  1.961   1.00 29.78 ? 253 VAL A CG1 1 
ATOM   351  C  CG2 . VAL A 1 48 ? -6.603  10.226  1.302   1.00 29.92 ? 253 VAL A CG2 1 
ATOM   352  N  N   . TYR A 1 49 ? -3.250  11.675  4.455   1.00 31.48 ? 254 TYR A N   1 
ATOM   353  C  CA  . TYR A 1 49 ? -2.697  12.277  5.696   1.00 31.72 ? 254 TYR A CA  1 
ATOM   354  C  C   . TYR A 1 49 ? -2.358  13.751  5.447   1.00 32.40 ? 254 TYR A C   1 
ATOM   355  O  O   . TYR A 1 49 ? -2.166  14.139  4.278   1.00 31.99 ? 254 TYR A O   1 
ATOM   356  C  CB  . TYR A 1 49 ? -1.482  11.478  6.179   1.00 31.49 ? 254 TYR A CB  1 
ATOM   357  C  CG  . TYR A 1 49 ? -0.213  11.698  5.394   1.00 31.34 ? 254 TYR A CG  1 
ATOM   358  C  CD1 . TYR A 1 49 ? 0.028   11.013  4.215   1.00 31.18 ? 254 TYR A CD1 1 
ATOM   359  C  CD2 . TYR A 1 49 ? 0.757   12.586  5.834   1.00 31.44 ? 254 TYR A CD2 1 
ATOM   360  C  CE1 . TYR A 1 49 ? 1.196   11.205  3.493   1.00 31.00 ? 254 TYR A CE1 1 
ATOM   361  C  CE2 . TYR A 1 49 ? 1.926   12.795  5.121   1.00 31.15 ? 254 TYR A CE2 1 
ATOM   362  C  CZ  . TYR A 1 49 ? 2.148   12.101  3.946   1.00 30.85 ? 254 TYR A CZ  1 
ATOM   363  O  OH  . TYR A 1 49 ? 3.299   12.301  3.240   1.00 30.53 ? 254 TYR A OH  1 
ATOM   364  N  N   . ASP A 1 50 ? -2.300  14.538  6.525   1.00 33.36 ? 255 ASP A N   1 
ATOM   365  C  CA  . ASP A 1 50 ? -1.870  15.961  6.522   1.00 34.57 ? 255 ASP A CA  1 
ATOM   366  C  C   . ASP A 1 50 ? -0.365  16.003  6.778   1.00 35.04 ? 255 ASP A C   1 
ATOM   367  O  O   . ASP A 1 50 ? 0.083   15.665  7.873   1.00 34.57 ? 255 ASP A O   1 
ATOM   368  C  CB  . ASP A 1 50 ? -2.649  16.772  7.561   1.00 35.55 ? 255 ASP A CB  1 
ATOM   369  C  CG  . ASP A 1 50 ? -2.546  18.277  7.386   1.00 36.43 ? 255 ASP A CG  1 
ATOM   370  O  OD1 . ASP A 1 50 ? -1.537  18.736  6.813   1.00 36.76 ? 255 ASP A OD1 1 
ATOM   371  O  OD2 . ASP A 1 50 ? -3.480  18.981  7.821   1.00 37.50 ? 255 ASP A OD2 1 
ATOM   372  N  N   . PRO A 1 51 ? 0.463   16.406  5.786   1.00 35.34 ? 256 PRO A N   1 
ATOM   373  C  CA  . PRO A 1 51 ? 1.918   16.385  5.943   1.00 35.99 ? 256 PRO A CA  1 
ATOM   374  C  C   . PRO A 1 51 ? 2.434   17.421  6.955   1.00 36.77 ? 256 PRO A C   1 
ATOM   375  O  O   . PRO A 1 51 ? 3.541   17.255  7.437   1.00 37.57 ? 256 PRO A O   1 
ATOM   376  C  CB  . PRO A 1 51 ? 2.448   16.682  4.531   1.00 35.64 ? 256 PRO A CB  1 
ATOM   377  C  CG  . PRO A 1 51 ? 1.326   17.446  3.857   1.00 35.18 ? 256 PRO A CG  1 
ATOM   378  C  CD  . PRO A 1 51 ? 0.047   16.909  4.467   1.00 35.07 ? 256 PRO A CD  1 
ATOM   379  N  N   . ALA A 1 52 ? 1.628   18.449  7.248   1.00 37.26 ? 257 ALA A N   1 
ATOM   380  C  CA  . ALA A 1 52 ? 1.903   19.487  8.268   1.00 38.55 ? 257 ALA A CA  1 
ATOM   381  C  C   . ALA A 1 52 ? 1.787   18.889  9.677   1.00 39.31 ? 257 ALA A C   1 
ATOM   382  O  O   . ALA A 1 52 ? 2.475   19.394  10.586  1.00 39.86 ? 257 ALA A O   1 
ATOM   383  C  CB  . ALA A 1 52 ? 0.957   20.649  8.089   1.00 38.63 ? 257 ALA A CB  1 
ATOM   384  N  N   . LEU A 1 53 ? 0.952   17.857  9.847   1.00 39.94 ? 258 LEU A N   1 
ATOM   385  C  CA  . LEU A 1 53 ? 0.628   17.248  11.167  1.00 41.08 ? 258 LEU A CA  1 
ATOM   386  C  C   . LEU A 1 53 ? 1.552   16.058  11.454  1.00 41.62 ? 258 LEU A C   1 
ATOM   387  O  O   . LEU A 1 53 ? 2.001   15.944  12.612  1.00 42.46 ? 258 LEU A O   1 
ATOM   388  C  CB  . LEU A 1 53 ? -0.843  16.817  11.178  1.00 41.37 ? 258 LEU A CB  1 
ATOM   389  C  CG  . LEU A 1 53 ? -1.862  17.950  11.057  1.00 41.83 ? 258 LEU A CG  1 
ATOM   390  C  CD1 . LEU A 1 53 ? -3.284  17.410  11.092  1.00 41.92 ? 258 LEU A CD1 1 
ATOM   391  C  CD2 . LEU A 1 53 ? -1.661  18.985  12.154  1.00 42.33 ? 258 LEU A CD2 1 
ATOM   392  N  N   . VAL A 1 54 ? 1.817   15.203  10.459  1.00 42.00 ? 259 VAL A N   1 
ATOM   393  C  CA  . VAL A 1 54 ? 2.568   13.923  10.649  1.00 42.08 ? 259 VAL A CA  1 
ATOM   394  C  C   . VAL A 1 54 ? 3.509   13.672  9.463   1.00 42.08 ? 259 VAL A C   1 
ATOM   395  O  O   . VAL A 1 54 ? 3.157   14.039  8.326   1.00 41.30 ? 259 VAL A O   1 
ATOM   396  C  CB  . VAL A 1 54 ? 1.600   12.740  10.858  1.00 42.26 ? 259 VAL A CB  1 
ATOM   397  C  CG1 . VAL A 1 54 ? 0.856   12.373  9.583   1.00 42.29 ? 259 VAL A CG1 1 
ATOM   398  C  CG2 . VAL A 1 54 ? 2.313   11.527  11.435  1.00 42.36 ? 259 VAL A CG2 1 
ATOM   399  N  N   . ASP A 1 55 ? 4.663   13.057  9.742   1.00 42.68 ? 260 ASP A N   1 
ATOM   400  C  CA  . ASP A 1 55 ? 5.651   12.578  8.738   1.00 43.55 ? 260 ASP A CA  1 
ATOM   401  C  C   . ASP A 1 55 ? 5.175   11.224  8.198   1.00 41.86 ? 260 ASP A C   1 
ATOM   402  O  O   . ASP A 1 55 ? 4.629   10.433  8.991   1.00 41.18 ? 260 ASP A O   1 
ATOM   403  C  CB  . ASP A 1 55 ? 7.050   12.483  9.357   1.00 45.88 ? 260 ASP A CB  1 
ATOM   404  C  CG  . ASP A 1 55 ? 8.127   12.009  8.396   1.00 47.60 ? 260 ASP A CG  1 
ATOM   405  O  OD1 . ASP A 1 55 ? 8.229   12.592  7.299   1.00 49.30 ? 260 ASP A OD1 1 
ATOM   406  O  OD2 . ASP A 1 55 ? 8.855   11.059  8.753   1.00 49.79 ? 260 ASP A OD2 1 
ATOM   407  N  N   . ALA A 1 56 ? 5.382   10.973  6.902   1.00 40.39 ? 261 ALA A N   1 
ATOM   408  C  CA  . ALA A 1 56 ? 4.939   9.755   6.179   1.00 40.06 ? 261 ALA A CA  1 
ATOM   409  C  C   . ALA A 1 56 ? 5.521   8.502   6.846   1.00 39.63 ? 261 ALA A C   1 
ATOM   410  O  O   . ALA A 1 56 ? 4.733   7.605   7.211   1.00 39.24 ? 261 ALA A O   1 
ATOM   411  C  CB  . ALA A 1 56 ? 5.338   9.838   4.726   1.00 40.29 ? 261 ALA A CB  1 
ATOM   412  N  N   . GLU A 1 57 ? 6.847   8.450   6.999   1.00 39.80 ? 262 GLU A N   1 
ATOM   413  C  CA  . GLU A 1 57 ? 7.588   7.287   7.566   1.00 40.24 ? 262 GLU A CA  1 
ATOM   414  C  C   . GLU A 1 57 ? 7.093   7.013   8.994   1.00 39.23 ? 262 GLU A C   1 
ATOM   415  O  O   . GLU A 1 57 ? 6.886   5.829   9.328   1.00 38.99 ? 262 GLU A O   1 
ATOM   416  C  CB  . GLU A 1 57 ? 9.096   7.547   7.538   1.00 41.14 ? 262 GLU A CB  1 
ATOM   417  C  CG  . GLU A 1 57 ? 9.936   6.286   7.677   1.00 42.30 ? 262 GLU A CG  1 
ATOM   418  C  CD  . GLU A 1 57 ? 9.874   5.328   6.498   1.00 42.76 ? 262 GLU A CD  1 
ATOM   419  O  OE1 . GLU A 1 57 ? 9.787   5.803   5.348   1.00 43.29 ? 262 GLU A OE1 1 
ATOM   420  O  OE2 . GLU A 1 57 ? 9.915   4.102   6.731   1.00 43.02 ? 262 GLU A OE2 1 
ATOM   421  N  N   . ALA A 1 58 ? 6.903   8.069   9.793   1.00 38.40 ? 263 ALA A N   1 
ATOM   422  C  CA  . ALA A 1 58 ? 6.400   8.004   11.187  1.00 37.82 ? 263 ALA A CA  1 
ATOM   423  C  C   . ALA A 1 58 ? 4.984   7.414   11.203  1.00 37.52 ? 263 ALA A C   1 
ATOM   424  O  O   . ALA A 1 58 ? 4.740   6.490   12.008  1.00 37.76 ? 263 ALA A O   1 
ATOM   425  C  CB  . ALA A 1 58 ? 6.431   9.376   11.814  1.00 37.67 ? 263 ALA A CB  1 
ATOM   426  N  N   . LEU A 1 59 ? 4.090   7.927   10.350  1.00 37.18 ? 264 LEU A N   1 
ATOM   427  C  CA  . LEU A 1 59 ? 2.672   7.479   10.246  1.00 36.94 ? 264 LEU A CA  1 
ATOM   428  C  C   . LEU A 1 59 ? 2.635   6.001   9.842   1.00 36.54 ? 264 LEU A C   1 
ATOM   429  O  O   . LEU A 1 59 ? 1.846   5.247   10.444  1.00 36.48 ? 264 LEU A O   1 
ATOM   430  C  CB  . LEU A 1 59 ? 1.925   8.347   9.227   1.00 36.87 ? 264 LEU A CB  1 
ATOM   431  C  CG  . LEU A 1 59 ? 0.478   7.939   8.944   1.00 36.91 ? 264 LEU A CG  1 
ATOM   432  C  CD1 . LEU A 1 59 ? -0.328  7.834   10.232  1.00 36.99 ? 264 LEU A CD1 1 
ATOM   433  C  CD2 . LEU A 1 59 ? -0.184  8.914   7.980   1.00 36.86 ? 264 LEU A CD2 1 
ATOM   434  N  N   . LEU A 1 60 ? 3.457   5.611   8.863   1.00 35.71 ? 265 LEU A N   1 
ATOM   435  C  CA  . LEU A 1 60 ? 3.574   4.212   8.371   1.00 35.30 ? 265 LEU A CA  1 
ATOM   436  C  C   . LEU A 1 60 ? 3.922   3.289   9.546   1.00 34.52 ? 265 LEU A C   1 
ATOM   437  O  O   . LEU A 1 60 ? 3.286   2.221   9.661   1.00 34.28 ? 265 LEU A O   1 
ATOM   438  C  CB  . LEU A 1 60 ? 4.643   4.151   7.275   1.00 35.98 ? 265 LEU A CB  1 
ATOM   439  C  CG  . LEU A 1 60 ? 4.757   2.818   6.538   1.00 36.44 ? 265 LEU A CG  1 
ATOM   440  C  CD1 . LEU A 1 60 ? 3.454   2.481   5.827   1.00 36.68 ? 265 LEU A CD1 1 
ATOM   441  C  CD2 . LEU A 1 60 ? 5.917   2.846   5.553   1.00 36.58 ? 265 LEU A CD2 1 
ATOM   442  N  N   . GLY A 1 61 ? 4.881   3.698   10.386  1.00 33.41 ? 266 GLY A N   1 
ATOM   443  C  CA  . GLY A 1 61 ? 5.298   2.968   11.600  1.00 33.14 ? 266 GLY A CA  1 
ATOM   444  C  C   . GLY A 1 61 ? 4.151   2.801   12.587  1.00 32.82 ? 266 GLY A C   1 
ATOM   445  O  O   . GLY A 1 61 ? 3.999   1.688   13.137  1.00 32.83 ? 266 GLY A O   1 
ATOM   446  N  N   . THR A 1 62 ? 3.368   3.866   12.798  1.00 32.34 ? 267 THR A N   1 
ATOM   447  C  CA  . THR A 1 62 ? 2.213   3.909   13.738  1.00 32.43 ? 267 THR A CA  1 
ATOM   448  C  C   . THR A 1 62 ? 1.103   2.971   13.246  1.00 32.70 ? 267 THR A C   1 
ATOM   449  O  O   . THR A 1 62 ? 0.511   2.274   14.093  1.00 32.92 ? 267 THR A O   1 
ATOM   450  C  CB  . THR A 1 62 ? 1.690   5.343   13.912  1.00 32.27 ? 267 THR A CB  1 
ATOM   451  O  OG1 . THR A 1 62 ? 2.786   6.183   14.271  1.00 31.39 ? 267 THR A OG1 1 
ATOM   452  C  CG2 . THR A 1 62 ? 0.602   5.449   14.958  1.00 32.30 ? 267 THR A CG2 1 
ATOM   453  N  N   . VAL A 1 63 ? 0.833   2.955   11.935  1.00 32.85 ? 268 VAL A N   1 
ATOM   454  C  CA  . VAL A 1 63 ? -0.255  2.137   11.316  1.00 32.97 ? 268 VAL A CA  1 
ATOM   455  C  C   . VAL A 1 63 ? 0.144   0.657   11.369  1.00 33.10 ? 268 VAL A C   1 
ATOM   456  O  O   . VAL A 1 63 ? -0.727  -0.158  11.722  1.00 32.40 ? 268 VAL A O   1 
ATOM   457  C  CB  . VAL A 1 63 ? -0.578  2.590   9.877   1.00 32.77 ? 268 VAL A CB  1 
ATOM   458  C  CG1 . VAL A 1 63 ? -1.609  1.684   9.220   1.00 32.97 ? 268 VAL A CG1 1 
ATOM   459  C  CG2 . VAL A 1 63 ? -1.047  4.036   9.827   1.00 32.58 ? 268 VAL A CG2 1 
ATOM   460  N  N   . LYS A 1 64 ? 1.398   0.327   11.032  1.00 34.08 ? 269 LYS A N   1 
ATOM   461  C  CA  . LYS A 1 64 ? 1.935   -1.063  11.069  1.00 35.31 ? 269 LYS A CA  1 
ATOM   462  C  C   . LYS A 1 64 ? 1.784   -1.635  12.485  1.00 35.37 ? 269 LYS A C   1 
ATOM   463  O  O   . LYS A 1 64 ? 1.371   -2.812  12.609  1.00 35.26 ? 269 LYS A O   1 
ATOM   464  C  CB  . LYS A 1 64 ? 3.405   -1.100  10.636  1.00 36.61 ? 269 LYS A CB  1 
ATOM   465  C  CG  . LYS A 1 64 ? 3.667   -0.793  9.168   1.00 37.66 ? 269 LYS A CG  1 
ATOM   466  C  CD  . LYS A 1 64 ? 3.344   -1.934  8.229   1.00 38.43 ? 269 LYS A CD  1 
ATOM   467  C  CE  . LYS A 1 64 ? 3.441   -1.527  6.775   1.00 38.91 ? 269 LYS A CE  1 
ATOM   468  N  NZ  . LYS A 1 64 ? 2.959   -2.598  5.876   1.00 39.02 ? 269 LYS A NZ  1 
ATOM   469  N  N   . ALA A 1 65 ? 2.107   -0.830  13.504  1.00 35.54 ? 270 ALA A N   1 
ATOM   470  C  CA  . ALA A 1 65 ? 2.023   -1.194  14.938  1.00 35.66 ? 270 ALA A CA  1 
ATOM   471  C  C   . ALA A 1 65 ? 0.571   -1.527  15.302  1.00 35.33 ? 270 ALA A C   1 
ATOM   472  O  O   . ALA A 1 65 ? 0.348   -2.590  15.916  1.00 35.04 ? 270 ALA A O   1 
ATOM   473  C  CB  . ALA A 1 65 ? 2.566   -0.074  15.793  1.00 35.87 ? 270 ALA A CB  1 
ATOM   474  N  N   . LEU A 1 66 ? -0.374  -0.655  14.925  1.00 35.02 ? 271 LEU A N   1 
ATOM   475  C  CA  . LEU A 1 66 ? -1.828  -0.837  15.180  1.00 34.97 ? 271 LEU A CA  1 
ATOM   476  C  C   . LEU A 1 66 ? -2.300  -2.139  14.524  1.00 34.80 ? 271 LEU A C   1 
ATOM   477  O  O   . LEU A 1 66 ? -2.904  -2.958  15.233  1.00 34.41 ? 271 LEU A O   1 
ATOM   478  C  CB  . LEU A 1 66 ? -2.616  0.359   14.635  1.00 35.35 ? 271 LEU A CB  1 
ATOM   479  C  CG  . LEU A 1 66 ? -4.137  0.243   14.780  1.00 35.89 ? 271 LEU A CG  1 
ATOM   480  C  CD1 . LEU A 1 66 ? -4.543  0.211   16.246  1.00 36.22 ? 271 LEU A CD1 1 
ATOM   481  C  CD2 . LEU A 1 66 ? -4.858  1.365   14.056  1.00 36.32 ? 271 LEU A CD2 1 
ATOM   482  N  N   . LEU A 1 67 ? -2.028  -2.309  13.225  1.00 34.28 ? 272 LEU A N   1 
ATOM   483  C  CA  . LEU A 1 67 ? -2.489  -3.471  12.416  1.00 34.64 ? 272 LEU A CA  1 
ATOM   484  C  C   . LEU A 1 67 ? -1.893  -4.770  12.972  1.00 34.82 ? 272 LEU A C   1 
ATOM   485  O  O   . LEU A 1 67 ? -2.622  -5.782  12.988  1.00 34.53 ? 272 LEU A O   1 
ATOM   486  C  CB  . LEU A 1 67 ? -2.096  -3.268  10.949  1.00 34.27 ? 272 LEU A CB  1 
ATOM   487  C  CG  . LEU A 1 67 ? -2.820  -2.140  10.216  1.00 33.82 ? 272 LEU A CG  1 
ATOM   488  C  CD1 . LEU A 1 67 ? -2.358  -2.054  8.768   1.00 33.69 ? 272 LEU A CD1 1 
ATOM   489  C  CD2 . LEU A 1 67 ? -4.326  -2.326  10.280  1.00 33.67 ? 272 LEU A CD2 1 
ATOM   490  N  N   . HIS A 1 68 ? -0.630  -4.745  13.412  1.00 35.45 ? 273 HIS A N   1 
ATOM   491  C  CA  . HIS A 1 68 ? 0.081   -5.934  13.956  1.00 36.01 ? 273 HIS A CA  1 
ATOM   492  C  C   . HIS A 1 68 ? -0.416  -6.254  15.373  1.00 36.49 ? 273 HIS A C   1 
ATOM   493  O  O   . HIS A 1 68 ? -0.810  -7.410  15.610  1.00 35.44 ? 273 HIS A O   1 
ATOM   494  C  CB  . HIS A 1 68 ? 1.601   -5.734  13.935  1.00 36.22 ? 273 HIS A CB  1 
ATOM   495  C  CG  . HIS A 1 68 ? 2.346   -6.911  14.475  1.00 36.65 ? 273 HIS A CG  1 
ATOM   496  N  ND1 . HIS A 1 68 ? 2.621   -7.053  15.823  1.00 36.87 ? 273 HIS A ND1 1 
ATOM   497  C  CD2 . HIS A 1 68 ? 2.843   -8.013  13.871  1.00 36.14 ? 273 HIS A CD2 1 
ATOM   498  C  CE1 . HIS A 1 68 ? 3.267   -8.183  16.022  1.00 36.92 ? 273 HIS A CE1 1 
ATOM   499  N  NE2 . HIS A 1 68 ? 3.415   -8.790  14.843  1.00 36.61 ? 273 HIS A NE2 1 
ATOM   500  N  N   . ASP A 1 69 ? -0.382  -5.270  16.277  1.00 38.02 ? 274 ASP A N   1 
ATOM   501  C  CA  . ASP A 1 69 ? -0.556  -5.472  17.742  1.00 39.31 ? 274 ASP A CA  1 
ATOM   502  C  C   . ASP A 1 69 ? -2.036  -5.691  18.085  1.00 41.15 ? 274 ASP A C   1 
ATOM   503  O  O   . ASP A 1 69 ? -2.305  -6.461  19.026  1.00 42.05 ? 274 ASP A O   1 
ATOM   504  C  CB  . ASP A 1 69 ? 0.035   -4.307  18.541  1.00 38.92 ? 274 ASP A CB  1 
ATOM   505  C  CG  . ASP A 1 69 ? 1.544   -4.165  18.410  1.00 38.76 ? 274 ASP A CG  1 
ATOM   506  O  OD1 . ASP A 1 69 ? 2.185   -5.114  17.918  1.00 38.91 ? 274 ASP A OD1 1 
ATOM   507  O  OD2 . ASP A 1 69 ? 2.069   -3.107  18.807  1.00 38.53 ? 274 ASP A OD2 1 
ATOM   508  N  N   . ARG A 1 70 ? -2.957  -5.040  17.366  1.00 42.67 ? 275 ARG A N   1 
ATOM   509  C  CA  . ARG A 1 70 ? -4.419  -5.125  17.628  1.00 44.03 ? 275 ARG A CA  1 
ATOM   510  C  C   . ARG A 1 70 ? -5.045  -6.236  16.778  1.00 44.29 ? 275 ARG A C   1 
ATOM   511  O  O   . ARG A 1 70 ? -5.787  -7.052  17.349  1.00 43.56 ? 275 ARG A O   1 
ATOM   512  C  CB  . ARG A 1 70 ? -5.103  -3.784  17.339  1.00 44.96 ? 275 ARG A CB  1 
ATOM   513  C  CG  . ARG A 1 70 ? -6.578  -3.741  17.710  1.00 46.20 ? 275 ARG A CG  1 
ATOM   514  C  CD  . ARG A 1 70 ? -7.164  -2.352  17.513  1.00 47.49 ? 275 ARG A CD  1 
ATOM   515  N  NE  . ARG A 1 70 ? -8.621  -2.345  17.562  1.00 48.72 ? 275 ARG A NE  1 
ATOM   516  C  CZ  . ARG A 1 70 ? -9.349  -2.412  18.678  1.00 49.71 ? 275 ARG A CZ  1 
ATOM   517  N  NH1 . ARG A 1 70 ? -8.765  -2.500  19.864  1.00 49.50 ? 275 ARG A NH1 1 
ATOM   518  N  NH2 . ARG A 1 70 ? -10.669 -2.397  18.604  1.00 50.28 ? 275 ARG A NH2 1 
ATOM   519  N  N   . TYR A 1 71 ? -4.759  -6.265  15.470  1.00 45.08 ? 276 TYR A N   1 
ATOM   520  C  CA  . TYR A 1 71 ? -5.486  -7.087  14.463  1.00 45.25 ? 276 TYR A CA  1 
ATOM   521  C  C   . TYR A 1 71 ? -4.673  -8.322  14.049  1.00 46.00 ? 276 TYR A C   1 
ATOM   522  O  O   . TYR A 1 71 ? -5.238  -9.159  13.322  1.00 46.29 ? 276 TYR A O   1 
ATOM   523  C  CB  . TYR A 1 71 ? -5.861  -6.224  13.256  1.00 45.25 ? 276 TYR A CB  1 
ATOM   524  C  CG  . TYR A 1 71 ? -6.897  -5.171  13.563  1.00 45.33 ? 276 TYR A CG  1 
ATOM   525  C  CD1 . TYR A 1 71 ? -8.238  -5.501  13.675  1.00 45.26 ? 276 TYR A CD1 1 
ATOM   526  C  CD2 . TYR A 1 71 ? -6.539  -3.849  13.764  1.00 44.87 ? 276 TYR A CD2 1 
ATOM   527  C  CE1 . TYR A 1 71 ? -9.197  -4.545  13.963  1.00 45.14 ? 276 TYR A CE1 1 
ATOM   528  C  CE2 . TYR A 1 71 ? -7.486  -2.877  14.048  1.00 44.90 ? 276 TYR A CE2 1 
ATOM   529  C  CZ  . TYR A 1 71 ? -8.819  -3.229  14.161  1.00 45.00 ? 276 TYR A CZ  1 
ATOM   530  O  OH  . TYR A 1 71 ? -9.759  -2.277  14.426  1.00 44.69 ? 276 TYR A OH  1 
ATOM   531  N  N   . GLU A 1 72 ? -3.416  -8.442  14.498  1.00 46.42 ? 277 GLU A N   1 
ATOM   532  C  CA  . GLU A 1 72 ? -2.529  -9.611  14.237  1.00 47.08 ? 277 GLU A CA  1 
ATOM   533  C  C   . GLU A 1 72 ? -2.252  -9.732  12.731  1.00 46.56 ? 277 GLU A C   1 
ATOM   534  O  O   . GLU A 1 72 ? -2.143  -10.876 12.236  1.00 46.76 ? 277 GLU A O   1 
ATOM   535  C  CB  . GLU A 1 72 ? -3.158  -10.898 14.782  1.00 48.26 ? 277 GLU A CB  1 
ATOM   536  C  CG  . GLU A 1 72 ? -3.568  -10.811 16.244  1.00 49.32 ? 277 GLU A CG  1 
ATOM   537  C  CD  . GLU A 1 72 ? -4.527  -11.893 16.714  1.00 50.05 ? 277 GLU A CD  1 
ATOM   538  O  OE1 . GLU A 1 72 ? -4.856  -12.790 15.909  1.00 50.78 ? 277 GLU A OE1 1 
ATOM   539  O  OE2 . GLU A 1 72 ? -4.947  -11.835 17.887  1.00 50.26 ? 277 GLU A OE2 1 
ATOM   540  N  N   . ILE A 1 73 ? -2.128  -8.598  12.032  1.00 44.93 ? 278 ILE A N   1 
ATOM   541  C  CA  . ILE A 1 73 ? -1.850  -8.530  10.565  1.00 43.34 ? 278 ILE A CA  1 
ATOM   542  C  C   . ILE A 1 73 ? -0.337  -8.396  10.362  1.00 42.21 ? 278 ILE A C   1 
ATOM   543  O  O   . ILE A 1 73 ? 0.228   -7.378  10.808  1.00 41.69 ? 278 ILE A O   1 
ATOM   544  C  CB  . ILE A 1 73 ? -2.630  -7.371  9.908   1.00 43.53 ? 278 ILE A CB  1 
ATOM   545  C  CG1 . ILE A 1 73 ? -4.143  -7.569  10.059  1.00 43.29 ? 278 ILE A CG1 1 
ATOM   546  C  CG2 . ILE A 1 73 ? -2.209  -7.184  8.451   1.00 43.81 ? 278 ILE A CG2 1 
ATOM   547  C  CD1 . ILE A 1 73 ? -4.974  -6.394  9.608   1.00 43.39 ? 278 ILE A CD1 1 
ATOM   548  N  N   . GLU A 1 74 ? 0.282   -9.393  9.718   1.00 41.17 ? 279 GLU A N   1 
ATOM   549  C  CA  . GLU A 1 74 ? 1.732   -9.423  9.377   1.00 40.53 ? 279 GLU A CA  1 
ATOM   550  C  C   . GLU A 1 74 ? 1.959   -8.811  7.993   1.00 39.75 ? 279 GLU A C   1 
ATOM   551  O  O   . GLU A 1 74 ? 2.956   -8.083  7.823   1.00 40.82 ? 279 GLU A O   1 
ATOM   552  C  CB  . GLU A 1 74 ? 2.254   -10.862 9.377   1.00 41.09 ? 279 GLU A CB  1 
ATOM   553  C  CG  . GLU A 1 74 ? 2.174   -11.544 10.731  1.00 41.29 ? 279 GLU A CG  1 
ATOM   554  C  CD  . GLU A 1 74 ? 3.039   -10.917 11.810  1.00 41.32 ? 279 GLU A CD  1 
ATOM   555  O  OE1 . GLU A 1 74 ? 4.055   -10.280 11.459  1.00 40.57 ? 279 GLU A OE1 1 
ATOM   556  O  OE2 . GLU A 1 74 ? 2.691   -11.060 13.001  1.00 42.16 ? 279 GLU A OE2 1 
ATOM   557  N  N   . HIS A 1 75 ? 1.059   -9.109  7.054   1.00 37.99 ? 280 HIS A N   1 
ATOM   558  C  CA  . HIS A 1 75 ? 1.187   -8.808  5.605   1.00 36.61 ? 280 HIS A CA  1 
ATOM   559  C  C   . HIS A 1 75 ? 0.261   -7.637  5.258   1.00 34.53 ? 280 HIS A C   1 
ATOM   560  O  O   . HIS A 1 75 ? -0.948  -7.874  5.119   1.00 34.06 ? 280 HIS A O   1 
ATOM   561  C  CB  . HIS A 1 75 ? 0.895   -10.084 4.801   1.00 37.20 ? 280 HIS A CB  1 
ATOM   562  C  CG  . HIS A 1 75 ? 0.978   -9.914  3.322   1.00 38.09 ? 280 HIS A CG  1 
ATOM   563  N  ND1 . HIS A 1 75 ? -0.147  -9.754  2.539   1.00 38.94 ? 280 HIS A ND1 1 
ATOM   564  C  CD2 . HIS A 1 75 ? 2.035   -9.882  2.483   1.00 38.68 ? 280 HIS A CD2 1 
ATOM   565  C  CE1 . HIS A 1 75 ? 0.212   -9.619  1.280   1.00 39.58 ? 280 HIS A CE1 1 
ATOM   566  N  NE2 . HIS A 1 75 ? 1.546   -9.697  1.217   1.00 39.13 ? 280 HIS A NE2 1 
ATOM   567  N  N   . SER A 1 76 ? 0.812   -6.426  5.129   1.00 32.48 ? 281 SER A N   1 
ATOM   568  C  CA  . SER A 1 76 ? 0.052   -5.199  4.768   1.00 31.23 ? 281 SER A CA  1 
ATOM   569  C  C   . SER A 1 76 ? 0.847   -4.326  3.784   1.00 30.08 ? 281 SER A C   1 
ATOM   570  O  O   . SER A 1 76 ? 2.093   -4.347  3.839   1.00 29.42 ? 281 SER A O   1 
ATOM   571  C  CB  . SER A 1 76 ? -0.343  -4.432  6.004   1.00 31.05 ? 281 SER A CB  1 
ATOM   572  O  OG  . SER A 1 76 ? 0.798   -3.884  6.653   1.00 31.22 ? 281 SER A OG  1 
ATOM   573  N  N   . THR A 1 77 ? 0.132   -3.592  2.924   1.00 28.77 ? 282 THR A N   1 
ATOM   574  C  CA  . THR A 1 77 ? 0.674   -2.620  1.936   1.00 28.00 ? 282 THR A CA  1 
ATOM   575  C  C   . THR A 1 77 ? -0.185  -1.352  1.977   1.00 27.25 ? 282 THR A C   1 
ATOM   576  O  O   . THR A 1 77 ? -1.370  -1.432  1.607   1.00 27.08 ? 282 THR A O   1 
ATOM   577  C  CB  . THR A 1 77 ? 0.719   -3.227  0.528   1.00 28.03 ? 282 THR A CB  1 
ATOM   578  O  OG1 . THR A 1 77 ? 1.528   -4.401  0.578   1.00 28.34 ? 282 THR A OG1 1 
ATOM   579  C  CG2 . THR A 1 77 ? 1.265   -2.272  -0.512  1.00 28.22 ? 282 THR A CG2 1 
ATOM   580  N  N   . LEU A 1 78 ? 0.393   -0.229  2.408   1.00 26.81 ? 283 LEU A N   1 
ATOM   581  C  CA  . LEU A 1 78 ? -0.329  1.050   2.644   1.00 26.98 ? 283 LEU A CA  1 
ATOM   582  C  C   . LEU A 1 78 ? 0.249   2.146   1.742   1.00 26.93 ? 283 LEU A C   1 
ATOM   583  O  O   . LEU A 1 78 ? 1.462   2.409   1.837   1.00 26.69 ? 283 LEU A O   1 
ATOM   584  C  CB  . LEU A 1 78 ? -0.195  1.414   4.125   1.00 27.20 ? 283 LEU A CB  1 
ATOM   585  C  CG  . LEU A 1 78 ? -0.877  0.444   5.090   1.00 27.35 ? 283 LEU A CG  1 
ATOM   586  C  CD1 . LEU A 1 78 ? -0.195  0.451   6.446   1.00 27.62 ? 283 LEU A CD1 1 
ATOM   587  C  CD2 . LEU A 1 78 ? -2.358  0.764   5.223   1.00 27.52 ? 283 LEU A CD2 1 
ATOM   588  N  N   . GLN A 1 79 ? -0.593  2.750   0.897   1.00 27.08 ? 284 GLN A N   1 
ATOM   589  C  CA  . GLN A 1 79 ? -0.233  3.915   0.048   1.00 27.36 ? 284 GLN A CA  1 
ATOM   590  C  C   . GLN A 1 79 ? -0.615  5.200   0.792   1.00 28.12 ? 284 GLN A C   1 
ATOM   591  O  O   . GLN A 1 79 ? -1.822  5.494   0.892   1.00 27.78 ? 284 GLN A O   1 
ATOM   592  C  CB  . GLN A 1 79 ? -0.920  3.830   -1.317  1.00 27.42 ? 284 GLN A CB  1 
ATOM   593  C  CG  . GLN A 1 79 ? -0.558  4.980   -2.248  1.00 27.40 ? 284 GLN A CG  1 
ATOM   594  C  CD  . GLN A 1 79 ? -1.040  4.760   -3.661  1.00 27.36 ? 284 GLN A CD  1 
ATOM   595  O  OE1 . GLN A 1 79 ? -0.708  3.768   -4.304  1.00 27.53 ? 284 GLN A OE1 1 
ATOM   596  N  NE2 . GLN A 1 79 ? -1.826  5.697   -4.161  1.00 27.75 ? 284 GLN A NE2 1 
ATOM   597  N  N   . LEU A 1 80 ? 0.386   5.922   1.300   1.00 29.10 ? 285 LEU A N   1 
ATOM   598  C  CA  . LEU A 1 80 ? 0.228   7.245   1.962   1.00 29.91 ? 285 LEU A CA  1 
ATOM   599  C  C   . LEU A 1 80 ? 0.280   8.339   0.887   1.00 31.00 ? 285 LEU A C   1 
ATOM   600  O  O   . LEU A 1 80 ? 1.204   8.298   0.051   1.00 31.25 ? 285 LEU A O   1 
ATOM   601  C  CB  . LEU A 1 80 ? 1.335   7.415   3.008   1.00 29.89 ? 285 LEU A CB  1 
ATOM   602  C  CG  . LEU A 1 80 ? 1.062   6.783   4.374   1.00 30.05 ? 285 LEU A CG  1 
ATOM   603  C  CD1 . LEU A 1 80 ? 0.619   5.335   4.246   1.00 30.38 ? 285 LEU A CD1 1 
ATOM   604  C  CD2 . LEU A 1 80 ? 2.288   6.872   5.265   1.00 29.98 ? 285 LEU A CD2 1 
ATOM   605  N  N   . GLU A 1 81 ? -0.687  9.263   0.900   1.00 32.13 ? 286 GLU A N   1 
ATOM   606  C  CA  . GLU A 1 81 ? -0.807  10.375  -0.085  1.00 33.13 ? 286 GLU A CA  1 
ATOM   607  C  C   . GLU A 1 81 ? -1.386  11.616  0.607   1.00 34.29 ? 286 GLU A C   1 
ATOM   608  O  O   . GLU A 1 81 ? -2.143  11.453  1.582   1.00 34.66 ? 286 GLU A O   1 
ATOM   609  C  CB  . GLU A 1 81 ? -1.652  9.941   -1.287  1.00 33.07 ? 286 GLU A CB  1 
ATOM   610  C  CG  . GLU A 1 81 ? -2.984  9.306   -0.918  1.00 33.15 ? 286 GLU A CG  1 
ATOM   611  C  CD  . GLU A 1 81 ? -3.591  8.428   -2.001  1.00 33.00 ? 286 GLU A CD  1 
ATOM   612  O  OE1 . GLU A 1 81 ? -4.829  8.373   -2.091  1.00 32.50 ? 286 GLU A OE1 1 
ATOM   613  O  OE2 . GLU A 1 81 ? -2.823  7.789   -2.744  1.00 33.87 ? 286 GLU A OE2 1 
ATOM   614  N  N   . THR A 1 82 ? -1.025  12.808  0.121   1.00 35.70 ? 287 THR A N   1 
ATOM   615  C  CA  . THR A 1 82 ? -1.371  14.124  0.728   1.00 36.74 ? 287 THR A CA  1 
ATOM   616  C  C   . THR A 1 82 ? -2.745  14.594  0.232   1.00 37.43 ? 287 THR A C   1 
ATOM   617  O  O   . THR A 1 82 ? -3.319  15.496  0.875   1.00 37.48 ? 287 THR A O   1 
ATOM   618  C  CB  . THR A 1 82 ? -0.279  15.161  0.438   1.00 36.55 ? 287 THR A CB  1 
ATOM   619  O  OG1 . THR A 1 82 ? -0.079  15.211  -0.974  1.00 36.29 ? 287 THR A OG1 1 
ATOM   620  C  CG2 . THR A 1 82 ? 1.028   14.841  1.128   1.00 36.69 ? 287 THR A CG2 1 
ATOM   621  N  N   . SER A 1 83 ? -3.238  14.015  -0.868  1.00 38.70 ? 288 SER A N   1 
ATOM   622  C  CA  . SER A 1 83 ? -4.595  14.248  -1.429  1.00 39.80 ? 288 SER A CA  1 
ATOM   623  C  C   . SER A 1 83 ? -5.174  12.923  -1.938  1.00 39.89 ? 288 SER A C   1 
ATOM   624  O  O   . SER A 1 83 ? -4.388  12.066  -2.389  1.00 41.07 ? 288 SER A O   1 
ATOM   625  C  CB  . SER A 1 83 ? -4.564  15.289  -2.517  1.00 39.96 ? 288 SER A CB  1 
ATOM   626  O  OG  . SER A 1 83 ? -3.641  14.930  -3.534  1.00 40.99 ? 288 SER A OG  1 
ATOM   627  N  N   . ALA A 1 84 ? -6.500  12.769  -1.868  1.00 39.76 ? 289 ALA A N   1 
ATOM   628  C  CA  . ALA A 1 84 ? -7.247  11.575  -2.328  1.00 40.40 ? 289 ALA A CA  1 
ATOM   629  C  C   . ALA A 1 84 ? -7.143  11.460  -3.856  1.00 41.20 ? 289 ALA A C   1 
ATOM   630  O  O   . ALA A 1 84 ? -6.939  12.497  -4.518  1.00 40.99 ? 289 ALA A O   1 
ATOM   631  C  CB  . ALA A 1 84 ? -8.685  11.662  -1.876  1.00 39.95 ? 289 ALA A CB  1 
ATOM   632  N  N   . CYS A 1 85 ? -7.277  10.241  -4.386  1.00 41.97 ? 290 CYS A N   1 
ATOM   633  C  CA  . CYS A 1 85 ? -7.232  9.927   -5.842  1.00 42.10 ? 290 CYS A CA  1 
ATOM   634  C  C   . CYS A 1 85 ? -8.465  10.513  -6.538  1.00 43.41 ? 290 CYS A C   1 
ATOM   635  O  O   . CYS A 1 85 ? -8.597  10.431  -7.759  1.00 45.34 ? 290 CYS A O   1 
ATOM   636  C  CB  . CYS A 1 85 ? -7.171  8.423   -6.078  1.00 41.41 ? 290 CYS A CB  1 
ATOM   637  S  SG  . CYS A 1 85 ? -5.715  7.637   -5.342  1.00 39.64 ? 290 CYS A SG  1 
ATOM   638  N  N   . GLU B 1 9  ? 0.006   -10.287 -22.176 1.00 55.62 ? 214 GLU B N   1 
ATOM   639  C  CA  . GLU B 1 9  ? 0.498   -10.921 -20.917 1.00 55.25 ? 214 GLU B CA  1 
ATOM   640  C  C   . GLU B 1 9  ? 1.695   -10.125 -20.385 1.00 54.15 ? 214 GLU B C   1 
ATOM   641  O  O   . GLU B 1 9  ? 2.580   -9.767  -21.191 1.00 54.83 ? 214 GLU B O   1 
ATOM   642  C  CB  . GLU B 1 9  ? 0.874   -12.384 -21.162 1.00 55.67 ? 214 GLU B CB  1 
ATOM   643  C  CG  . GLU B 1 9  ? -0.314  -13.332 -21.149 1.00 55.92 ? 214 GLU B CG  1 
ATOM   644  C  CD  . GLU B 1 9  ? -1.032  -13.457 -19.814 1.00 56.03 ? 214 GLU B CD  1 
ATOM   645  O  OE1 . GLU B 1 9  ? -0.439  -13.081 -18.782 1.00 54.91 ? 214 GLU B OE1 1 
ATOM   646  O  OE2 . GLU B 1 9  ? -2.187  -13.927 -19.810 1.00 56.42 ? 214 GLU B OE2 1 
ATOM   647  N  N   . ILE B 1 10 ? 1.718   -9.862  -19.074 1.00 52.86 ? 215 ILE B N   1 
ATOM   648  C  CA  . ILE B 1 10 ? 2.811   -9.110  -18.389 1.00 51.51 ? 215 ILE B CA  1 
ATOM   649  C  C   . ILE B 1 10 ? 3.961   -10.078 -18.080 1.00 49.97 ? 215 ILE B C   1 
ATOM   650  O  O   . ILE B 1 10 ? 3.695   -11.208 -17.617 1.00 48.17 ? 215 ILE B O   1 
ATOM   651  C  CB  . ILE B 1 10 ? 2.303   -8.394  -17.119 1.00 51.71 ? 215 ILE B CB  1 
ATOM   652  C  CG1 . ILE B 1 10 ? 1.189   -7.395  -17.446 1.00 51.60 ? 215 ILE B CG1 1 
ATOM   653  C  CG2 . ILE B 1 10 ? 3.462   -7.739  -16.378 1.00 51.88 ? 215 ILE B CG2 1 
ATOM   654  C  CD1 . ILE B 1 10 ? 0.537   -6.770  -16.234 1.00 51.34 ? 215 ILE B CD1 1 
ATOM   655  N  N   . GLN B 1 11 ? 5.191   -9.653  -18.384 1.00 48.86 ? 216 GLN B N   1 
ATOM   656  C  CA  . GLN B 1 11 ? 6.458   -10.278 -17.915 1.00 47.81 ? 216 GLN B CA  1 
ATOM   657  C  C   . GLN B 1 11 ? 6.844   -9.617  -16.587 1.00 46.46 ? 216 GLN B C   1 
ATOM   658  O  O   . GLN B 1 11 ? 7.250   -8.443  -16.633 1.00 46.01 ? 216 GLN B O   1 
ATOM   659  C  CB  . GLN B 1 11 ? 7.577   -10.073 -18.942 1.00 48.48 ? 216 GLN B CB  1 
ATOM   660  C  CG  . GLN B 1 11 ? 7.355   -10.793 -20.265 1.00 48.51 ? 216 GLN B CG  1 
ATOM   661  C  CD  . GLN B 1 11 ? 7.622   -12.276 -20.185 1.00 49.23 ? 216 GLN B CD  1 
ATOM   662  O  OE1 . GLN B 1 11 ? 8.197   -12.779 -19.220 1.00 50.34 ? 216 GLN B OE1 1 
ATOM   663  N  NE2 . GLN B 1 11 ? 7.206   -12.992 -21.215 1.00 48.97 ? 216 GLN B NE2 1 
ATOM   664  N  N   . LEU B 1 12 ? 6.697   -10.327 -15.462 1.00 44.90 ? 217 LEU B N   1 
ATOM   665  C  CA  . LEU B 1 12 ? 6.928   -9.782  -14.096 1.00 43.90 ? 217 LEU B CA  1 
ATOM   666  C  C   . LEU B 1 12 ? 8.403   -9.399  -13.931 1.00 42.17 ? 217 LEU B C   1 
ATOM   667  O  O   . LEU B 1 12 ? 8.670   -8.365  -13.282 1.00 41.78 ? 217 LEU B O   1 
ATOM   668  C  CB  . LEU B 1 12 ? 6.508   -10.817 -13.045 1.00 44.11 ? 217 LEU B CB  1 
ATOM   669  C  CG  . LEU B 1 12 ? 5.007   -11.078 -12.926 1.00 44.72 ? 217 LEU B CG  1 
ATOM   670  C  CD1 . LEU B 1 12 ? 4.719   -12.000 -11.752 1.00 44.65 ? 217 LEU B CD1 1 
ATOM   671  C  CD2 . LEU B 1 12 ? 4.223   -9.779  -12.782 1.00 44.96 ? 217 LEU B CD2 1 
ATOM   672  N  N   . ALA B 1 13 ? 9.316   -10.201 -14.491 1.00 40.73 ? 218 ALA B N   1 
ATOM   673  C  CA  . ALA B 1 13 ? 10.780  -9.962  -14.473 1.00 39.84 ? 218 ALA B CA  1 
ATOM   674  C  C   . ALA B 1 13 ? 11.078  -8.594  -15.096 1.00 38.97 ? 218 ALA B C   1 
ATOM   675  O  O   . ALA B 1 13 ? 11.875  -7.834  -14.506 1.00 39.02 ? 218 ALA B O   1 
ATOM   676  C  CB  . ALA B 1 13 ? 11.503  -11.067 -15.204 1.00 39.59 ? 218 ALA B CB  1 
ATOM   677  N  N   . GLU B 1 14 ? 10.438  -8.297  -16.232 1.00 38.15 ? 219 GLU B N   1 
ATOM   678  C  CA  . GLU B 1 14 ? 10.597  -7.025  -16.986 1.00 38.27 ? 219 GLU B CA  1 
ATOM   679  C  C   . GLU B 1 14 ? 9.925   -5.883  -16.213 1.00 37.42 ? 219 GLU B C   1 
ATOM   680  O  O   . GLU B 1 14 ? 10.475  -4.767  -16.233 1.00 36.71 ? 219 GLU B O   1 
ATOM   681  C  CB  . GLU B 1 14 ? 10.039  -7.184  -18.401 1.00 39.37 ? 219 GLU B CB  1 
ATOM   682  C  CG  . GLU B 1 14 ? 10.825  -8.176  -19.238 1.00 40.55 ? 219 GLU B CG  1 
ATOM   683  C  CD  . GLU B 1 14 ? 10.327  -8.398  -20.657 1.00 41.70 ? 219 GLU B CD  1 
ATOM   684  O  OE1 . GLU B 1 14 ? 9.450   -7.635  -21.119 1.00 42.48 ? 219 GLU B OE1 1 
ATOM   685  O  OE2 . GLU B 1 14 ? 10.825  -9.340  -21.300 1.00 43.25 ? 219 GLU B OE2 1 
ATOM   686  N  N   . LEU B 1 15 ? 8.794   -6.154  -15.551 1.00 36.78 ? 220 LEU B N   1 
ATOM   687  C  CA  . LEU B 1 15 ? 8.057   -5.171  -14.708 1.00 36.61 ? 220 LEU B CA  1 
ATOM   688  C  C   . LEU B 1 15 ? 8.932   -4.771  -13.514 1.00 36.35 ? 220 LEU B C   1 
ATOM   689  O  O   . LEU B 1 15 ? 8.962   -3.566  -13.191 1.00 35.28 ? 220 LEU B O   1 
ATOM   690  C  CB  . LEU B 1 15 ? 6.726   -5.772  -14.242 1.00 36.50 ? 220 LEU B CB  1 
ATOM   691  C  CG  . LEU B 1 15 ? 5.946   -4.945  -13.218 1.00 36.83 ? 220 LEU B CG  1 
ATOM   692  C  CD1 . LEU B 1 15 ? 5.594   -3.569  -13.759 1.00 37.09 ? 220 LEU B CD1 1 
ATOM   693  C  CD2 . LEU B 1 15 ? 4.686   -5.669  -12.784 1.00 37.49 ? 220 LEU B CD2 1 
ATOM   694  N  N   . ARG B 1 16 ? 9.608   -5.745  -12.890 1.00 36.98 ? 221 ARG B N   1 
ATOM   695  C  CA  . ARG B 1 16 ? 10.533  -5.519  -11.745 1.00 37.66 ? 221 ARG B CA  1 
ATOM   696  C  C   . ARG B 1 16 ? 11.662  -4.580  -12.184 1.00 36.93 ? 221 ARG B C   1 
ATOM   697  O  O   . ARG B 1 16 ? 11.899  -3.578  -11.474 1.00 36.94 ? 221 ARG B O   1 
ATOM   698  C  CB  . ARG B 1 16 ? 11.094  -6.844  -11.217 1.00 39.01 ? 221 ARG B CB  1 
ATOM   699  C  CG  . ARG B 1 16 ? 10.159  -7.580  -10.267 1.00 40.42 ? 221 ARG B CG  1 
ATOM   700  C  CD  . ARG B 1 16 ? 10.822  -8.766  -9.587  1.00 41.87 ? 221 ARG B CD  1 
ATOM   701  N  NE  . ARG B 1 16 ? 10.398  -10.038 -10.162 1.00 43.26 ? 221 ARG B NE  1 
ATOM   702  C  CZ  . ARG B 1 16 ? 9.443   -10.831 -9.673  1.00 44.17 ? 221 ARG B CZ  1 
ATOM   703  N  NH1 . ARG B 1 16 ? 8.788   -10.510 -8.568  1.00 44.76 ? 221 ARG B NH1 1 
ATOM   704  N  NH2 . ARG B 1 16 ? 9.151   -11.961 -10.295 1.00 44.44 ? 221 ARG B NH2 1 
ATOM   705  N  N   . GLU B 1 17 ? 12.313  -4.891  -13.314 1.00 36.04 ? 222 GLU B N   1 
ATOM   706  C  CA  . GLU B 1 17 ? 13.420  -4.090  -13.907 1.00 35.68 ? 222 GLU B CA  1 
ATOM   707  C  C   . GLU B 1 17 ? 12.947  -2.652  -14.149 1.00 34.73 ? 222 GLU B C   1 
ATOM   708  O  O   . GLU B 1 17 ? 13.712  -1.725  -13.824 1.00 34.89 ? 222 GLU B O   1 
ATOM   709  C  CB  . GLU B 1 17 ? 13.899  -4.707  -15.224 1.00 36.37 ? 222 GLU B CB  1 
ATOM   710  C  CG  . GLU B 1 17 ? 14.749  -5.952  -15.050 1.00 37.05 ? 222 GLU B CG  1 
ATOM   711  C  CD  . GLU B 1 17 ? 15.153  -6.612  -16.359 1.00 37.86 ? 222 GLU B CD  1 
ATOM   712  O  OE1 . GLU B 1 17 ? 14.253  -6.931  -17.161 1.00 39.33 ? 222 GLU B OE1 1 
ATOM   713  O  OE2 . GLU B 1 17 ? 16.367  -6.794  -16.581 1.00 38.16 ? 222 GLU B OE2 1 
ATOM   714  N  N   . ALA B 1 18 ? 11.739  -2.484  -14.700 1.00 33.58 ? 223 ALA B N   1 
ATOM   715  C  CA  . ALA B 1 18 ? 11.130  -1.175  -15.036 1.00 33.33 ? 223 ALA B CA  1 
ATOM   716  C  C   . ALA B 1 18 ? 10.993  -0.324  -13.769 1.00 32.75 ? 223 ALA B C   1 
ATOM   717  O  O   . ALA B 1 18 ? 11.355  0.866   -13.821 1.00 33.21 ? 223 ALA B O   1 
ATOM   718  C  CB  . ALA B 1 18 ? 9.797   -1.379  -15.715 1.00 33.10 ? 223 ALA B CB  1 
ATOM   719  N  N   . LEU B 1 19 ? 10.498  -0.916  -12.677 1.00 32.03 ? 224 LEU B N   1 
ATOM   720  C  CA  . LEU B 1 19 ? 10.291  -0.230  -11.370 1.00 31.98 ? 224 LEU B CA  1 
ATOM   721  C  C   . LEU B 1 19 ? 11.649  0.073   -10.722 1.00 32.21 ? 224 LEU B C   1 
ATOM   722  O  O   . LEU B 1 19 ? 11.818  1.199   -10.209 1.00 31.78 ? 224 LEU B O   1 
ATOM   723  C  CB  . LEU B 1 19 ? 9.427   -1.116  -10.466 1.00 31.64 ? 224 LEU B CB  1 
ATOM   724  C  CG  . LEU B 1 19 ? 7.966   -1.257  -10.897 1.00 31.34 ? 224 LEU B CG  1 
ATOM   725  C  CD1 . LEU B 1 19 ? 7.273   -2.365  -10.120 1.00 31.38 ? 224 LEU B CD1 1 
ATOM   726  C  CD2 . LEU B 1 19 ? 7.219   0.056   -10.728 1.00 31.53 ? 224 LEU B CD2 1 
ATOM   727  N  N   . LEU B 1 20 ? 12.578  -0.888  -10.757 1.00 32.69 ? 225 LEU B N   1 
ATOM   728  C  CA  . LEU B 1 20 ? 13.947  -0.750  -10.187 1.00 33.24 ? 225 LEU B CA  1 
ATOM   729  C  C   . LEU B 1 20 ? 14.779  0.218   -11.041 1.00 33.48 ? 225 LEU B C   1 
ATOM   730  O  O   . LEU B 1 20 ? 15.783  0.739   -10.517 1.00 34.14 ? 225 LEU B O   1 
ATOM   731  C  CB  . LEU B 1 20 ? 14.609  -2.131  -10.108 1.00 33.16 ? 225 LEU B CB  1 
ATOM   732  C  CG  . LEU B 1 20 ? 14.045  -3.064  -9.036  1.00 33.20 ? 225 LEU B CG  1 
ATOM   733  C  CD1 . LEU B 1 20 ? 14.547  -4.487  -9.231  1.00 32.94 ? 225 LEU B CD1 1 
ATOM   734  C  CD2 . LEU B 1 20 ? 14.377  -2.562  -7.635  1.00 33.23 ? 225 LEU B CD2 1 
ATOM   735  N  N   . GLY B 1 21 ? 14.374  0.446   -12.295 1.00 33.60 ? 226 GLY B N   1 
ATOM   736  C  CA  . GLY B 1 21 ? 15.051  1.346   -13.250 1.00 33.82 ? 226 GLY B CA  1 
ATOM   737  C  C   . GLY B 1 21 ? 14.714  2.811   -13.024 1.00 33.72 ? 226 GLY B C   1 
ATOM   738  O  O   . GLY B 1 21 ? 15.430  3.660   -13.585 1.00 34.01 ? 226 GLY B O   1 
ATOM   739  N  N   . ILE B 1 22 ? 13.665  3.108   -12.247 1.00 33.66 ? 227 ILE B N   1 
ATOM   740  C  CA  . ILE B 1 22 ? 13.228  4.504   -11.932 1.00 33.44 ? 227 ILE B CA  1 
ATOM   741  C  C   . ILE B 1 22 ? 14.281  5.148   -11.031 1.00 33.33 ? 227 ILE B C   1 
ATOM   742  O  O   . ILE B 1 22 ? 14.641  4.576   -10.004 1.00 33.78 ? 227 ILE B O   1 
ATOM   743  C  CB  . ILE B 1 22 ? 11.826  4.521   -11.289 1.00 33.30 ? 227 ILE B CB  1 
ATOM   744  C  CG1 . ILE B 1 22 ? 10.751  4.021   -12.257 1.00 33.49 ? 227 ILE B CG1 1 
ATOM   745  C  CG2 . ILE B 1 22 ? 11.494  5.908   -10.754 1.00 33.12 ? 227 ILE B CG2 1 
ATOM   746  C  CD1 . ILE B 1 22 ? 9.397   3.787   -11.624 1.00 33.56 ? 227 ILE B CD1 1 
ATOM   747  N  N   . PRO B 1 23 ? 14.817  6.340   -11.387 1.00 33.05 ? 228 PRO B N   1 
ATOM   748  C  CA  . PRO B 1 23 ? 15.763  7.049   -10.521 1.00 33.20 ? 228 PRO B CA  1 
ATOM   749  C  C   . PRO B 1 23 ? 15.191  7.315   -9.119  1.00 32.90 ? 228 PRO B C   1 
ATOM   750  O  O   . PRO B 1 23 ? 14.110  7.873   -9.023  1.00 33.25 ? 228 PRO B O   1 
ATOM   751  C  CB  . PRO B 1 23 ? 16.020  8.375   -11.254 1.00 33.19 ? 228 PRO B CB  1 
ATOM   752  C  CG  . PRO B 1 23 ? 15.699  8.071   -12.704 1.00 33.27 ? 228 PRO B CG  1 
ATOM   753  C  CD  . PRO B 1 23 ? 14.578  7.053   -12.653 1.00 33.43 ? 228 PRO B CD  1 
ATOM   754  N  N   . GLY B 1 24 ? 15.917  6.896   -8.079  1.00 32.17 ? 229 GLY B N   1 
ATOM   755  C  CA  . GLY B 1 24 ? 15.530  7.071   -6.666  1.00 32.08 ? 229 GLY B CA  1 
ATOM   756  C  C   . GLY B 1 24 ? 15.139  5.755   -6.013  1.00 31.66 ? 229 GLY B C   1 
ATOM   757  O  O   . GLY B 1 24 ? 15.313  5.644   -4.787  1.00 31.24 ? 229 GLY B O   1 
ATOM   758  N  N   . VAL B 1 25 ? 14.631  4.796   -6.796  1.00 31.68 ? 230 VAL B N   1 
ATOM   759  C  CA  . VAL B 1 25 ? 14.210  3.444   -6.317  1.00 31.72 ? 230 VAL B CA  1 
ATOM   760  C  C   . VAL B 1 25 ? 15.465  2.603   -6.051  1.00 31.95 ? 230 VAL B C   1 
ATOM   761  O  O   . VAL B 1 25 ? 16.272  2.435   -6.987  1.00 32.11 ? 230 VAL B O   1 
ATOM   762  C  CB  . VAL B 1 25 ? 13.272  2.749   -7.324  1.00 31.67 ? 230 VAL B CB  1 
ATOM   763  C  CG1 . VAL B 1 25 ? 12.932  1.328   -6.896  1.00 31.59 ? 230 VAL B CG1 1 
ATOM   764  C  CG2 . VAL B 1 25 ? 12.005  3.554   -7.560  1.00 31.83 ? 230 VAL B CG2 1 
ATOM   765  N  N   . THR B 1 26 ? 15.611  2.097   -4.821  1.00 32.24 ? 231 THR B N   1 
ATOM   766  C  CA  . THR B 1 26 ? 16.758  1.270   -4.359  1.00 32.36 ? 231 THR B CA  1 
ATOM   767  C  C   . THR B 1 26 ? 16.335  -0.196  -4.195  1.00 32.01 ? 231 THR B C   1 
ATOM   768  O  O   . THR B 1 26 ? 17.222  -1.069  -4.292  1.00 32.73 ? 231 THR B O   1 
ATOM   769  C  CB  . THR B 1 26 ? 17.331  1.805   -3.041  1.00 32.93 ? 231 THR B CB  1 
ATOM   770  O  OG1 . THR B 1 26 ? 16.283  1.799   -2.073  1.00 33.64 ? 231 THR B OG1 1 
ATOM   771  C  CG2 . THR B 1 26 ? 17.904  3.200   -3.168  1.00 33.37 ? 231 THR B CG2 1 
ATOM   772  N  N   . GLY B 1 27 ? 15.045  -0.458  -3.950  1.00 31.14 ? 232 GLY B N   1 
ATOM   773  C  CA  . GLY B 1 27 ? 14.538  -1.802  -3.619  1.00 30.39 ? 232 GLY B CA  1 
ATOM   774  C  C   . GLY B 1 27 ? 13.094  -2.015  -4.040  1.00 30.00 ? 232 GLY B C   1 
ATOM   775  O  O   . GLY B 1 27 ? 12.394  -1.027  -4.328  1.00 28.94 ? 232 GLY B O   1 
ATOM   776  N  N   . LEU B 1 28 ? 12.670  -3.278  -4.043  1.00 29.99 ? 233 LEU B N   1 
ATOM   777  C  CA  . LEU B 1 28 ? 11.332  -3.744  -4.489  1.00 30.00 ? 233 LEU B CA  1 
ATOM   778  C  C   . LEU B 1 28 ? 11.063  -5.114  -3.854  1.00 29.20 ? 233 LEU B C   1 
ATOM   779  O  O   . LEU B 1 28 ? 11.916  -6.011  -4.016  1.00 29.52 ? 233 LEU B O   1 
ATOM   780  C  CB  . LEU B 1 28 ? 11.346  -3.806  -6.019  1.00 31.24 ? 233 LEU B CB  1 
ATOM   781  C  CG  . LEU B 1 28 ? 10.154  -4.489  -6.686  1.00 31.83 ? 233 LEU B CG  1 
ATOM   782  C  CD1 . LEU B 1 28 ? 8.847   -3.921  -6.154  1.00 32.58 ? 233 LEU B CD1 1 
ATOM   783  C  CD2 . LEU B 1 28 ? 10.230  -4.363  -8.207  1.00 31.92 ? 233 LEU B CD2 1 
ATOM   784  N  N   . HIS B 1 29 ? 9.946   -5.263  -3.136  1.00 28.04 ? 234 HIS B N   1 
ATOM   785  C  CA  . HIS B 1 29 ? 9.516   -6.546  -2.514  1.00 27.70 ? 234 HIS B CA  1 
ATOM   786  C  C   . HIS B 1 29 ? 7.997   -6.561  -2.306  1.00 27.81 ? 234 HIS B C   1 
ATOM   787  O  O   . HIS B 1 29 ? 7.371   -5.482  -2.368  1.00 26.89 ? 234 HIS B O   1 
ATOM   788  C  CB  . HIS B 1 29 ? 10.287  -6.804  -1.210  1.00 27.15 ? 234 HIS B CB  1 
ATOM   789  C  CG  . HIS B 1 29 ? 10.119  -5.741  -0.174  1.00 26.57 ? 234 HIS B CG  1 
ATOM   790  N  ND1 . HIS B 1 29 ? 10.929  -4.625  -0.127  1.00 26.22 ? 234 HIS B ND1 1 
ATOM   791  C  CD2 . HIS B 1 29 ? 9.253   -5.625  0.856   1.00 26.22 ? 234 HIS B CD2 1 
ATOM   792  C  CE1 . HIS B 1 29 ? 10.566  -3.863  0.883   1.00 25.94 ? 234 HIS B CE1 1 
ATOM   793  N  NE2 . HIS B 1 29 ? 9.540   -4.453  1.504   1.00 25.85 ? 234 HIS B NE2 1 
ATOM   794  N  N   . ASP B 1 30 ? 7.445   -7.756  -2.081  1.00 28.16 ? 235 ASP B N   1 
ATOM   795  C  CA  . ASP B 1 30 ? 5.996   -8.009  -1.858  1.00 29.00 ? 235 ASP B CA  1 
ATOM   796  C  C   . ASP B 1 30 ? 5.205   -7.512  -3.075  1.00 28.48 ? 235 ASP B C   1 
ATOM   797  O  O   . ASP B 1 30 ? 4.161   -6.863  -2.880  1.00 27.90 ? 235 ASP B O   1 
ATOM   798  C  CB  . ASP B 1 30 ? 5.522   -7.366  -0.550  1.00 30.37 ? 235 ASP B CB  1 
ATOM   799  C  CG  . ASP B 1 30 ? 4.220   -7.949  -0.028  1.00 31.58 ? 235 ASP B CG  1 
ATOM   800  O  OD1 . ASP B 1 30 ? 4.115   -9.190  0.002   1.00 32.58 ? 235 ASP B OD1 1 
ATOM   801  O  OD2 . ASP B 1 30 ? 3.318   -7.162  0.333   1.00 32.36 ? 235 ASP B OD2 1 
ATOM   802  N  N   . LEU B 1 31 ? 5.692   -7.814  -4.284  1.00 28.25 ? 236 LEU B N   1 
ATOM   803  C  CA  . LEU B 1 31 ? 5.028   -7.473  -5.569  1.00 28.17 ? 236 LEU B CA  1 
ATOM   804  C  C   . LEU B 1 31 ? 3.866   -8.444  -5.791  1.00 28.43 ? 236 LEU B C   1 
ATOM   805  O  O   . LEU B 1 31 ? 4.111   -9.665  -5.786  1.00 27.81 ? 236 LEU B O   1 
ATOM   806  C  CB  . LEU B 1 31 ? 6.049   -7.563  -6.710  1.00 27.97 ? 236 LEU B CB  1 
ATOM   807  C  CG  . LEU B 1 31 ? 5.515   -7.245  -8.107  1.00 27.86 ? 236 LEU B CG  1 
ATOM   808  C  CD1 . LEU B 1 31 ? 4.986   -5.819  -8.185  1.00 27.83 ? 236 LEU B CD1 1 
ATOM   809  C  CD2 . LEU B 1 31 ? 6.591   -7.472  -9.160  1.00 27.75 ? 236 LEU B CD2 1 
ATOM   810  N  N   . HIS B 1 32 ? 2.653   -7.910  -5.957  1.00 29.34 ? 237 HIS B N   1 
ATOM   811  C  CA  . HIS B 1 32 ? 1.428   -8.667  -6.329  1.00 30.27 ? 237 HIS B CA  1 
ATOM   812  C  C   . HIS B 1 32 ? 0.851   -8.076  -7.615  1.00 30.94 ? 237 HIS B C   1 
ATOM   813  O  O   . HIS B 1 32 ? 0.557   -6.871  -7.623  1.00 30.69 ? 237 HIS B O   1 
ATOM   814  C  CB  . HIS B 1 32 ? 0.391   -8.641  -5.201  1.00 30.92 ? 237 HIS B CB  1 
ATOM   815  C  CG  . HIS B 1 32 ? 0.801   -9.411  -3.991  1.00 31.05 ? 237 HIS B CG  1 
ATOM   816  N  ND1 . HIS B 1 32 ? 0.604   -10.773 -3.882  1.00 31.41 ? 237 HIS B ND1 1 
ATOM   817  C  CD2 . HIS B 1 32 ? 1.403   -9.019  -2.849  1.00 31.13 ? 237 HIS B CD2 1 
ATOM   818  C  CE1 . HIS B 1 32 ? 1.067   -11.187 -2.722  1.00 31.43 ? 237 HIS B CE1 1 
ATOM   819  N  NE2 . HIS B 1 32 ? 1.559   -10.129 -2.068  1.00 31.37 ? 237 HIS B NE2 1 
ATOM   820  N  N   . VAL B 1 33 ? 0.718   -8.900  -8.654  1.00 32.49 ? 238 VAL B N   1 
ATOM   821  C  CA  . VAL B 1 33 ? 0.032   -8.549  -9.930  1.00 33.54 ? 238 VAL B CA  1 
ATOM   822  C  C   . VAL B 1 33 ? -0.987  -9.652  -10.219 1.00 34.42 ? 238 VAL B C   1 
ATOM   823  O  O   . VAL B 1 33 ? -0.576  -10.829 -10.282 1.00 34.36 ? 238 VAL B O   1 
ATOM   824  C  CB  . VAL B 1 33 ? 1.023   -8.385  -11.097 1.00 33.91 ? 238 VAL B CB  1 
ATOM   825  C  CG1 . VAL B 1 33 ? 0.345   -7.795  -12.324 1.00 34.15 ? 238 VAL B CG1 1 
ATOM   826  C  CG2 . VAL B 1 33 ? 2.234   -7.561  -10.696 1.00 34.16 ? 238 VAL B CG2 1 
ATOM   827  N  N   . TRP B 1 34 ? -2.259  -9.281  -10.362 1.00 35.50 ? 239 TRP B N   1 
ATOM   828  C  CA  . TRP B 1 34 ? -3.369  -10.230 -10.630 1.00 36.43 ? 239 TRP B CA  1 
ATOM   829  C  C   . TRP B 1 34 ? -4.422  -9.564  -11.518 1.00 36.93 ? 239 TRP B C   1 
ATOM   830  O  O   . TRP B 1 34 ? -4.490  -8.319  -11.556 1.00 36.34 ? 239 TRP B O   1 
ATOM   831  C  CB  . TRP B 1 34 ? -3.963  -10.755 -9.320  1.00 36.55 ? 239 TRP B CB  1 
ATOM   832  C  CG  . TRP B 1 34 ? -4.805  -9.761  -8.585  1.00 36.94 ? 239 TRP B CG  1 
ATOM   833  C  CD1 . TRP B 1 34 ? -6.166  -9.672  -8.600  1.00 37.39 ? 239 TRP B CD1 1 
ATOM   834  C  CD2 . TRP B 1 34 ? -4.343  -8.712  -7.713  1.00 37.07 ? 239 TRP B CD2 1 
ATOM   835  N  NE1 . TRP B 1 34 ? -6.584  -8.645  -7.795  1.00 37.44 ? 239 TRP B NE1 1 
ATOM   836  C  CE2 . TRP B 1 34 ? -5.489  -8.040  -7.236  1.00 37.14 ? 239 TRP B CE2 1 
ATOM   837  C  CE3 . TRP B 1 34 ? -3.081  -8.281  -7.284  1.00 36.95 ? 239 TRP B CE3 1 
ATOM   838  C  CZ2 . TRP B 1 34 ? -5.406  -6.955  -6.363  1.00 37.38 ? 239 TRP B CZ2 1 
ATOM   839  C  CZ3 . TRP B 1 34 ? -3.001  -7.207  -6.423  1.00 37.10 ? 239 TRP B CZ3 1 
ATOM   840  C  CH2 . TRP B 1 34 ? -4.149  -6.555  -5.968  1.00 37.08 ? 239 TRP B CH2 1 
ATOM   841  N  N   . SER B 1 35 ? -5.188  -10.399 -12.217 1.00 38.23 ? 240 SER B N   1 
ATOM   842  C  CA  . SER B 1 35 ? -6.201  -10.021 -13.231 1.00 38.78 ? 240 SER B CA  1 
ATOM   843  C  C   . SER B 1 35 ? -7.558  -10.569 -12.788 1.00 38.74 ? 240 SER B C   1 
ATOM   844  O  O   . SER B 1 35 ? -7.632  -11.777 -12.477 1.00 39.21 ? 240 SER B O   1 
ATOM   845  C  CB  . SER B 1 35 ? -5.816  -10.549 -14.599 1.00 39.25 ? 240 SER B CB  1 
ATOM   846  O  OG  . SER B 1 35 ? -6.749  -10.139 -15.586 1.00 39.96 ? 240 SER B OG  1 
ATOM   847  N  N   . ILE B 1 36 ? -8.590  -9.722  -12.769 1.00 38.87 ? 241 ILE B N   1 
ATOM   848  C  CA  . ILE B 1 36 ? -10.019 -10.152 -12.696 1.00 38.86 ? 241 ILE B CA  1 
ATOM   849  C  C   . ILE B 1 36 ? -10.462 -10.530 -14.117 1.00 38.91 ? 241 ILE B C   1 
ATOM   850  O  O   . ILE B 1 36 ? -9.786  -10.101 -15.080 1.00 38.70 ? 241 ILE B O   1 
ATOM   851  C  CB  . ILE B 1 36 ? -10.903 -9.072  -12.043 1.00 38.69 ? 241 ILE B CB  1 
ATOM   852  C  CG1 . ILE B 1 36 ? -10.873 -7.746  -12.812 1.00 38.58 ? 241 ILE B CG1 1 
ATOM   853  C  CG2 . ILE B 1 36 ? -10.503 -8.891  -10.585 1.00 38.70 ? 241 ILE B CG2 1 
ATOM   854  C  CD1 . ILE B 1 36 ? -11.890 -6.733  -12.340 1.00 38.57 ? 241 ILE B CD1 1 
ATOM   855  N  N   . THR B 1 37 ? -11.536 -11.313 -14.236 1.00 39.09 ? 242 THR B N   1 
ATOM   856  C  CA  . THR B 1 37 ? -11.938 -12.013 -15.489 1.00 39.55 ? 242 THR B CA  1 
ATOM   857  C  C   . THR B 1 37 ? -12.427 -11.003 -16.538 1.00 39.42 ? 242 THR B C   1 
ATOM   858  O  O   . THR B 1 37 ? -12.457 -11.368 -17.738 1.00 39.42 ? 242 THR B O   1 
ATOM   859  C  CB  . THR B 1 37 ? -12.930 -13.136 -15.164 1.00 40.13 ? 242 THR B CB  1 
ATOM   860  O  OG1 . THR B 1 37 ? -13.862 -12.675 -14.184 1.00 40.06 ? 242 THR B OG1 1 
ATOM   861  C  CG2 . THR B 1 37 ? -12.237 -14.374 -14.639 1.00 40.72 ? 242 THR B CG2 1 
ATOM   862  N  N   . SER B 1 38 ? -12.738 -9.770  -16.126 1.00 39.50 ? 243 SER B N   1 
ATOM   863  C  CA  . SER B 1 38 ? -13.075 -8.644  -17.037 1.00 39.55 ? 243 SER B CA  1 
ATOM   864  C  C   . SER B 1 38 ? -11.821 -8.137  -17.765 1.00 39.14 ? 243 SER B C   1 
ATOM   865  O  O   . SER B 1 38 ? -11.996 -7.333  -18.691 1.00 39.77 ? 243 SER B O   1 
ATOM   866  C  CB  . SER B 1 38 ? -13.778 -7.524  -16.304 1.00 40.12 ? 243 SER B CB  1 
ATOM   867  O  OG  . SER B 1 38 ? -12.917 -6.892  -15.368 1.00 40.33 ? 243 SER B OG  1 
ATOM   868  N  N   . GLY B 1 39 ? -10.618 -8.564  -17.350 1.00 38.53 ? 244 GLY B N   1 
ATOM   869  C  CA  . GLY B 1 39 ? -9.336  -8.234  -18.005 1.00 37.58 ? 244 GLY B CA  1 
ATOM   870  C  C   . GLY B 1 39 ? -8.530  -7.195  -17.240 1.00 36.55 ? 244 GLY B C   1 
ATOM   871  O  O   . GLY B 1 39 ? -7.310  -7.133  -17.468 1.00 36.44 ? 244 GLY B O   1 
ATOM   872  N  N   . LYS B 1 40 ? -9.183  -6.398  -16.386 1.00 35.62 ? 245 LYS B N   1 
ATOM   873  C  CA  . LYS B 1 40 ? -8.564  -5.289  -15.612 1.00 35.34 ? 245 LYS B CA  1 
ATOM   874  C  C   . LYS B 1 40 ? -7.466  -5.855  -14.702 1.00 34.80 ? 245 LYS B C   1 
ATOM   875  O  O   . LYS B 1 40 ? -7.740  -6.824  -13.964 1.00 34.36 ? 245 LYS B O   1 
ATOM   876  C  CB  . LYS B 1 40 ? -9.623  -4.534  -14.801 1.00 35.54 ? 245 LYS B CB  1 
ATOM   877  C  CG  . LYS B 1 40 ? -10.618 -3.732  -15.630 1.00 35.93 ? 245 LYS B CG  1 
ATOM   878  C  CD  . LYS B 1 40 ? -11.596 -2.923  -14.801 1.00 36.28 ? 245 LYS B CD  1 
ATOM   879  N  N   . ILE B 1 41 ? -6.271  -5.256  -14.757 1.00 34.00 ? 246 ILE B N   1 
ATOM   880  C  CA  . ILE B 1 41 ? -5.046  -5.704  -14.032 1.00 33.72 ? 246 ILE B CA  1 
ATOM   881  C  C   . ILE B 1 41 ? -4.815  -4.796  -12.817 1.00 32.90 ? 246 ILE B C   1 
ATOM   882  O  O   . ILE B 1 41 ? -4.870  -3.556  -12.979 1.00 32.50 ? 246 ILE B O   1 
ATOM   883  C  CB  . ILE B 1 41 ? -3.830  -5.702  -14.976 1.00 34.31 ? 246 ILE B CB  1 
ATOM   884  C  CG1 . ILE B 1 41 ? -4.118  -6.446  -16.284 1.00 34.69 ? 246 ILE B CG1 1 
ATOM   885  C  CG2 . ILE B 1 41 ? -2.596  -6.250  -14.269 1.00 34.62 ? 246 ILE B CG2 1 
ATOM   886  C  CD1 . ILE B 1 41 ? -3.053  -6.266  -17.343 1.00 35.28 ? 246 ILE B CD1 1 
ATOM   887  N  N   . SER B 1 42 ? -4.584  -5.406  -11.651 1.00 31.49 ? 247 SER B N   1 
ATOM   888  C  CA  . SER B 1 42 ? -4.304  -4.723  -10.362 1.00 31.09 ? 247 SER B CA  1 
ATOM   889  C  C   . SER B 1 42 ? -2.855  -5.000  -9.950  1.00 30.41 ? 247 SER B C   1 
ATOM   890  O  O   . SER B 1 42 ? -2.300  -6.043  -10.376 1.00 29.92 ? 247 SER B O   1 
ATOM   891  C  CB  . SER B 1 42 ? -5.274  -5.161  -9.296  1.00 31.36 ? 247 SER B CB  1 
ATOM   892  O  OG  . SER B 1 42 ? -6.617  -4.919  -9.700  1.00 31.94 ? 247 SER B OG  1 
ATOM   893  N  N   . LEU B 1 43 ? -2.266  -4.106  -9.150  1.00 29.31 ? 248 LEU B N   1 
ATOM   894  C  CA  . LEU B 1 43 ? -0.867  -4.233  -8.658  1.00 28.79 ? 248 LEU B CA  1 
ATOM   895  C  C   . LEU B 1 43 ? -0.755  -3.650  -7.246  1.00 28.13 ? 248 LEU B C   1 
ATOM   896  O  O   . LEU B 1 43 ? -1.277  -2.548  -7.017  1.00 27.82 ? 248 LEU B O   1 
ATOM   897  C  CB  . LEU B 1 43 ? 0.072   -3.511  -9.629  1.00 28.44 ? 248 LEU B CB  1 
ATOM   898  C  CG  . LEU B 1 43 ? 1.566   -3.637  -9.327  1.00 28.58 ? 248 LEU B CG  1 
ATOM   899  C  CD1 . LEU B 1 43 ? 2.383   -3.631  -10.611 1.00 28.81 ? 248 LEU B CD1 1 
ATOM   900  C  CD2 . LEU B 1 43 ? 2.034   -2.538  -8.382  1.00 28.64 ? 248 LEU B CD2 1 
ATOM   901  N  N   . THR B 1 44 ? -0.099  -4.377  -6.339  1.00 27.60 ? 249 THR B N   1 
ATOM   902  C  CA  . THR B 1 44 ? 0.401   -3.855  -5.042  1.00 27.78 ? 249 THR B CA  1 
ATOM   903  C  C   . THR B 1 44 ? 1.889   -4.199  -4.932  1.00 27.84 ? 249 THR B C   1 
ATOM   904  O  O   . THR B 1 44 ? 2.297   -5.241  -5.481  1.00 27.51 ? 249 THR B O   1 
ATOM   905  C  CB  . THR B 1 44 ? -0.411  -4.390  -3.854  1.00 27.95 ? 249 THR B CB  1 
ATOM   906  O  OG1 . THR B 1 44 ? -0.017  -5.739  -3.596  1.00 27.79 ? 249 THR B OG1 1 
ATOM   907  C  CG2 . THR B 1 44 ? -1.905  -4.324  -4.087  1.00 27.90 ? 249 THR B CG2 1 
ATOM   908  N  N   . SER B 1 45 ? 2.664   -3.345  -4.264  1.00 28.06 ? 250 SER B N   1 
ATOM   909  C  CA  . SER B 1 45 ? 4.126   -3.520  -4.070  1.00 28.11 ? 250 SER B CA  1 
ATOM   910  C  C   . SER B 1 45 ? 4.640   -2.580  -2.977  1.00 28.24 ? 250 SER B C   1 
ATOM   911  O  O   . SER B 1 45 ? 4.056   -1.494  -2.798  1.00 27.63 ? 250 SER B O   1 
ATOM   912  C  CB  . SER B 1 45 ? 4.862   -3.297  -5.362  1.00 28.31 ? 250 SER B CB  1 
ATOM   913  O  OG  . SER B 1 45 ? 6.249   -3.526  -5.193  1.00 28.75 ? 250 SER B OG  1 
ATOM   914  N  N   . HIS B 1 46 ? 5.689   -3.007  -2.269  1.00 28.49 ? 251 HIS B N   1 
ATOM   915  C  CA  . HIS B 1 46 ? 6.552   -2.147  -1.421  1.00 28.88 ? 251 HIS B CA  1 
ATOM   916  C  C   . HIS B 1 46 ? 7.697   -1.628  -2.295  1.00 29.14 ? 251 HIS B C   1 
ATOM   917  O  O   . HIS B 1 46 ? 8.298   -2.449  -3.023  1.00 28.63 ? 251 HIS B O   1 
ATOM   918  C  CB  . HIS B 1 46 ? 7.069   -2.919  -0.198  1.00 29.20 ? 251 HIS B CB  1 
ATOM   919  C  CG  . HIS B 1 46 ? 6.014   -3.314  0.780   1.00 29.61 ? 251 HIS B CG  1 
ATOM   920  N  ND1 . HIS B 1 46 ? 6.257   -3.369  2.139   1.00 29.85 ? 251 HIS B ND1 1 
ATOM   921  C  CD2 . HIS B 1 46 ? 4.723   -3.677  0.612   1.00 29.87 ? 251 HIS B CD2 1 
ATOM   922  C  CE1 . HIS B 1 46 ? 5.164   -3.755  2.764   1.00 29.99 ? 251 HIS B CE1 1 
ATOM   923  N  NE2 . HIS B 1 46 ? 4.208   -3.952  1.849   1.00 29.67 ? 251 HIS B NE2 1 
ATOM   924  N  N   . LEU B 1 47 ? 7.962   -0.319  -2.250  1.00 29.28 ? 252 LEU B N   1 
ATOM   925  C  CA  . LEU B 1 47 ? 9.067   0.338   -2.996  1.00 29.77 ? 252 LEU B CA  1 
ATOM   926  C  C   . LEU B 1 47 ? 9.998   1.027   -1.997  1.00 30.05 ? 252 LEU B C   1 
ATOM   927  O  O   . LEU B 1 47 ? 9.523   1.926   -1.275  1.00 29.70 ? 252 LEU B O   1 
ATOM   928  C  CB  . LEU B 1 47 ? 8.484   1.346   -3.991  1.00 30.35 ? 252 LEU B CB  1 
ATOM   929  C  CG  . LEU B 1 47 ? 8.055   0.769   -5.340  1.00 30.34 ? 252 LEU B CG  1 
ATOM   930  C  CD1 . LEU B 1 47 ? 7.344   1.822   -6.176  1.00 30.47 ? 252 LEU B CD1 1 
ATOM   931  C  CD2 . LEU B 1 47 ? 9.247   0.201   -6.094  1.00 30.42 ? 252 LEU B CD2 1 
ATOM   932  N  N   . VAL B 1 48 ? 11.264  0.605   -1.955  1.00 30.47 ? 253 VAL B N   1 
ATOM   933  C  CA  . VAL B 1 48 ? 12.334  1.261   -1.149  1.00 31.13 ? 253 VAL B CA  1 
ATOM   934  C  C   . VAL B 1 48 ? 12.982  2.325   -2.040  1.00 31.52 ? 253 VAL B C   1 
ATOM   935  O  O   . VAL B 1 48 ? 13.361  1.985   -3.179  1.00 31.20 ? 253 VAL B O   1 
ATOM   936  C  CB  . VAL B 1 48 ? 13.366  0.249   -0.613  1.00 31.41 ? 253 VAL B CB  1 
ATOM   937  C  CG1 . VAL B 1 48 ? 14.255  0.872   0.457   1.00 31.41 ? 253 VAL B CG1 1 
ATOM   938  C  CG2 . VAL B 1 48 ? 12.700  -1.008  -0.078  1.00 31.43 ? 253 VAL B CG2 1 
ATOM   939  N  N   . TYR B 1 49 ? 13.067  3.566   -1.550  1.00 31.91 ? 254 TYR B N   1 
ATOM   940  C  CA  . TYR B 1 49 ? 13.615  4.731   -2.291  1.00 32.45 ? 254 TYR B CA  1 
ATOM   941  C  C   . TYR B 1 49 ? 14.607  5.489   -1.402  1.00 33.48 ? 254 TYR B C   1 
ATOM   942  O  O   . TYR B 1 49 ? 14.532  5.358   -0.161  1.00 33.87 ? 254 TYR B O   1 
ATOM   943  C  CB  . TYR B 1 49 ? 12.477  5.631   -2.783  1.00 31.94 ? 254 TYR B CB  1 
ATOM   944  C  CG  . TYR B 1 49 ? 11.831  6.490   -1.726  1.00 31.85 ? 254 TYR B CG  1 
ATOM   945  C  CD1 . TYR B 1 49 ? 10.844  5.986   -0.893  1.00 31.61 ? 254 TYR B CD1 1 
ATOM   946  C  CD2 . TYR B 1 49 ? 12.199  7.818   -1.566  1.00 32.06 ? 254 TYR B CD2 1 
ATOM   947  C  CE1 . TYR B 1 49 ? 10.247  6.773   0.079   1.00 31.47 ? 254 TYR B CE1 1 
ATOM   948  C  CE2 . TYR B 1 49 ? 11.607  8.620   -0.603  1.00 31.60 ? 254 TYR B CE2 1 
ATOM   949  C  CZ  . TYR B 1 49 ? 10.629  8.097   0.223   1.00 31.61 ? 254 TYR B CZ  1 
ATOM   950  O  OH  . TYR B 1 49 ? 10.050  8.885   1.175   1.00 31.12 ? 254 TYR B OH  1 
ATOM   951  N  N   . ASP B 1 50 ? 15.510  6.249   -2.030  1.00 34.55 ? 255 ASP B N   1 
ATOM   952  C  CA  . ASP B 1 50 ? 16.477  7.157   -1.358  1.00 35.42 ? 255 ASP B CA  1 
ATOM   953  C  C   . ASP B 1 50 ? 15.836  8.539   -1.250  1.00 35.99 ? 255 ASP B C   1 
ATOM   954  O  O   . ASP B 1 50 ? 15.627  9.202   -2.263  1.00 35.83 ? 255 ASP B O   1 
ATOM   955  C  CB  . ASP B 1 50 ? 17.810  7.198   -2.111  1.00 36.09 ? 255 ASP B CB  1 
ATOM   956  C  CG  . ASP B 1 50 ? 18.959  7.797   -1.314  1.00 36.72 ? 255 ASP B CG  1 
ATOM   957  O  OD1 . ASP B 1 50 ? 18.691  8.622   -0.417  1.00 36.82 ? 255 ASP B OD1 1 
ATOM   958  O  OD2 . ASP B 1 50 ? 20.119  7.433   -1.598  1.00 37.39 ? 255 ASP B OD2 1 
ATOM   959  N  N   . PRO B 1 51 ? 15.501  9.017   -0.027  1.00 36.91 ? 256 PRO B N   1 
ATOM   960  C  CA  . PRO B 1 51 ? 14.804  10.295  0.134   1.00 36.97 ? 256 PRO B CA  1 
ATOM   961  C  C   . PRO B 1 51 ? 15.672  11.511  -0.229  1.00 36.98 ? 256 PRO B C   1 
ATOM   962  O  O   . PRO B 1 51 ? 15.115  12.562  -0.487  1.00 36.56 ? 256 PRO B O   1 
ATOM   963  C  CB  . PRO B 1 51 ? 14.417  10.318  1.622   1.00 36.99 ? 256 PRO B CB  1 
ATOM   964  C  CG  . PRO B 1 51 ? 15.434  9.417   2.294   1.00 37.18 ? 256 PRO B CG  1 
ATOM   965  C  CD  . PRO B 1 51 ? 15.781  8.363   1.261   1.00 37.23 ? 256 PRO B CD  1 
ATOM   966  N  N   . ALA B 1 52 ? 16.998  11.339  -0.241  1.00 37.47 ? 257 ALA B N   1 
ATOM   967  C  CA  . ALA B 1 52 ? 17.987  12.360  -0.657  1.00 37.36 ? 257 ALA B CA  1 
ATOM   968  C  C   . ALA B 1 52 ? 17.923  12.565  -2.176  1.00 37.69 ? 257 ALA B C   1 
ATOM   969  O  O   . ALA B 1 52 ? 18.246  13.679  -2.631  1.00 38.11 ? 257 ALA B O   1 
ATOM   970  C  CB  . ALA B 1 52 ? 19.371  11.944  -0.219  1.00 37.25 ? 257 ALA B CB  1 
ATOM   971  N  N   . LEU B 1 53 ? 17.528  11.529  -2.927  1.00 37.66 ? 258 LEU B N   1 
ATOM   972  C  CA  . LEU B 1 53 ? 17.542  11.516  -4.416  1.00 37.49 ? 258 LEU B CA  1 
ATOM   973  C  C   . LEU B 1 53 ? 16.176  11.942  -4.972  1.00 37.30 ? 258 LEU B C   1 
ATOM   974  O  O   . LEU B 1 53 ? 16.170  12.712  -5.951  1.00 37.75 ? 258 LEU B O   1 
ATOM   975  C  CB  . LEU B 1 53 ? 17.926  10.116  -4.907  1.00 37.82 ? 258 LEU B CB  1 
ATOM   976  C  CG  . LEU B 1 53 ? 19.336  9.650   -4.541  1.00 38.29 ? 258 LEU B CG  1 
ATOM   977  C  CD1 . LEU B 1 53 ? 19.613  8.262   -5.101  1.00 38.28 ? 258 LEU B CD1 1 
ATOM   978  C  CD2 . LEU B 1 53 ? 20.386  10.638  -5.029  1.00 38.60 ? 258 LEU B CD2 1 
ATOM   979  N  N   . VAL B 1 54 ? 15.073  11.461  -4.386  1.00 36.32 ? 259 VAL B N   1 
ATOM   980  C  CA  . VAL B 1 54 ? 13.694  11.679  -4.919  1.00 35.95 ? 259 VAL B CA  1 
ATOM   981  C  C   . VAL B 1 54 ? 12.709  11.937  -3.769  1.00 35.78 ? 259 VAL B C   1 
ATOM   982  O  O   . VAL B 1 54 ? 12.883  11.347  -2.680  1.00 35.24 ? 259 VAL B O   1 
ATOM   983  C  CB  . VAL B 1 54 ? 13.241  10.488  -5.790  1.00 35.61 ? 259 VAL B CB  1 
ATOM   984  C  CG1 . VAL B 1 54 ? 12.966  9.242   -4.961  1.00 35.27 ? 259 VAL B CG1 1 
ATOM   985  C  CG2 . VAL B 1 54 ? 12.029  10.839  -6.642  1.00 35.43 ? 259 VAL B CG2 1 
ATOM   986  N  N   . ASP B 1 55 ? 11.707  12.784  -4.025  1.00 35.73 ? 260 ASP B N   1 
ATOM   987  C  CA  . ASP B 1 55 ? 10.558  13.060  -3.122  1.00 36.21 ? 260 ASP B CA  1 
ATOM   988  C  C   . ASP B 1 55 ? 9.527   11.935  -3.284  1.00 35.31 ? 260 ASP B C   1 
ATOM   989  O  O   . ASP B 1 55 ? 9.341   11.464  -4.422  1.00 34.82 ? 260 ASP B O   1 
ATOM   990  C  CB  . ASP B 1 55 ? 9.949   14.433  -3.421  1.00 37.26 ? 260 ASP B CB  1 
ATOM   991  C  CG  . ASP B 1 55 ? 8.783   14.806  -2.522  1.00 38.40 ? 260 ASP B CG  1 
ATOM   992  O  OD1 . ASP B 1 55 ? 8.938   14.705  -1.289  1.00 39.80 ? 260 ASP B OD1 1 
ATOM   993  O  OD2 . ASP B 1 55 ? 7.727   15.190  -3.063  1.00 40.19 ? 260 ASP B OD2 1 
ATOM   994  N  N   . ALA B 1 56 ? 8.885   11.530  -2.182  1.00 34.71 ? 261 ALA B N   1 
ATOM   995  C  CA  . ALA B 1 56 ? 7.907   10.418  -2.115  1.00 34.76 ? 261 ALA B CA  1 
ATOM   996  C  C   . ALA B 1 56 ? 6.748   10.676  -3.086  1.00 34.58 ? 261 ALA B C   1 
ATOM   997  O  O   . ALA B 1 56 ? 6.485   9.801   -3.933  1.00 34.88 ? 261 ALA B O   1 
ATOM   998  C  CB  . ALA B 1 56 ? 7.407   10.256  -0.699  1.00 34.57 ? 261 ALA B CB  1 
ATOM   999  N  N   . GLU B 1 57 ? 6.092   11.834  -2.963  1.00 34.39 ? 262 GLU B N   1 
ATOM   1000 C  CA  . GLU B 1 57 ? 4.908   12.228  -3.777  1.00 34.44 ? 262 GLU B CA  1 
ATOM   1001 C  C   . GLU B 1 57 ? 5.287   12.233  -5.263  1.00 34.37 ? 262 GLU B C   1 
ATOM   1002 O  O   . GLU B 1 57 ? 4.486   11.729  -6.073  1.00 33.83 ? 262 GLU B O   1 
ATOM   1003 C  CB  . GLU B 1 57 ? 4.379   13.595  -3.335  1.00 34.50 ? 262 GLU B CB  1 
ATOM   1004 N  N   . ALA B 1 58 ? 6.465   12.772  -5.601  1.00 34.08 ? 263 ALA B N   1 
ATOM   1005 C  CA  . ALA B 1 58 ? 7.011   12.835  -6.979  1.00 33.53 ? 263 ALA B CA  1 
ATOM   1006 C  C   . ALA B 1 58 ? 7.215   11.416  -7.526  1.00 33.13 ? 263 ALA B C   1 
ATOM   1007 O  O   . ALA B 1 58 ? 6.767   11.152  -8.660  1.00 33.12 ? 263 ALA B O   1 
ATOM   1008 C  CB  . ALA B 1 58 ? 8.301   13.618  -6.992  1.00 34.12 ? 263 ALA B CB  1 
ATOM   1009 N  N   . LEU B 1 59 ? 7.864   10.543  -6.748  1.00 32.83 ? 264 LEU B N   1 
ATOM   1010 C  CA  . LEU B 1 59 ? 8.152   9.133   -7.131  1.00 32.58 ? 264 LEU B CA  1 
ATOM   1011 C  C   . LEU B 1 59 ? 6.834   8.382   -7.358  1.00 32.54 ? 264 LEU B C   1 
ATOM   1012 O  O   . LEU B 1 59 ? 6.738   7.645   -8.359  1.00 32.88 ? 264 LEU B O   1 
ATOM   1013 C  CB  . LEU B 1 59 ? 8.995   8.466   -6.038  1.00 32.34 ? 264 LEU B CB  1 
ATOM   1014 C  CG  . LEU B 1 59 ? 9.281   6.976   -6.238  1.00 32.32 ? 264 LEU B CG  1 
ATOM   1015 C  CD1 . LEU B 1 59 ? 9.894   6.712   -7.604  1.00 32.26 ? 264 LEU B CD1 1 
ATOM   1016 C  CD2 . LEU B 1 59 ? 10.187  6.447   -5.139  1.00 32.50 ? 264 LEU B CD2 1 
ATOM   1017 N  N   . LEU B 1 60 ? 5.860   8.568   -6.462  1.00 32.68 ? 265 LEU B N   1 
ATOM   1018 C  CA  . LEU B 1 60 ? 4.509   7.948   -6.545  1.00 32.61 ? 265 LEU B CA  1 
ATOM   1019 C  C   . LEU B 1 60 ? 3.864   8.328   -7.884  1.00 32.52 ? 265 LEU B C   1 
ATOM   1020 O  O   . LEU B 1 60 ? 3.310   7.430   -8.541  1.00 32.11 ? 265 LEU B O   1 
ATOM   1021 C  CB  . LEU B 1 60 ? 3.658   8.421   -5.362  1.00 32.88 ? 265 LEU B CB  1 
ATOM   1022 C  CG  . LEU B 1 60 ? 2.301   7.736   -5.203  1.00 33.12 ? 265 LEU B CG  1 
ATOM   1023 C  CD1 . LEU B 1 60 ? 2.462   6.235   -5.000  1.00 32.72 ? 265 LEU B CD1 1 
ATOM   1024 C  CD2 . LEU B 1 60 ? 1.523   8.346   -4.047  1.00 33.42 ? 265 LEU B CD2 1 
ATOM   1025 N  N   . GLY B 1 61 ? 3.954   9.606   -8.270  1.00 31.96 ? 266 GLY B N   1 
ATOM   1026 C  CA  . GLY B 1 61 ? 3.450   10.134  -9.553  1.00 31.71 ? 266 GLY B CA  1 
ATOM   1027 C  C   . GLY B 1 61 ? 4.115   9.463   -10.743 1.00 31.56 ? 266 GLY B C   1 
ATOM   1028 O  O   . GLY B 1 61 ? 3.397   9.125   -11.698 1.00 32.00 ? 266 GLY B O   1 
ATOM   1029 N  N   . THR B 1 62 ? 5.438   9.275   -10.683 1.00 31.51 ? 267 THR B N   1 
ATOM   1030 C  CA  . THR B 1 62 ? 6.271   8.660   -11.755 1.00 31.32 ? 267 THR B CA  1 
ATOM   1031 C  C   . THR B 1 62 ? 5.897   7.180   -11.921 1.00 30.31 ? 267 THR B C   1 
ATOM   1032 O  O   . THR B 1 62 ? 5.812   6.723   -13.079 1.00 30.25 ? 267 THR B O   1 
ATOM   1033 C  CB  . THR B 1 62 ? 7.768   8.824   -11.460 1.00 31.88 ? 267 THR B CB  1 
ATOM   1034 O  OG1 . THR B 1 62 ? 8.031   10.206  -11.220 1.00 32.62 ? 267 THR B OG1 1 
ATOM   1035 C  CG2 . THR B 1 62 ? 8.645   8.330   -12.590 1.00 31.80 ? 267 THR B CG2 1 
ATOM   1036 N  N   . VAL B 1 63 ? 5.682   6.462   -10.814 1.00 29.33 ? 268 VAL B N   1 
ATOM   1037 C  CA  . VAL B 1 63 ? 5.357   5.003   -10.816 1.00 28.89 ? 268 VAL B CA  1 
ATOM   1038 C  C   . VAL B 1 63 ? 3.934   4.808   -11.359 1.00 28.72 ? 268 VAL B C   1 
ATOM   1039 O  O   . VAL B 1 63 ? 3.745   3.898   -12.180 1.00 28.63 ? 268 VAL B O   1 
ATOM   1040 C  CB  . VAL B 1 63 ? 5.526   4.367   -9.421  1.00 28.46 ? 268 VAL B CB  1 
ATOM   1041 C  CG1 . VAL B 1 63 ? 5.093   2.908   -9.415  1.00 28.21 ? 268 VAL B CG1 1 
ATOM   1042 C  CG2 . VAL B 1 63 ? 6.952   4.504   -8.900  1.00 28.29 ? 268 VAL B CG2 1 
ATOM   1043 N  N   . LYS B 1 64 ? 2.974   5.625   -10.913 1.00 29.00 ? 269 LYS B N   1 
ATOM   1044 C  CA  . LYS B 1 64 ? 1.555   5.576   -11.367 1.00 29.81 ? 269 LYS B CA  1 
ATOM   1045 C  C   . LYS B 1 64 ? 1.501   5.783   -12.886 1.00 29.41 ? 269 LYS B C   1 
ATOM   1046 O  O   . LYS B 1 64 ? 0.736   5.062   -13.544 1.00 29.70 ? 269 LYS B O   1 
ATOM   1047 C  CB  . LYS B 1 64 ? 0.708   6.627   -10.641 1.00 30.07 ? 269 LYS B CB  1 
ATOM   1048 C  CG  . LYS B 1 64 ? 0.480   6.367   -9.155  1.00 30.90 ? 269 LYS B CG  1 
ATOM   1049 C  CD  . LYS B 1 64 ? -0.556  5.304   -8.854  1.00 31.47 ? 269 LYS B CD  1 
ATOM   1050 C  CE  . LYS B 1 64 ? -0.701  5.039   -7.369  1.00 31.98 ? 269 LYS B CE  1 
ATOM   1051 N  NZ  . LYS B 1 64 ? -1.610  3.901   -7.079  1.00 32.22 ? 269 LYS B NZ  1 
ATOM   1052 N  N   . ALA B 1 65 ? 2.287   6.727   -13.413 1.00 29.22 ? 270 ALA B N   1 
ATOM   1053 C  CA  . ALA B 1 65 ? 2.387   7.048   -14.858 1.00 29.27 ? 270 ALA B CA  1 
ATOM   1054 C  C   . ALA B 1 65 ? 2.885   5.820   -15.631 1.00 29.44 ? 270 ALA B C   1 
ATOM   1055 O  O   . ALA B 1 65 ? 2.258   5.473   -16.647 1.00 29.32 ? 270 ALA B O   1 
ATOM   1056 C  CB  . ALA B 1 65 ? 3.294   8.236   -15.070 1.00 29.27 ? 270 ALA B CB  1 
ATOM   1057 N  N   . LEU B 1 66 ? 3.965   5.186   -15.161 1.00 29.27 ? 271 LEU B N   1 
ATOM   1058 C  CA  . LEU B 1 66 ? 4.551   3.961   -15.777 1.00 29.68 ? 271 LEU B CA  1 
ATOM   1059 C  C   . LEU B 1 66 ? 3.496   2.849   -15.805 1.00 29.62 ? 271 LEU B C   1 
ATOM   1060 O  O   . LEU B 1 66 ? 3.262   2.279   -16.893 1.00 29.47 ? 271 LEU B O   1 
ATOM   1061 C  CB  . LEU B 1 66 ? 5.783   3.536   -14.974 1.00 29.75 ? 271 LEU B CB  1 
ATOM   1062 C  CG  . LEU B 1 66 ? 6.428   2.210   -15.373 1.00 30.21 ? 271 LEU B CG  1 
ATOM   1063 C  CD1 . LEU B 1 66 ? 6.965   2.269   -16.795 1.00 30.14 ? 271 LEU B CD1 1 
ATOM   1064 C  CD2 . LEU B 1 66 ? 7.541   1.854   -14.394 1.00 30.59 ? 271 LEU B CD2 1 
ATOM   1065 N  N   . LEU B 1 67 ? 2.882   2.559   -14.656 1.00 29.34 ? 272 LEU B N   1 
ATOM   1066 C  CA  . LEU B 1 67 ? 1.908   1.446   -14.487 1.00 29.89 ? 272 LEU B CA  1 
ATOM   1067 C  C   . LEU B 1 67 ? 0.665   1.705   -15.348 1.00 29.97 ? 272 LEU B C   1 
ATOM   1068 O  O   . LEU B 1 67 ? 0.130   0.736   -15.912 1.00 30.03 ? 272 LEU B O   1 
ATOM   1069 C  CB  . LEU B 1 67 ? 1.543   1.308   -13.004 1.00 29.86 ? 272 LEU B CB  1 
ATOM   1070 C  CG  . LEU B 1 67 ? 2.676   0.855   -12.081 1.00 29.77 ? 272 LEU B CG  1 
ATOM   1071 C  CD1 . LEU B 1 67 ? 2.182   0.724   -10.649 1.00 30.03 ? 272 LEU B CD1 1 
ATOM   1072 C  CD2 . LEU B 1 67 ? 3.295   -0.452  -12.556 1.00 29.75 ? 272 LEU B CD2 1 
ATOM   1073 N  N   . HIS B 1 68 ? 0.224   2.960   -15.453 1.00 30.48 ? 273 HIS B N   1 
ATOM   1074 C  CA  . HIS B 1 68 ? -0.975  3.363   -16.238 1.00 31.12 ? 273 HIS B CA  1 
ATOM   1075 C  C   . HIS B 1 68 ? -0.661  3.342   -17.739 1.00 31.71 ? 273 HIS B C   1 
ATOM   1076 O  O   . HIS B 1 68 ? -1.416  2.695   -18.486 1.00 31.80 ? 273 HIS B O   1 
ATOM   1077 C  CB  . HIS B 1 68 ? -1.486  4.742   -15.804 1.00 30.99 ? 273 HIS B CB  1 
ATOM   1078 C  CG  . HIS B 1 68 ? -2.689  5.182   -16.566 1.00 31.08 ? 273 HIS B CG  1 
ATOM   1079 N  ND1 . HIS B 1 68 ? -2.601  5.851   -17.772 1.00 31.33 ? 273 HIS B ND1 1 
ATOM   1080 C  CD2 . HIS B 1 68 ? -4.005  5.021   -16.317 1.00 31.41 ? 273 HIS B CD2 1 
ATOM   1081 C  CE1 . HIS B 1 68 ? -3.814  6.098   -18.224 1.00 31.15 ? 273 HIS B CE1 1 
ATOM   1082 N  NE2 . HIS B 1 68 ? -4.695  5.600   -17.347 1.00 31.36 ? 273 HIS B NE2 1 
ATOM   1083 N  N   . ASP B 1 69 ? 0.399   4.038   -18.160 1.00 32.40 ? 274 ASP B N   1 
ATOM   1084 C  CA  . ASP B 1 69 ? 0.683   4.348   -19.587 1.00 33.00 ? 274 ASP B CA  1 
ATOM   1085 C  C   . ASP B 1 69 ? 1.257   3.118   -20.302 1.00 33.17 ? 274 ASP B C   1 
ATOM   1086 O  O   . ASP B 1 69 ? 0.974   2.973   -21.507 1.00 34.49 ? 274 ASP B O   1 
ATOM   1087 C  CB  . ASP B 1 69 ? 1.611   5.558   -19.724 1.00 33.16 ? 274 ASP B CB  1 
ATOM   1088 C  CG  . ASP B 1 69 ? 1.014   6.864   -19.224 1.00 33.90 ? 274 ASP B CG  1 
ATOM   1089 O  OD1 . ASP B 1 69 ? -0.215  6.909   -19.009 1.00 34.20 ? 274 ASP B OD1 1 
ATOM   1090 O  OD2 . ASP B 1 69 ? 1.785   7.829   -19.056 1.00 35.22 ? 274 ASP B OD2 1 
ATOM   1091 N  N   . ARG B 1 70 ? 2.030   2.273   -19.608 1.00 32.90 ? 275 ARG B N   1 
ATOM   1092 C  CA  . ARG B 1 70 ? 2.656   1.060   -20.204 1.00 32.97 ? 275 ARG B CA  1 
ATOM   1093 C  C   . ARG B 1 70 ? 1.735   -0.154  -20.017 1.00 32.36 ? 275 ARG B C   1 
ATOM   1094 O  O   . ARG B 1 70 ? 1.483   -0.860  -21.016 1.00 32.47 ? 275 ARG B O   1 
ATOM   1095 C  CB  . ARG B 1 70 ? 4.038   0.779   -19.602 1.00 33.34 ? 275 ARG B CB  1 
ATOM   1096 C  CG  . ARG B 1 70 ? 4.769   -0.362  -20.300 1.00 33.57 ? 275 ARG B CG  1 
ATOM   1097 C  CD  . ARG B 1 70 ? 6.177   -0.634  -19.820 1.00 34.07 ? 275 ARG B CD  1 
ATOM   1098 N  NE  . ARG B 1 70 ? 6.611   -1.964  -20.238 1.00 34.44 ? 275 ARG B NE  1 
ATOM   1099 C  CZ  . ARG B 1 70 ? 7.782   -2.523  -19.936 1.00 34.50 ? 275 ARG B CZ  1 
ATOM   1100 N  NH1 . ARG B 1 70 ? 8.675   -1.869  -19.211 1.00 34.57 ? 275 ARG B NH1 1 
ATOM   1101 N  NH2 . ARG B 1 70 ? 8.055   -3.745  -20.362 1.00 34.81 ? 275 ARG B NH2 1 
ATOM   1102 N  N   . TYR B 1 71 ? 1.261   -0.394  -18.791 1.00 31.77 ? 276 TYR B N   1 
ATOM   1103 C  CA  . TYR B 1 71 ? 0.607   -1.665  -18.374 1.00 31.64 ? 276 TYR B CA  1 
ATOM   1104 C  C   . TYR B 1 71 ? -0.919  -1.525  -18.291 1.00 31.75 ? 276 TYR B C   1 
ATOM   1105 O  O   . TYR B 1 71 ? -1.578  -2.562  -18.083 1.00 32.26 ? 276 TYR B O   1 
ATOM   1106 C  CB  . TYR B 1 71 ? 1.214   -2.139  -17.052 1.00 31.27 ? 276 TYR B CB  1 
ATOM   1107 C  CG  . TYR B 1 71 ? 2.640   -2.606  -17.172 1.00 31.02 ? 276 TYR B CG  1 
ATOM   1108 C  CD1 . TYR B 1 71 ? 2.930   -3.856  -17.694 1.00 31.05 ? 276 TYR B CD1 1 
ATOM   1109 C  CD2 . TYR B 1 71 ? 3.699   -1.803  -16.780 1.00 30.87 ? 276 TYR B CD2 1 
ATOM   1110 C  CE1 . TYR B 1 71 ? 4.235   -4.302  -17.819 1.00 31.00 ? 276 TYR B CE1 1 
ATOM   1111 C  CE2 . TYR B 1 71 ? 5.012   -2.232  -16.904 1.00 30.96 ? 276 TYR B CE2 1 
ATOM   1112 C  CZ  . TYR B 1 71 ? 5.278   -3.492  -17.411 1.00 30.93 ? 276 TYR B CZ  1 
ATOM   1113 O  OH  . TYR B 1 71 ? 6.563   -3.933  -17.552 1.00 30.90 ? 276 TYR B OH  1 
ATOM   1114 N  N   . GLU B 1 72 ? -1.459  -0.312  -18.450 1.00 32.11 ? 277 GLU B N   1 
ATOM   1115 C  CA  . GLU B 1 72 ? -2.922  -0.024  -18.448 1.00 32.69 ? 277 GLU B CA  1 
ATOM   1116 C  C   . GLU B 1 72 ? -3.519  -0.366  -17.075 1.00 31.77 ? 277 GLU B C   1 
ATOM   1117 O  O   . GLU B 1 72 ? -4.682  -0.817  -17.038 1.00 31.78 ? 277 GLU B O   1 
ATOM   1118 C  CB  . GLU B 1 72 ? -3.635  -0.801  -19.559 1.00 33.56 ? 277 GLU B CB  1 
ATOM   1119 C  CG  . GLU B 1 72 ? -3.028  -0.603  -20.935 1.00 34.55 ? 277 GLU B CG  1 
ATOM   1120 C  CD  . GLU B 1 72 ? -3.835  -1.216  -22.067 1.00 35.42 ? 277 GLU B CD  1 
ATOM   1121 O  OE1 . GLU B 1 72 ? -3.259  -2.003  -22.842 1.00 36.94 ? 277 GLU B OE1 1 
ATOM   1122 O  OE2 . GLU B 1 72 ? -5.037  -0.899  -22.176 1.00 36.35 ? 277 GLU B OE2 1 
ATOM   1123 N  N   . ILE B 1 73 ? -2.760  -0.139  -15.997 1.00 31.20 ? 278 ILE B N   1 
ATOM   1124 C  CA  . ILE B 1 73 ? -3.173  -0.420  -14.589 1.00 30.87 ? 278 ILE B CA  1 
ATOM   1125 C  C   . ILE B 1 73 ? -3.789  0.853   -13.993 1.00 30.95 ? 278 ILE B C   1 
ATOM   1126 O  O   . ILE B 1 73 ? -3.069  1.866   -13.889 1.00 31.20 ? 278 ILE B O   1 
ATOM   1127 C  CB  . ILE B 1 73 ? -1.979  -0.936  -13.759 1.00 30.75 ? 278 ILE B CB  1 
ATOM   1128 C  CG1 . ILE B 1 73 ? -1.435  -2.255  -14.312 1.00 30.48 ? 278 ILE B CG1 1 
ATOM   1129 C  CG2 . ILE B 1 73 ? -2.358  -1.064  -12.294 1.00 30.77 ? 278 ILE B CG2 1 
ATOM   1130 C  CD1 . ILE B 1 73 ? -0.165  -2.741  -13.644 1.00 30.14 ? 278 ILE B CD1 1 
ATOM   1131 N  N   . GLU B 1 74 ? -5.082  0.792   -13.647 1.00 31.00 ? 279 GLU B N   1 
ATOM   1132 C  CA  . GLU B 1 74 ? -5.851  1.871   -12.968 1.00 30.90 ? 279 GLU B CA  1 
ATOM   1133 C  C   . GLU B 1 74 ? -5.810  1.651   -11.451 1.00 30.58 ? 279 GLU B C   1 
ATOM   1134 O  O   . GLU B 1 74 ? -5.769  2.652   -10.709 1.00 31.14 ? 279 GLU B O   1 
ATOM   1135 C  CB  . GLU B 1 74 ? -7.314  1.867   -13.418 1.00 31.04 ? 279 GLU B CB  1 
ATOM   1136 C  CG  . GLU B 1 74 ? -7.512  2.122   -14.899 1.00 31.29 ? 279 GLU B CG  1 
ATOM   1137 C  CD  . GLU B 1 74 ? -7.077  3.493   -15.386 1.00 31.33 ? 279 GLU B CD  1 
ATOM   1138 O  OE1 . GLU B 1 74 ? -6.992  4.430   -14.569 1.00 30.93 ? 279 GLU B OE1 1 
ATOM   1139 O  OE2 . GLU B 1 74 ? -6.826  3.619   -16.591 1.00 31.89 ? 279 GLU B OE2 1 
ATOM   1140 N  N   . HIS B 1 75 ? -5.862  0.387   -11.018 1.00 29.73 ? 280 HIS B N   1 
ATOM   1141 C  CA  . HIS B 1 75 ? -6.031  -0.049  -9.606  1.00 29.08 ? 280 HIS B CA  1 
ATOM   1142 C  C   . HIS B 1 75 ? -4.688  -0.537  -9.046  1.00 28.15 ? 280 HIS B C   1 
ATOM   1143 O  O   . HIS B 1 75 ? -4.308  -1.693  -9.332  1.00 27.81 ? 280 HIS B O   1 
ATOM   1144 C  CB  . HIS B 1 75 ? -7.123  -1.126  -9.549  1.00 29.28 ? 280 HIS B CB  1 
ATOM   1145 C  CG  . HIS B 1 75 ? -7.433  -1.620  -8.177  1.00 29.56 ? 280 HIS B CG  1 
ATOM   1146 N  ND1 . HIS B 1 75 ? -6.950  -2.821  -7.701  1.00 30.14 ? 280 HIS B ND1 1 
ATOM   1147 C  CD2 . HIS B 1 75 ? -8.187  -1.093  -7.190  1.00 29.55 ? 280 HIS B CD2 1 
ATOM   1148 C  CE1 . HIS B 1 75 ? -7.391  -3.013  -6.475  1.00 29.93 ? 280 HIS B CE1 1 
ATOM   1149 N  NE2 . HIS B 1 75 ? -8.150  -1.966  -6.136  1.00 29.39 ? 280 HIS B NE2 1 
ATOM   1150 N  N   . SER B 1 76 ? -3.983  0.318   -8.298  1.00 27.03 ? 281 SER B N   1 
ATOM   1151 C  CA  . SER B 1 76 ? -2.653  0.016   -7.707  1.00 27.04 ? 281 SER B CA  1 
ATOM   1152 C  C   . SER B 1 76 ? -2.527  0.636   -6.311  1.00 26.96 ? 281 SER B C   1 
ATOM   1153 O  O   . SER B 1 76 ? -3.130  1.702   -6.067  1.00 26.97 ? 281 SER B O   1 
ATOM   1154 C  CB  . SER B 1 76 ? -1.525  0.461   -8.610  1.00 26.95 ? 281 SER B CB  1 
ATOM   1155 O  OG  . SER B 1 76 ? -1.485  1.873   -8.723  1.00 26.51 ? 281 SER B OG  1 
ATOM   1156 N  N   . THR B 1 77 ? -1.765  -0.032  -5.438  1.00 26.53 ? 282 THR B N   1 
ATOM   1157 C  CA  . THR B 1 77 ? -1.443  0.401   -4.052  1.00 26.34 ? 282 THR B CA  1 
ATOM   1158 C  C   . THR B 1 77 ? 0.058   0.197   -3.815  1.00 26.35 ? 282 THR B C   1 
ATOM   1159 O  O   . THR B 1 77 ? 0.494   -0.967  -3.802  1.00 25.79 ? 282 THR B O   1 
ATOM   1160 C  CB  . THR B 1 77 ? -2.294  -0.357  -3.026  1.00 26.03 ? 282 THR B CB  1 
ATOM   1161 O  OG1 . THR B 1 77 ? -3.667  -0.102  -3.324  1.00 25.82 ? 282 THR B OG1 1 
ATOM   1162 C  CG2 . THR B 1 77 ? -2.000  0.046   -1.597  1.00 26.07 ? 282 THR B CG2 1 
ATOM   1163 N  N   . LEU B 1 78 ? 0.804   1.290   -3.639  1.00 26.73 ? 283 LEU B N   1 
ATOM   1164 C  CA  . LEU B 1 78 ? 2.286   1.279   -3.517  1.00 26.92 ? 283 LEU B CA  1 
ATOM   1165 C  C   . LEU B 1 78 ? 2.697   1.841   -2.154  1.00 26.91 ? 283 LEU B C   1 
ATOM   1166 O  O   . LEU B 1 78 ? 2.337   2.997   -1.857  1.00 26.92 ? 283 LEU B O   1 
ATOM   1167 C  CB  . LEU B 1 78 ? 2.872   2.107   -4.664  1.00 27.38 ? 283 LEU B CB  1 
ATOM   1168 C  CG  . LEU B 1 78 ? 2.642   1.529   -6.059  1.00 27.57 ? 283 LEU B CG  1 
ATOM   1169 C  CD1 . LEU B 1 78 ? 2.662   2.625   -7.110  1.00 27.80 ? 283 LEU B CD1 1 
ATOM   1170 C  CD2 . LEU B 1 78 ? 3.675   0.460   -6.379  1.00 27.69 ? 283 LEU B CD2 1 
ATOM   1171 N  N   . GLN B 1 79 ? 3.416   1.044   -1.361  1.00 27.09 ? 284 GLN B N   1 
ATOM   1172 C  CA  . GLN B 1 79 ? 3.999   1.463   -0.061  1.00 27.61 ? 284 GLN B CA  1 
ATOM   1173 C  C   . GLN B 1 79 ? 5.441   1.925   -0.297  1.00 28.07 ? 284 GLN B C   1 
ATOM   1174 O  O   . GLN B 1 79 ? 6.307   1.062   -0.538  1.00 27.87 ? 284 GLN B O   1 
ATOM   1175 C  CB  . GLN B 1 79 ? 3.929   0.322   0.955   1.00 27.21 ? 284 GLN B CB  1 
ATOM   1176 C  CG  . GLN B 1 79 ? 4.464   0.703   2.328   1.00 27.12 ? 284 GLN B CG  1 
ATOM   1177 C  CD  . GLN B 1 79 ? 4.159   -0.342  3.373   1.00 26.91 ? 284 GLN B CD  1 
ATOM   1178 O  OE1 . GLN B 1 79 ? 3.004   -0.696  3.606   1.00 26.29 ? 284 GLN B OE1 1 
ATOM   1179 N  NE2 . GLN B 1 79 ? 5.200   -0.834  4.026   1.00 25.79 ? 284 GLN B NE2 1 
ATOM   1180 N  N   . LEU B 1 80 ? 5.672   3.240   -0.237  1.00 29.08 ? 285 LEU B N   1 
ATOM   1181 C  CA  . LEU B 1 80 ? 7.017   3.867   -0.344  1.00 30.25 ? 285 LEU B CA  1 
ATOM   1182 C  C   . LEU B 1 80 ? 7.637   3.927   1.057   1.00 30.95 ? 285 LEU B C   1 
ATOM   1183 O  O   . LEU B 1 80 ? 6.944   4.384   1.986   1.00 30.94 ? 285 LEU B O   1 
ATOM   1184 C  CB  . LEU B 1 80 ? 6.886   5.261   -0.970  1.00 30.27 ? 285 LEU B CB  1 
ATOM   1185 C  CG  . LEU B 1 80 ? 6.833   5.302   -2.499  1.00 30.61 ? 285 LEU B CG  1 
ATOM   1186 C  CD1 . LEU B 1 80 ? 5.792   4.335   -3.045  1.00 30.86 ? 285 LEU B CD1 1 
ATOM   1187 C  CD2 . LEU B 1 80 ? 6.558   6.717   -2.994  1.00 30.78 ? 285 LEU B CD2 1 
ATOM   1188 N  N   . GLU B 1 81 ? 8.883   3.463   1.201   1.00 32.14 ? 286 GLU B N   1 
ATOM   1189 C  CA  . GLU B 1 81 ? 9.615   3.406   2.497   1.00 33.20 ? 286 GLU B CA  1 
ATOM   1190 C  C   . GLU B 1 81 ? 11.108  3.656   2.253   1.00 34.16 ? 286 GLU B C   1 
ATOM   1191 O  O   . GLU B 1 81 ? 11.596  3.327   1.156   1.00 34.23 ? 286 GLU B O   1 
ATOM   1192 C  CB  . GLU B 1 81 ? 9.358   2.070   3.201   1.00 33.07 ? 286 GLU B CB  1 
ATOM   1193 C  CG  . GLU B 1 81 ? 9.577   0.849   2.325   1.00 33.05 ? 286 GLU B CG  1 
ATOM   1194 C  CD  . GLU B 1 81 ? 8.878   -0.415  2.805   1.00 32.66 ? 286 GLU B CD  1 
ATOM   1195 O  OE1 . GLU B 1 81 ? 9.421   -1.513  2.579   1.00 32.65 ? 286 GLU B OE1 1 
ATOM   1196 O  OE2 . GLU B 1 81 ? 7.793   -0.302  3.399   1.00 32.98 ? 286 GLU B OE2 1 
ATOM   1197 N  N   . THR B 1 82 ? 11.794  4.233   3.245   1.00 35.80 ? 287 THR B N   1 
ATOM   1198 C  CA  . THR B 1 82 ? 13.214  4.675   3.161   1.00 37.27 ? 287 THR B CA  1 
ATOM   1199 C  C   . THR B 1 82 ? 14.152  3.508   3.500   1.00 38.56 ? 287 THR B C   1 
ATOM   1200 O  O   . THR B 1 82 ? 15.350  3.606   3.169   1.00 39.80 ? 287 THR B O   1 
ATOM   1201 C  CB  . THR B 1 82 ? 13.459  5.888   4.069   1.00 37.20 ? 287 THR B CB  1 
ATOM   1202 O  OG1 . THR B 1 82 ? 13.041  5.544   5.389   1.00 37.10 ? 287 THR B OG1 1 
ATOM   1203 C  CG2 . THR B 1 82 ? 12.721  7.124   3.602   1.00 37.22 ? 287 THR B CG2 1 
ATOM   1204 N  N   . SER B 1 83 ? 13.627  2.456   4.137   1.00 39.61 ? 288 SER B N   1 
ATOM   1205 C  CA  . SER B 1 83 ? 14.343  1.190   4.444   1.00 40.72 ? 288 SER B CA  1 
ATOM   1206 C  C   . SER B 1 83 ? 13.403  -0.001  4.224   1.00 40.46 ? 288 SER B C   1 
ATOM   1207 O  O   . SER B 1 83 ? 12.186  0.161   4.436   1.00 40.56 ? 288 SER B O   1 
ATOM   1208 C  CB  . SER B 1 83 ? 14.890  1.207   5.848   1.00 41.55 ? 288 SER B CB  1 
ATOM   1209 O  OG  . SER B 1 83 ? 13.858  1.459   6.791   1.00 42.22 ? 288 SER B OG  1 
ATOM   1210 N  N   . ALA B 1 84 ? 13.957  -1.145  3.812   1.00 40.57 ? 289 ALA B N   1 
ATOM   1211 C  CA  . ALA B 1 84 ? 13.218  -2.397  3.526   1.00 40.68 ? 289 ALA B CA  1 
ATOM   1212 C  C   . ALA B 1 84 ? 12.626  -2.963  4.822   1.00 40.50 ? 289 ALA B C   1 
ATOM   1213 O  O   . ALA B 1 84 ? 13.168  -2.670  5.905   1.00 39.82 ? 289 ALA B O   1 
ATOM   1214 C  CB  . ALA B 1 84 ? 14.132  -3.397  2.860   1.00 40.96 ? 289 ALA B CB  1 
ATOM   1215 N  N   . CYS B 1 85 ? 11.547  -3.740  4.698   1.00 40.97 ? 290 CYS B N   1 
ATOM   1216 C  CA  . CYS B 1 85 ? 10.912  -4.505  5.805   1.00 41.53 ? 290 CYS B CA  1 
ATOM   1217 C  C   . CYS B 1 85 ? 11.813  -5.686  6.182   1.00 42.69 ? 290 CYS B C   1 
ATOM   1218 O  O   . CYS B 1 85 ? 12.501  -6.214  5.286   1.00 43.78 ? 290 CYS B O   1 
ATOM   1219 C  CB  . CYS B 1 85 ? 9.529   -5.013  5.411   1.00 40.93 ? 290 CYS B CB  1 
ATOM   1220 S  SG  . CYS B 1 85 ? 8.335   -3.688  5.102   1.00 39.66 ? 290 CYS B SG  1 
ATOM   1221 N  N   . ALA B 1 86 ? 11.810  -6.071  7.461   1.00 44.05 ? 291 ALA B N   1 
ATOM   1222 C  CA  . ALA B 1 86 ? 12.568  -7.224  8.002   1.00 45.23 ? 291 ALA B CA  1 
ATOM   1223 C  C   . ALA B 1 86 ? 11.868  -8.528  7.597   1.00 46.00 ? 291 ALA B C   1 
ATOM   1224 O  O   . ALA B 1 86 ? 10.712  -8.536  7.166   1.00 46.25 ? 291 ALA B O   1 
ATOM   1225 C  CB  . ALA B 1 86 ? 12.693  -7.099  9.502   1.00 45.62 ? 291 ALA B CB  1 
HETATM 1226 ZN ZN  . ZN  C 2 .  ? -9.323  -1.951  -4.607  1.00 29.11 ? 301 ZN  A ZN  1 
HETATM 1227 ZN ZN  . ZN  D 2 .  ? -5.690  6.741   -3.243  1.00 29.11 ? 302 ZN  A ZN  1 
HETATM 1228 ZN ZN  . ZN  E 2 .  ? 4.194   -10.624 13.973  1.00 35.84 ? 303 ZN  A ZN  1 
HETATM 1229 ZN ZN  . ZN  F 2 .  ? 8.307   -3.229  2.817   1.00 31.77 ? 301 ZN  B ZN  1 
HETATM 1230 ZN ZN  . ZN  G 2 .  ? 2.557   -10.388 -0.317  1.00 48.12 ? 302 ZN  B ZN  1 
HETATM 1231 O  O   . HOH H 3 .  ? -5.450  -0.851  -1.335  1.00 24.03 ? 401 HOH A O   1 
HETATM 1232 O  O   . HOH H 3 .  ? -11.919 -2.918  -1.654  1.00 40.62 ? 402 HOH A O   1 
HETATM 1233 O  O   . HOH H 3 .  ? -3.662  -13.457 4.345   1.00 55.07 ? 403 HOH A O   1 
HETATM 1234 O  O   . HOH H 3 .  ? 4.501   21.167  10.419  1.00 35.31 ? 404 HOH A O   1 
HETATM 1235 O  O   . HOH H 3 .  ? 2.090   -5.142  -1.967  1.00 31.18 ? 405 HOH A O   1 
HETATM 1236 O  O   . HOH H 3 .  ? -0.090  -6.518  1.357   1.00 39.07 ? 406 HOH A O   1 
HETATM 1237 O  O   . HOH H 3 .  ? -12.160 8.701   4.197   1.00 28.03 ? 407 HOH A O   1 
HETATM 1238 O  O   . HOH H 3 .  ? -10.231 8.486   -3.241  1.00 34.33 ? 408 HOH A O   1 
HETATM 1239 O  O   . HOH H 3 .  ? -0.367  -11.975 -0.146  1.00 72.31 ? 409 HOH A O   1 
HETATM 1240 O  O   . HOH H 3 .  ? 3.976   -10.844 6.145   1.00 45.60 ? 410 HOH A O   1 
HETATM 1241 O  O   . HOH I 3 .  ? 16.907  3.128   -10.401 1.00 35.08 ? 401 HOH B O   1 
HETATM 1242 O  O   . HOH I 3 .  ? 9.975   -5.141  -21.924 1.00 34.02 ? 402 HOH B O   1 
HETATM 1243 O  O   . HOH I 3 .  ? 13.289  -4.303  -1.635  1.00 33.66 ? 403 HOH B O   1 
HETATM 1244 O  O   . HOH I 3 .  ? -4.842  -1.620  -5.218  1.00 27.98 ? 404 HOH B O   1 
HETATM 1245 O  O   . HOH I 3 .  ? 10.043  10.754  -9.502  1.00 38.72 ? 405 HOH B O   1 
HETATM 1246 O  O   . HOH I 3 .  ? 6.671   -6.516  -18.452 1.00 28.32 ? 406 HOH B O   1 
HETATM 1247 O  O   . HOH I 3 .  ? 0.224   4.349   -23.748 1.00 36.48 ? 407 HOH B O   1 
HETATM 1248 O  O   . HOH I 3 .  ? 17.299  0.248   -8.281  1.00 39.90 ? 408 HOH B O   1 
HETATM 1249 O  O   . HOH I 3 .  ? 7.924   7.905   2.644   1.00 39.65 ? 409 HOH B O   1 
HETATM 1250 O  O   . HOH I 3 .  ? 3.188   5.045   -0.038  1.00 25.86 ? 410 HOH B O   1 
HETATM 1251 O  O   . HOH I 3 .  ? -0.765  -3.112  -21.872 1.00 43.14 ? 411 HOH B O   1 
HETATM 1252 O  O   . HOH I 3 .  ? 14.601  -5.406  -4.989  1.00 32.08 ? 412 HOH B O   1 
HETATM 1253 O  O   . HOH I 3 .  ? 11.176  -3.540  -18.808 1.00 30.23 ? 413 HOH B O   1 
HETATM 1254 O  O   . HOH I 3 .  ? -1.168  -4.940  -19.876 1.00 38.82 ? 414 HOH B O   1 
HETATM 1255 O  O   . HOH I 3 .  ? 8.683   -12.970 -16.230 1.00 38.65 ? 415 HOH B O   1 
HETATM 1256 O  O   . HOH I 3 .  ? 8.480   -9.280  -4.604  1.00 24.41 ? 416 HOH B O   1 
HETATM 1257 O  O   . HOH I 3 .  ? 3.419   -12.330 0.150   1.00 44.54 ? 417 HOH B O   1 
HETATM 1258 O  O   . HOH I 3 .  ? 14.680  0.013   9.636   1.00 40.83 ? 418 HOH B O   1 
HETATM 1259 O  O   . HOH I 3 .  ? -3.009  -12.913 -13.026 1.00 41.55 ? 419 HOH B O   1 
# 
